data_6NNF
#
_entry.id   6NNF
#
_cell.length_a   130.870
_cell.length_b   130.870
_cell.length_c   315.190
_cell.angle_alpha   90.000
_cell.angle_beta   90.000
_cell.angle_gamma   120.000
#
_symmetry.space_group_name_H-M   'P 63'
#
loop_
_entity.id
_entity.type
_entity.pdbx_description
1 polymer 'Envelope glycoprotein gp41'
2 polymer '35O22 scFv heavy chain'
3 polymer '35O22 scFv light chain'
4 polymer 'Envelope glycoprotein gp120'
5 polymer '3H109L Fab heavy chain'
6 polymer '3H109L Fab light chain'
7 polymer 'VRC01 FR3-03 heavy chain'
8 polymer 'VRC01 FR3-03 light chain'
9 branched alpha-D-mannopyranose-(1-3)-alpha-D-mannopyranose-(1-6)-[alpha-D-mannopyranose-(1-3)]beta-D-mannopyranose-(1-4)-2-acetamido-2-deoxy-beta-D-glucopyranose-(1-4)-2-acetamido-2-deoxy-beta-D-glucopyranose
10 branched 2-acetamido-2-deoxy-beta-D-glucopyranose-(1-4)-2-acetamido-2-deoxy-beta-D-glucopyranose
11 branched alpha-D-mannopyranose-(1-3)-[alpha-D-mannopyranose-(1-6)]beta-D-mannopyranose-(1-4)-2-acetamido-2-deoxy-beta-D-glucopyranose-(1-4)-2-acetamido-2-deoxy-beta-D-glucopyranose
12 branched alpha-D-mannopyranose-(1-6)-beta-D-mannopyranose-(1-4)-2-acetamido-2-deoxy-beta-D-glucopyranose-(1-4)-2-acetamido-2-deoxy-beta-D-glucopyranose
13 branched alpha-D-mannopyranose-(1-2)-alpha-D-mannopyranose-(1-2)-alpha-D-mannopyranose-(1-3)-[alpha-D-mannopyranose-(1-2)-alpha-D-mannopyranose-(1-6)-[alpha-D-mannopyranose-(1-3)]alpha-D-mannopyranose-(1-6)]beta-D-mannopyranose-(1-4)-2-acetamido-2-deoxy-beta-D-glucopyranose-(1-4)-2-acetamido-2-deoxy-beta-D-glucopyranose
14 non-polymer 2-acetamido-2-deoxy-beta-D-glucopyranose
#
loop_
_entity_poly.entity_id
_entity_poly.type
_entity_poly.pdbx_seq_one_letter_code
_entity_poly.pdbx_strand_id
1 'polypeptide(L)'
;AVGIGAVFLGFLGAAGSTMGAASMTLTVQARNLLSGIVQQQSNLLRAPEAQQHLLKLTVWGIKQLQARVLAVERYLRDQQ
LLGIWGCSGKLICCTNVPWNSSWSNRNLSEIWDNMTWLQWDKEISNYTQIIYGLLEESQNQQEKNEQDLLALD
;
B
2 'polypeptide(L)'
;QGQLVQSGATTTKPGSSVKISCKTSGYRFNFYHINWIRQTAGRGPEWMGWISPYSGDKNLAPAFQDRVNMTTDTEVPVTS
FTSTGAAYMEIRNLTSDDTGTYFCAKGLLRDGSSTWLPYLWGQGTLLTVSSASTGGGGSGGGGSGGGGSGGGG
;
D
3 'polypeptide(L)'
;SQSVLTQSASVSGSLGQSVTISCTGPNSVCCSHKSISWYQWPPGRAPTLIIYEDNERAPGISPRFSGYKSYWSAYLTISD
LRPEDETTYYCCSYTHNSGCVFGTGTKVSVLGQSGGLVPRGSHHHHHHHH
;
E
4 'polypeptide(L)'
;AENLWVTVYYGVPVWKDAETTLFCASDAKAYETEKHNVWATHACVPTDPNPQEIHLENVTEEFNMWKNNMVEQMHTDIIS
LWDQSLKPCVKLTPLCVTLQCTNVTNAITDDMRGELKNCSFNMTTELRDKKQKVYSLFYRLDVVQINENQGNRSNNSNKE
YRLINCNTSAITQACPKVSFEPIPIHYCAPAGFAILKCKDKKFNGTGPCPSVSTVQCTHGIKPVVSTQLLLNGSLAEEEV
MIRSENITNNAKNILVQFNTPVQINCTRPNNNTRKSIRIGPGQAFYATGDIIGDIRQAHCNVSKATWNETLGKVVKQLRK
HFGNNTIIRFANSSGGDLEVTTHSFNCGGEFFYCNTSGLFNSTWISNTSVQGSNSTGSNDSITLPCRIKQIINMWQRIGQ
AMYAPPIQGVIRCVSNITGLILTRDGGSTNSTTETFRPGGGDMRDNWRSELYKYKVVKIEPLGVAPTRCKRRVVGRRRRR
R
;
G
5 'polypeptide(L)'
;QVQLQESGPGLVKPSETLSLTCTVSGGSISNYYWSWIRQSPGKGLEWIGYISDSESTNYNPSLKSRVIISVDTSKNQLSL
KLNSVTAADSAIYYCARAQQGKRIYGMVSFGEFFYYYYMDVWGKGTTVTVSSASTKGPSVFPLAPSSKSTSGGTAALGCL
VKDYFPEPVTVSWNSGALTSGVHTFPAVLQSSGLYSLSSVVTVPSSSLGTQTYICNVNHKPSNTKVDKKVEPKSCDKGLE
VLFQ
;
H
6 'polypeptide(L)'
;SVTSYVRPLSVALGETASISCGRQALGSRAVQWYQHRPGQAPILLIYNNQDRPSGIPERFSGTPDINFGTRATLTISGVE
AGDEADYYCHMWDSRSGFSWSFGGATRLTVLGQPKAAPSVTLFPPSSEELQANKATLVCLISDFYPGAVTVAWKADSSPV
KAGVETTTPSKQSNNKYAASSYLSLTPMQWKMHKSYSCQVTHEGSTVEKTVAPTECS
;
L
7 'polypeptide(L)'
;QVQLVQSGGQMKKPGESMRISCRASGYEFIDCTLNWIRLAPGKRPEWMGWLKPRGGAVNYARPLQGRVTMTRQLSQDPDD
PDWGTAFLELRSLTVDDTAVYFCTRGKNCDYNWDFEHWGRGTPVIVGGLVPRGSHHHHHHHH
;
U
8 'polypeptide(L)'
;EIVLTQSPGTLSLSPGETAIISCRTSQYGSLAWYQQRPGQAPRLVIYSGSTRAAGIPDRFSGSRWGPDYNLTISNLESGD
FGVYYCQQYEFFGQGTKVQVGGGGSGGGGSGGGGS
;
V
#
# COMPACT_ATOMS: atom_id res chain seq x y z
N ALA A 6 45.07 19.64 -21.53
CA ALA A 6 44.51 18.53 -20.77
C ALA A 6 43.06 18.80 -20.39
N VAL A 7 42.34 17.74 -20.05
CA VAL A 7 40.95 17.83 -19.62
C VAL A 7 40.79 17.07 -18.31
N PHE A 8 40.36 17.79 -17.27
CA PHE A 8 40.20 17.20 -15.94
C PHE A 8 39.02 16.23 -15.97
N LEU A 9 39.32 14.99 -16.39
CA LEU A 9 38.27 13.98 -16.51
C LEU A 9 37.77 13.53 -15.15
N GLY A 10 38.60 13.61 -14.12
CA GLY A 10 38.19 13.26 -12.78
C GLY A 10 38.76 11.92 -12.33
N PHE A 11 38.15 11.41 -11.27
CA PHE A 11 38.58 10.15 -10.67
C PHE A 11 38.13 8.98 -11.56
N LEU A 12 39.10 8.19 -12.03
CA LEU A 12 38.85 7.07 -12.94
C LEU A 12 38.22 7.53 -14.25
N GLY A 13 38.46 8.78 -14.64
CA GLY A 13 37.83 9.31 -15.85
C GLY A 13 38.26 8.59 -17.11
N ALA A 14 39.48 8.05 -17.13
CA ALA A 14 40.01 7.35 -18.29
C ALA A 14 40.00 5.83 -18.11
N ALA A 15 39.00 5.30 -17.40
CA ALA A 15 38.93 3.86 -17.21
C ALA A 15 38.62 3.13 -18.52
N GLY A 16 37.96 3.80 -19.44
CA GLY A 16 37.71 3.26 -20.77
C GLY A 16 38.57 3.85 -21.86
N SER A 17 39.59 4.64 -21.51
CA SER A 17 40.47 5.26 -22.47
C SER A 17 41.75 4.43 -22.64
N THR A 18 42.58 4.87 -23.58
CA THR A 18 43.81 4.15 -23.89
C THR A 18 44.79 4.21 -22.73
N MET A 19 45.66 3.20 -22.64
CA MET A 19 46.67 3.17 -21.59
C MET A 19 47.67 4.31 -21.72
N GLY A 20 47.81 4.90 -22.90
CA GLY A 20 48.68 6.04 -23.05
C GLY A 20 48.05 7.33 -22.57
N ALA A 21 46.73 7.44 -22.64
CA ALA A 21 46.05 8.63 -22.14
C ALA A 21 45.80 8.54 -20.64
N ALA A 22 45.49 7.34 -20.15
CA ALA A 22 45.25 7.17 -18.72
C ALA A 22 46.53 7.21 -17.90
N SER A 23 47.69 7.00 -18.52
CA SER A 23 48.96 7.02 -17.81
C SER A 23 49.45 8.42 -17.50
N MET A 24 48.86 9.46 -18.10
CA MET A 24 49.25 10.83 -17.86
C MET A 24 48.40 11.51 -16.80
N THR A 25 47.47 10.79 -16.18
CA THR A 25 46.62 11.32 -15.12
C THR A 25 46.62 10.33 -13.94
N LEU A 26 47.78 10.20 -13.30
CA LEU A 26 47.95 9.27 -12.20
C LEU A 26 47.77 9.91 -10.83
N THR A 27 48.18 11.17 -10.67
CA THR A 27 48.03 11.86 -9.39
C THR A 27 46.58 12.14 -9.05
N VAL A 28 45.64 11.86 -9.96
CA VAL A 28 44.22 12.03 -9.65
C VAL A 28 43.72 10.87 -8.81
N GLN A 29 44.06 9.64 -9.21
CA GLN A 29 43.72 8.47 -8.40
C GLN A 29 44.73 8.21 -7.29
N ALA A 30 45.85 8.94 -7.27
CA ALA A 30 46.80 8.83 -6.17
C ALA A 30 46.35 9.61 -4.93
N ARG A 31 45.50 10.63 -5.10
CA ARG A 31 44.99 11.38 -3.97
C ARG A 31 43.87 10.62 -3.27
N ASN A 32 42.82 10.28 -4.02
CA ASN A 32 41.61 9.71 -3.45
C ASN A 32 41.75 8.25 -3.06
N LEU A 33 42.95 7.69 -3.09
CA LEU A 33 43.17 6.33 -2.61
C LEU A 33 43.22 6.26 -1.09
N LEU A 34 43.47 7.39 -0.42
CA LEU A 34 43.51 7.46 1.02
C LEU A 34 42.53 8.48 1.59
N SER A 35 41.93 9.33 0.76
CA SER A 35 40.97 10.35 1.16
C SER A 35 41.42 11.12 2.40
N GLY A 36 40.86 10.80 3.57
CA GLY A 36 41.31 11.48 4.75
C GLY A 36 40.51 11.30 6.03
N ILE A 37 40.16 12.42 6.65
CA ILE A 37 39.85 12.47 8.08
C ILE A 37 38.35 12.55 8.33
N VAL A 38 37.66 13.43 7.62
CA VAL A 38 36.23 13.64 7.85
C VAL A 38 35.41 13.05 6.71
N LYS A 56 30.39 6.50 18.69
CA LYS A 56 31.71 5.93 18.90
C LYS A 56 31.60 4.47 19.33
N LEU A 57 30.39 3.90 19.21
CA LEU A 57 30.14 2.56 19.72
C LEU A 57 28.94 1.93 19.03
N THR A 58 28.22 2.72 18.23
CA THR A 58 26.97 2.26 17.63
C THR A 58 27.20 1.30 16.46
N VAL A 59 26.30 1.32 15.48
CA VAL A 59 26.37 0.42 14.34
C VAL A 59 27.42 0.90 13.36
N TRP A 60 27.19 2.07 12.76
CA TRP A 60 28.16 2.60 11.81
C TRP A 60 29.46 2.99 12.49
N GLY A 61 29.41 3.31 13.78
CA GLY A 61 30.60 3.69 14.53
C GLY A 61 31.68 2.62 14.52
N ILE A 62 31.33 1.40 14.92
CA ILE A 62 32.29 0.30 14.85
C ILE A 62 32.59 -0.06 13.39
N LYS A 63 31.59 0.06 12.52
CA LYS A 63 31.75 -0.29 11.11
C LYS A 63 32.54 0.75 10.35
N GLN A 64 32.52 2.01 10.79
CA GLN A 64 33.35 3.04 10.17
C GLN A 64 34.83 2.83 10.53
N LEU A 65 35.11 2.55 11.81
CA LEU A 65 36.49 2.33 12.21
C LEU A 65 37.07 1.09 11.56
N GLN A 66 36.25 0.06 11.33
CA GLN A 66 36.72 -1.11 10.61
C GLN A 66 37.07 -0.77 9.17
N ALA A 67 36.35 0.18 8.56
CA ALA A 67 36.66 0.60 7.21
C ALA A 67 37.84 1.55 7.15
N ARG A 68 38.03 2.38 8.18
CA ARG A 68 39.17 3.28 8.21
C ARG A 68 40.49 2.53 8.35
N VAL A 69 40.49 1.40 9.07
CA VAL A 69 41.70 0.61 9.21
C VAL A 69 42.03 -0.11 7.91
N LEU A 70 41.02 -0.69 7.26
CA LEU A 70 41.24 -1.39 6.00
C LEU A 70 41.76 -0.46 4.93
N ALA A 71 41.41 0.83 4.99
CA ALA A 71 41.88 1.78 3.99
C ALA A 71 43.39 1.94 4.03
N VAL A 72 43.96 2.10 5.23
CA VAL A 72 45.40 2.31 5.35
C VAL A 72 46.18 1.02 5.17
N GLU A 73 45.54 -0.14 5.37
CA GLU A 73 46.25 -1.41 5.18
C GLU A 73 46.48 -1.70 3.71
N ARG A 74 45.43 -1.61 2.89
CA ARG A 74 45.58 -1.80 1.46
C ARG A 74 46.47 -0.74 0.84
N TYR A 75 46.51 0.46 1.43
CA TYR A 75 47.36 1.51 0.90
C TYR A 75 48.82 1.26 1.23
N LEU A 76 49.11 0.84 2.46
CA LEU A 76 50.50 0.58 2.85
C LEU A 76 51.07 -0.64 2.14
N ARG A 77 50.21 -1.59 1.76
CA ARG A 77 50.68 -2.73 0.98
C ARG A 77 51.18 -2.28 -0.38
N ASP A 78 50.49 -1.34 -1.01
CA ASP A 78 50.94 -0.81 -2.29
C ASP A 78 52.14 0.11 -2.15
N GLN A 79 52.35 0.69 -0.97
CA GLN A 79 53.55 1.48 -0.73
C GLN A 79 54.72 0.59 -0.31
N GLN A 80 54.43 -0.47 0.44
CA GLN A 80 55.47 -1.44 0.80
C GLN A 80 55.97 -2.17 -0.43
N LEU A 81 55.06 -2.58 -1.31
CA LEU A 81 55.47 -3.22 -2.56
C LEU A 81 56.26 -2.26 -3.44
N LEU A 82 55.86 -0.99 -3.47
CA LEU A 82 56.62 0.00 -4.24
C LEU A 82 57.97 0.27 -3.63
N GLY A 83 58.09 0.18 -2.29
CA GLY A 83 59.36 0.44 -1.66
C GLY A 83 60.40 -0.64 -1.94
N ILE A 84 59.99 -1.90 -1.86
CA ILE A 84 60.92 -3.01 -2.09
C ILE A 84 61.24 -3.22 -3.57
N TRP A 85 60.66 -2.41 -4.46
CA TRP A 85 60.98 -2.45 -5.88
C TRP A 85 61.88 -1.29 -6.31
N GLY A 86 62.24 -0.40 -5.38
CA GLY A 86 62.93 0.82 -5.74
C GLY A 86 62.06 1.89 -6.35
N CYS A 87 60.74 1.69 -6.35
CA CYS A 87 59.80 2.63 -6.93
C CYS A 87 59.13 3.52 -5.89
N SER A 88 59.61 3.50 -4.65
CA SER A 88 59.02 4.30 -3.58
C SER A 88 59.07 5.78 -3.91
N GLY A 89 57.91 6.37 -4.18
CA GLY A 89 57.80 7.77 -4.58
C GLY A 89 57.52 7.98 -6.04
N LYS A 90 57.57 6.94 -6.86
CA LYS A 90 57.35 7.05 -8.29
C LYS A 90 55.90 6.79 -8.65
N LEU A 91 55.38 7.56 -9.61
CA LEU A 91 54.11 7.24 -10.25
C LEU A 91 54.32 6.41 -11.52
N ILE A 92 55.37 6.72 -12.28
CA ILE A 92 55.86 5.88 -13.36
C ILE A 92 57.28 5.49 -13.02
N CYS A 93 57.54 4.18 -12.96
CA CYS A 93 58.80 3.65 -12.47
C CYS A 93 59.38 2.69 -13.49
N CYS A 94 60.62 2.93 -13.92
CA CYS A 94 61.32 2.05 -14.84
C CYS A 94 62.26 1.14 -14.05
N THR A 95 62.38 -0.10 -14.51
CA THR A 95 63.10 -1.13 -13.77
C THR A 95 64.11 -1.82 -14.69
N ASN A 96 64.59 -2.99 -14.26
CA ASN A 96 65.54 -3.78 -15.02
C ASN A 96 64.96 -5.04 -15.64
N VAL A 97 63.88 -5.57 -15.09
CA VAL A 97 63.29 -6.83 -15.55
C VAL A 97 62.84 -6.67 -17.00
N PRO A 98 63.38 -7.47 -17.93
CA PRO A 98 62.94 -7.36 -19.32
C PRO A 98 61.57 -7.98 -19.52
N TRP A 99 60.87 -7.50 -20.54
CA TRP A 99 59.51 -7.96 -20.82
C TRP A 99 59.57 -9.33 -21.47
N ASN A 100 59.14 -10.34 -20.72
CA ASN A 100 59.08 -11.71 -21.25
C ASN A 100 57.95 -11.80 -22.27
N SER A 101 58.26 -12.38 -23.44
CA SER A 101 57.24 -12.53 -24.48
C SER A 101 56.14 -13.49 -24.08
N SER A 102 56.39 -14.39 -23.12
CA SER A 102 55.35 -15.30 -22.67
C SER A 102 54.27 -14.56 -21.89
N TRP A 103 54.60 -13.44 -21.26
CA TRP A 103 53.61 -12.65 -20.53
C TRP A 103 52.61 -12.03 -21.50
N SER A 104 53.10 -11.32 -22.50
CA SER A 104 52.23 -10.72 -23.52
C SER A 104 53.08 -10.43 -24.74
N ASN A 105 52.94 -11.23 -25.79
CA ASN A 105 53.68 -11.04 -27.03
C ASN A 105 52.92 -10.10 -27.97
N ARG A 106 52.63 -8.91 -27.43
CA ARG A 106 51.95 -7.85 -28.17
C ARG A 106 52.91 -6.71 -28.44
N ASN A 107 52.62 -5.96 -29.51
CA ASN A 107 53.48 -4.84 -29.89
C ASN A 107 53.23 -3.64 -28.97
N LEU A 108 54.20 -2.73 -28.96
CA LEU A 108 54.10 -1.56 -28.09
C LEU A 108 53.03 -0.59 -28.54
N SER A 109 52.75 -0.55 -29.85
CA SER A 109 51.73 0.37 -30.35
C SER A 109 50.32 -0.18 -30.18
N GLU A 110 50.16 -1.50 -30.19
CA GLU A 110 48.86 -2.12 -30.00
C GLU A 110 48.46 -2.22 -28.53
N ILE A 111 49.23 -1.59 -27.63
CA ILE A 111 48.95 -1.62 -26.20
C ILE A 111 48.65 -0.21 -25.70
N TRP A 112 49.62 0.70 -25.83
CA TRP A 112 49.49 2.03 -25.26
C TRP A 112 48.52 2.90 -26.04
N ASP A 113 48.22 2.57 -27.29
CA ASP A 113 47.27 3.33 -28.09
C ASP A 113 46.09 2.47 -28.52
N ASN A 114 45.75 1.47 -27.71
CA ASN A 114 44.64 0.58 -28.04
C ASN A 114 43.88 0.16 -26.79
N MET A 115 44.22 -1.00 -26.25
CA MET A 115 43.50 -1.54 -25.11
C MET A 115 43.68 -0.67 -23.87
N THR A 116 42.70 -0.76 -22.97
CA THR A 116 42.69 0.05 -21.75
C THR A 116 43.39 -0.69 -20.61
N TRP A 117 43.58 0.03 -19.50
CA TRP A 117 44.21 -0.58 -18.34
C TRP A 117 43.35 -1.70 -17.75
N LEU A 118 42.04 -1.65 -17.96
CA LEU A 118 41.18 -2.74 -17.52
C LEU A 118 41.37 -3.98 -18.40
N GLN A 119 41.48 -3.78 -19.71
CA GLN A 119 41.76 -4.91 -20.60
C GLN A 119 43.15 -5.48 -20.36
N TRP A 120 44.09 -4.61 -19.97
CA TRP A 120 45.47 -5.07 -19.75
C TRP A 120 45.58 -5.97 -18.53
N ASP A 121 44.86 -5.65 -17.46
CA ASP A 121 44.99 -6.41 -16.23
C ASP A 121 44.45 -7.82 -16.37
N LYS A 122 43.49 -8.04 -17.27
CA LYS A 122 42.94 -9.38 -17.46
C LYS A 122 43.94 -10.29 -18.18
N GLU A 123 44.69 -9.73 -19.13
CA GLU A 123 45.66 -10.52 -19.89
C GLU A 123 46.91 -10.81 -19.06
N ILE A 124 47.22 -9.96 -18.09
CA ILE A 124 48.41 -10.14 -17.25
C ILE A 124 48.07 -10.72 -15.88
N SER A 125 46.80 -11.02 -15.62
CA SER A 125 46.39 -11.52 -14.32
C SER A 125 47.15 -12.77 -13.91
N ASN A 126 47.52 -13.61 -14.88
CA ASN A 126 48.28 -14.82 -14.57
C ASN A 126 49.70 -14.48 -14.12
N TYR A 127 50.48 -13.89 -15.02
CA TYR A 127 51.90 -13.66 -14.79
C TYR A 127 52.19 -12.52 -13.82
N THR A 128 51.16 -11.89 -13.25
CA THR A 128 51.40 -10.73 -12.40
C THR A 128 52.11 -11.09 -11.11
N GLN A 129 52.05 -12.35 -10.67
CA GLN A 129 52.75 -12.74 -9.45
C GLN A 129 54.22 -13.03 -9.72
N ILE A 130 54.55 -13.57 -10.89
CA ILE A 130 55.95 -13.81 -11.22
C ILE A 130 56.69 -12.48 -11.37
N ILE A 131 56.03 -11.49 -11.97
CA ILE A 131 56.67 -10.18 -12.18
C ILE A 131 56.96 -9.51 -10.84
N TYR A 132 56.07 -9.68 -9.86
CA TYR A 132 56.27 -9.04 -8.56
C TYR A 132 57.49 -9.61 -7.84
N GLY A 133 57.84 -10.87 -8.11
CA GLY A 133 59.05 -11.42 -7.53
C GLY A 133 60.30 -11.03 -8.27
N LEU A 134 60.20 -10.87 -9.59
CA LEU A 134 61.36 -10.42 -10.37
C LEU A 134 61.75 -8.99 -10.04
N LEU A 135 60.78 -8.17 -9.63
CA LEU A 135 61.09 -6.78 -9.29
C LEU A 135 61.77 -6.67 -7.93
N GLU A 136 61.53 -7.64 -7.05
CA GLU A 136 62.09 -7.56 -5.70
C GLU A 136 63.58 -7.86 -5.70
N GLU A 137 63.97 -8.98 -6.31
CA GLU A 137 65.38 -9.34 -6.34
C GLU A 137 66.17 -8.46 -7.29
N SER A 138 65.50 -7.89 -8.30
CA SER A 138 66.16 -6.92 -9.16
C SER A 138 66.52 -5.65 -8.41
N GLN A 139 65.87 -5.38 -7.28
CA GLN A 139 66.21 -4.24 -6.44
C GLN A 139 67.25 -4.61 -5.39
N ASN A 140 67.15 -5.80 -4.81
CA ASN A 140 68.13 -6.24 -3.83
C ASN A 140 69.49 -6.46 -4.49
N GLN A 141 69.49 -6.95 -5.73
CA GLN A 141 70.72 -7.05 -6.52
C GLN A 141 70.95 -5.77 -7.32
N GLN A 142 70.85 -4.65 -6.61
CA GLN A 142 71.10 -3.32 -7.17
C GLN A 142 71.65 -2.44 -6.06
N GLU A 143 71.02 -2.51 -4.89
CA GLU A 143 71.59 -1.87 -3.71
C GLU A 143 72.76 -2.67 -3.16
N LYS A 144 72.78 -3.98 -3.43
CA LYS A 144 73.94 -4.78 -3.07
C LYS A 144 75.12 -4.48 -3.99
N ASN A 145 74.84 -4.27 -5.28
CA ASN A 145 75.88 -3.85 -6.20
C ASN A 145 76.37 -2.44 -5.86
N GLU A 146 75.45 -1.54 -5.54
CA GLU A 146 75.84 -0.20 -5.11
C GLU A 146 76.53 -0.21 -3.76
N GLN A 147 76.23 -1.22 -2.93
CA GLN A 147 76.94 -1.36 -1.66
C GLN A 147 78.43 -1.60 -1.91
N ASP A 148 78.76 -2.40 -2.91
CA ASP A 148 80.16 -2.59 -3.29
C ASP A 148 80.69 -1.40 -4.08
N LEU A 149 79.81 -0.69 -4.79
CA LEU A 149 80.23 0.48 -5.56
C LEU A 149 80.69 1.62 -4.68
N LEU A 150 80.22 1.68 -3.43
CA LEU A 150 80.62 2.71 -2.48
C LEU A 150 81.55 2.17 -1.40
N ALA A 151 82.03 0.93 -1.55
CA ALA A 151 82.97 0.33 -0.63
C ALA A 151 84.42 0.72 -0.92
N LEU A 152 84.63 1.81 -1.65
CA LEU A 152 85.97 2.25 -2.02
C LEU A 152 86.02 3.76 -2.22
N GLN B 1 39.70 -8.18 -33.34
CA GLN B 1 39.61 -9.63 -33.08
C GLN B 1 38.18 -10.11 -33.22
N GLY B 2 37.43 -9.48 -34.13
CA GLY B 2 36.05 -9.86 -34.36
C GLY B 2 35.72 -9.79 -35.84
N GLN B 3 34.51 -10.26 -36.17
CA GLN B 3 34.05 -10.30 -37.54
C GLN B 3 33.29 -9.03 -37.91
N LEU B 4 33.20 -8.78 -39.23
CA LEU B 4 32.46 -7.66 -39.78
C LEU B 4 31.70 -8.15 -41.01
N VAL B 5 30.66 -8.94 -40.77
CA VAL B 5 29.86 -9.49 -41.86
C VAL B 5 29.04 -8.38 -42.50
N GLN B 6 28.83 -8.49 -43.81
CA GLN B 6 28.13 -7.48 -44.59
C GLN B 6 26.83 -8.07 -45.14
N SER B 7 26.27 -7.43 -46.17
CA SER B 7 25.06 -7.89 -46.81
C SER B 7 25.42 -8.84 -47.96
N GLY B 8 24.45 -9.14 -48.81
CA GLY B 8 24.67 -9.99 -49.96
C GLY B 8 25.20 -9.24 -51.16
N ALA B 9 25.11 -9.88 -52.32
CA ALA B 9 25.55 -9.32 -53.59
C ALA B 9 24.31 -8.91 -54.39
N THR B 10 23.77 -7.74 -54.05
CA THR B 10 22.59 -7.22 -54.72
C THR B 10 23.01 -6.43 -55.96
N THR B 11 22.45 -6.78 -57.11
CA THR B 11 22.79 -6.15 -58.38
C THR B 11 21.59 -5.37 -58.89
N THR B 12 21.77 -4.06 -59.05
CA THR B 12 20.73 -3.21 -59.63
C THR B 12 21.24 -2.59 -60.92
N LYS B 13 20.57 -1.54 -61.40
CA LYS B 13 20.91 -0.88 -62.64
C LYS B 13 21.25 0.58 -62.38
N PRO B 14 21.96 1.24 -63.29
CA PRO B 14 22.41 2.62 -63.03
C PRO B 14 21.25 3.55 -62.73
N GLY B 15 21.56 4.62 -62.01
CA GLY B 15 20.60 5.60 -61.58
C GLY B 15 20.00 5.33 -60.22
N SER B 16 19.97 4.08 -59.79
CA SER B 16 19.34 3.69 -58.54
C SER B 16 20.35 3.80 -57.40
N SER B 17 19.95 3.36 -56.20
CA SER B 17 20.81 3.35 -55.03
C SER B 17 20.77 1.97 -54.39
N VAL B 18 21.89 1.59 -53.77
CA VAL B 18 22.05 0.28 -53.16
C VAL B 18 22.45 0.46 -51.70
N LYS B 19 21.82 -0.33 -50.83
CA LYS B 19 22.11 -0.30 -49.40
C LYS B 19 23.02 -1.46 -49.04
N ILE B 20 24.12 -1.15 -48.35
CA ILE B 20 25.09 -2.15 -47.90
C ILE B 20 25.25 -2.02 -46.38
N SER B 21 25.18 -3.14 -45.69
CA SER B 21 25.29 -3.18 -44.23
C SER B 21 26.65 -3.73 -43.82
N CYS B 22 26.90 -3.67 -42.51
CA CYS B 22 28.17 -4.13 -41.96
C CYS B 22 27.95 -4.36 -40.45
N LYS B 23 27.61 -5.59 -40.09
CA LYS B 23 27.30 -5.93 -38.70
C LYS B 23 28.57 -6.41 -38.00
N THR B 24 28.96 -5.71 -36.94
CA THR B 24 30.19 -6.00 -36.23
C THR B 24 29.93 -6.95 -35.06
N SER B 25 31.03 -7.48 -34.50
CA SER B 25 30.99 -8.37 -33.35
C SER B 25 32.41 -8.56 -32.86
N GLY B 26 32.52 -9.04 -31.62
CA GLY B 26 33.80 -9.38 -31.04
C GLY B 26 34.71 -8.22 -30.68
N TYR B 27 34.24 -6.98 -30.79
CA TYR B 27 35.06 -5.83 -30.42
C TYR B 27 34.15 -4.65 -30.11
N ARG B 28 34.68 -3.70 -29.35
CA ARG B 28 33.94 -2.48 -29.02
C ARG B 28 33.74 -1.66 -30.28
N PHE B 29 32.50 -1.61 -30.76
CA PHE B 29 32.20 -0.96 -32.03
C PHE B 29 32.46 0.54 -31.99
N ASN B 30 32.27 1.17 -30.83
CA ASN B 30 32.45 2.62 -30.73
C ASN B 30 33.90 3.05 -30.57
N PHE B 31 34.84 2.12 -30.53
CA PHE B 31 36.24 2.46 -30.27
C PHE B 31 37.08 2.57 -31.54
N TYR B 32 36.54 2.22 -32.70
CA TYR B 32 37.33 2.17 -33.92
C TYR B 32 36.52 2.67 -35.10
N HIS B 33 37.18 3.44 -35.97
CA HIS B 33 36.52 3.95 -37.16
C HIS B 33 36.13 2.81 -38.09
N ILE B 34 35.18 3.11 -38.98
CA ILE B 34 34.71 2.15 -39.99
C ILE B 34 35.02 2.75 -41.36
N ASN B 35 36.03 2.21 -42.02
CA ASN B 35 36.39 2.62 -43.37
C ASN B 35 35.61 1.81 -44.40
N TRP B 36 35.48 2.38 -45.59
CA TRP B 36 34.79 1.73 -46.71
C TRP B 36 35.70 1.80 -47.93
N ILE B 37 36.02 0.63 -48.49
CA ILE B 37 36.91 0.53 -49.63
C ILE B 37 36.27 -0.35 -50.69
N ARG B 38 36.59 -0.07 -51.96
CA ARG B 38 36.08 -0.83 -53.08
C ARG B 38 37.17 -1.02 -54.11
N GLN B 39 37.05 -2.10 -54.90
CA GLN B 39 37.99 -2.41 -55.97
C GLN B 39 37.15 -2.68 -57.22
N THR B 40 37.04 -1.69 -58.09
CA THR B 40 36.16 -1.77 -59.26
C THR B 40 36.91 -2.31 -60.47
N ALA B 41 36.14 -2.80 -61.44
CA ALA B 41 36.68 -3.29 -62.72
C ALA B 41 36.85 -2.09 -63.65
N GLY B 42 38.06 -1.53 -63.62
CA GLY B 42 38.37 -0.33 -64.39
C GLY B 42 39.49 0.44 -63.74
N ARG B 43 39.58 0.32 -62.42
CA ARG B 43 40.69 0.88 -61.65
C ARG B 43 41.23 -0.22 -60.74
N GLY B 44 41.99 0.17 -59.73
CA GLY B 44 42.38 -0.74 -58.68
C GLY B 44 41.49 -0.54 -57.46
N PRO B 45 42.11 -0.39 -56.30
CA PRO B 45 41.35 -0.02 -55.09
C PRO B 45 41.29 1.49 -54.92
N GLU B 46 40.20 1.93 -54.30
CA GLU B 46 39.99 3.35 -54.03
C GLU B 46 39.40 3.53 -52.64
N TRP B 47 39.98 4.44 -51.87
CA TRP B 47 39.49 4.74 -50.53
C TRP B 47 38.28 5.66 -50.63
N MET B 48 37.16 5.22 -50.06
CA MET B 48 35.91 5.99 -50.12
C MET B 48 35.80 6.96 -48.94
N GLY B 49 35.81 6.44 -47.71
CA GLY B 49 35.71 7.28 -46.54
C GLY B 49 35.41 6.50 -45.27
N TRP B 50 35.73 7.09 -44.13
CA TRP B 50 35.48 6.48 -42.83
C TRP B 50 34.53 7.35 -42.01
N ILE B 51 34.05 6.78 -40.90
CA ILE B 51 33.15 7.47 -40.00
C ILE B 51 33.41 6.94 -38.59
N SER B 52 33.27 7.83 -37.61
CA SER B 52 33.56 7.48 -36.22
C SER B 52 32.30 7.04 -35.51
N PRO B 53 32.21 5.78 -35.05
CA PRO B 53 31.04 5.35 -34.27
C PRO B 53 30.91 6.03 -32.92
N TYR B 54 31.95 6.73 -32.45
CA TYR B 54 31.91 7.44 -31.17
C TYR B 54 31.64 8.92 -31.36
N SER B 55 32.47 9.61 -32.14
CA SER B 55 32.31 11.03 -32.39
C SER B 55 31.22 11.32 -33.43
N GLY B 56 30.75 10.32 -34.15
CA GLY B 56 29.81 10.56 -35.22
C GLY B 56 30.36 11.40 -36.36
N ASP B 57 31.68 11.51 -36.46
CA ASP B 57 32.31 12.39 -37.42
C ASP B 57 32.63 11.64 -38.71
N LYS B 58 32.52 12.37 -39.83
CA LYS B 58 32.72 11.81 -41.15
C LYS B 58 33.89 12.50 -41.84
N ASN B 59 34.57 11.74 -42.69
CA ASN B 59 35.61 12.30 -43.55
C ASN B 59 35.77 11.36 -44.75
N LEU B 60 35.44 11.85 -45.93
CA LEU B 60 35.38 11.01 -47.12
C LEU B 60 36.06 11.73 -48.28
N ALA B 61 36.46 10.94 -49.28
CA ALA B 61 37.21 11.49 -50.40
C ALA B 61 36.31 12.40 -51.25
N PRO B 62 36.89 13.45 -51.85
CA PRO B 62 36.09 14.32 -52.72
C PRO B 62 35.50 13.61 -53.92
N ALA B 63 36.07 12.46 -54.33
CA ALA B 63 35.50 11.68 -55.42
C ALA B 63 34.24 10.93 -55.02
N PHE B 64 33.88 10.94 -53.73
CA PHE B 64 32.69 10.25 -53.26
C PHE B 64 31.89 11.07 -52.25
N GLN B 65 32.19 12.36 -52.09
CA GLN B 65 31.49 13.15 -51.08
C GLN B 65 30.05 13.43 -51.48
N ASP B 66 29.79 13.62 -52.77
CA ASP B 66 28.46 13.95 -53.25
C ASP B 66 27.71 12.72 -53.79
N ARG B 67 28.11 11.54 -53.35
CA ARG B 67 27.45 10.29 -53.76
C ARG B 67 27.17 9.37 -52.58
N VAL B 68 28.06 9.32 -51.60
CA VAL B 68 28.03 8.31 -50.55
C VAL B 68 27.10 8.75 -49.42
N ASN B 69 26.22 7.86 -49.00
CA ASN B 69 25.42 8.01 -47.79
C ASN B 69 25.95 7.01 -46.77
N MET B 70 26.50 7.51 -45.68
CA MET B 70 27.24 6.69 -44.72
C MET B 70 26.74 6.98 -43.31
N THR B 71 26.18 5.97 -42.67
CA THR B 71 25.63 6.12 -41.32
C THR B 71 26.00 4.91 -40.47
N THR B 72 25.87 5.08 -39.16
CA THR B 72 26.09 4.01 -38.19
C THR B 72 24.98 4.05 -37.14
N ASP B 73 24.69 2.89 -36.56
CA ASP B 73 23.73 2.80 -35.47
C ASP B 73 24.41 3.10 -34.14
N THR B 74 23.99 2.39 -33.09
CA THR B 74 24.63 2.44 -31.79
C THR B 74 24.79 1.02 -31.28
N GLU B 75 25.98 0.72 -30.75
CA GLU B 75 26.31 -0.65 -30.41
C GLU B 75 25.39 -1.19 -29.32
N VAL B 76 25.13 -2.49 -29.39
CA VAL B 76 24.42 -3.22 -28.33
C VAL B 76 25.48 -3.93 -27.51
N PRO B 77 25.89 -3.39 -26.36
CA PRO B 77 27.04 -3.94 -25.64
C PRO B 77 26.76 -5.33 -25.11
N VAL B 78 27.68 -6.25 -25.38
CA VAL B 78 27.57 -7.63 -24.91
C VAL B 78 28.28 -7.81 -23.57
N THR B 79 29.55 -7.41 -23.50
CA THR B 79 30.31 -7.45 -22.25
C THR B 79 30.96 -6.08 -22.07
N SER B 80 31.99 -6.03 -21.22
CA SER B 80 32.68 -4.77 -20.97
C SER B 80 33.48 -4.32 -22.18
N PHE B 81 34.05 -5.27 -22.93
CA PHE B 81 34.90 -4.95 -24.06
C PHE B 81 34.36 -5.48 -25.39
N THR B 82 33.20 -6.12 -25.38
CA THR B 82 32.56 -6.63 -26.59
C THR B 82 31.26 -5.89 -26.83
N SER B 83 30.89 -5.75 -28.10
CA SER B 83 29.65 -5.10 -28.48
C SER B 83 29.22 -5.64 -29.84
N THR B 84 28.10 -5.10 -30.33
CA THR B 84 27.57 -5.46 -31.65
C THR B 84 27.00 -4.20 -32.28
N GLY B 85 27.69 -3.69 -33.31
CA GLY B 85 27.25 -2.48 -33.99
C GLY B 85 26.86 -2.71 -35.43
N ALA B 86 26.65 -1.64 -36.17
CA ALA B 86 26.25 -1.74 -37.58
C ALA B 86 26.65 -0.48 -38.31
N ALA B 87 27.16 -0.66 -39.54
CA ALA B 87 27.55 0.43 -40.41
C ALA B 87 26.83 0.27 -41.74
N TYR B 88 26.26 1.36 -42.23
CA TYR B 88 25.46 1.35 -43.45
C TYR B 88 26.16 2.11 -44.57
N MET B 89 25.82 1.76 -45.80
CA MET B 89 26.47 2.32 -46.98
C MET B 89 25.44 2.47 -48.10
N GLU B 90 25.41 3.65 -48.71
CA GLU B 90 24.54 3.92 -49.85
C GLU B 90 25.21 4.90 -50.78
N ILE B 91 24.96 4.71 -52.08
CA ILE B 91 25.46 5.62 -53.11
C ILE B 91 24.28 6.37 -53.73
N ARG B 92 24.61 7.34 -54.57
CA ARG B 92 23.59 8.20 -55.17
C ARG B 92 23.49 7.98 -56.66
N ASN B 93 24.38 8.61 -57.43
CA ASN B 93 24.40 8.50 -58.88
C ASN B 93 25.18 7.23 -59.25
N LEU B 94 24.46 6.14 -59.45
CA LEU B 94 25.09 4.84 -59.73
C LEU B 94 25.24 4.64 -61.23
N THR B 95 26.39 4.10 -61.62
CA THR B 95 26.67 3.72 -63.00
C THR B 95 27.29 2.32 -63.00
N SER B 96 27.53 1.79 -64.20
CA SER B 96 28.25 0.54 -64.32
C SER B 96 29.75 0.71 -64.06
N ASP B 97 30.23 1.95 -63.94
CA ASP B 97 31.63 2.18 -63.60
C ASP B 97 31.89 1.85 -62.14
N ASP B 98 30.89 1.97 -61.28
CA ASP B 98 31.01 1.63 -59.87
C ASP B 98 30.84 0.13 -59.61
N THR B 99 30.83 -0.69 -60.65
CA THR B 99 30.71 -2.13 -60.49
C THR B 99 31.99 -2.69 -59.85
N GLY B 100 31.86 -3.27 -58.67
CA GLY B 100 33.01 -3.82 -57.98
C GLY B 100 32.61 -4.43 -56.66
N THR B 101 33.61 -4.95 -55.96
CA THR B 101 33.41 -5.57 -54.66
C THR B 101 33.68 -4.55 -53.56
N TYR B 102 32.73 -4.44 -52.63
CA TYR B 102 32.79 -3.45 -51.56
C TYR B 102 32.89 -4.15 -50.21
N PHE B 103 33.69 -3.58 -49.31
CA PHE B 103 33.82 -4.10 -47.96
C PHE B 103 33.99 -2.95 -46.98
N CYS B 104 33.59 -3.20 -45.73
CA CYS B 104 33.86 -2.28 -44.63
C CYS B 104 35.18 -2.66 -43.96
N ALA B 105 35.66 -1.77 -43.09
CA ALA B 105 36.97 -1.99 -42.48
C ALA B 105 37.03 -1.25 -41.14
N LYS B 106 37.36 -1.99 -40.09
CA LYS B 106 37.52 -1.41 -38.76
C LYS B 106 38.86 -0.70 -38.64
N GLY B 107 38.86 0.42 -37.91
CA GLY B 107 40.07 1.20 -37.77
C GLY B 107 41.18 0.44 -37.08
N LEU B 108 42.39 0.97 -37.23
CA LEU B 108 43.58 0.30 -36.70
C LEU B 108 43.68 0.44 -35.18
N LEU B 109 43.95 1.66 -34.71
CA LEU B 109 44.20 1.92 -33.30
C LEU B 109 43.10 2.83 -32.74
N ARG B 110 43.23 3.15 -31.45
CA ARG B 110 42.36 4.11 -30.79
C ARG B 110 43.02 5.47 -30.59
N ASP B 111 44.31 5.59 -30.87
CA ASP B 111 45.02 6.86 -30.74
C ASP B 111 46.29 6.77 -31.58
N GLY B 112 46.95 7.91 -31.74
CA GLY B 112 48.20 7.95 -32.46
C GLY B 112 48.11 8.56 -33.84
N SER B 113 48.98 8.14 -34.75
CA SER B 113 49.03 8.66 -36.11
C SER B 113 48.44 7.70 -37.13
N SER B 114 47.76 6.66 -36.68
CA SER B 114 47.11 5.69 -37.56
C SER B 114 45.85 5.19 -36.87
N THR B 115 44.95 6.11 -36.53
CA THR B 115 43.77 5.77 -35.75
C THR B 115 42.67 5.15 -36.62
N TRP B 116 42.61 5.53 -37.89
CA TRP B 116 41.52 5.12 -38.77
C TRP B 116 41.95 4.11 -39.82
N LEU B 117 43.21 3.70 -39.84
CA LEU B 117 43.72 2.89 -40.93
C LEU B 117 42.95 1.58 -41.03
N PRO B 118 42.41 1.23 -42.20
CA PRO B 118 41.60 0.01 -42.33
C PRO B 118 42.38 -1.25 -42.01
N TYR B 119 42.13 -1.82 -40.83
CA TYR B 119 42.84 -3.02 -40.37
C TYR B 119 42.01 -4.29 -40.57
N LEU B 120 40.87 -4.39 -39.88
CA LEU B 120 40.04 -5.58 -39.94
C LEU B 120 38.97 -5.38 -41.02
N TRP B 121 39.05 -6.16 -42.09
CA TRP B 121 38.19 -6.00 -43.24
C TRP B 121 36.96 -6.90 -43.14
N GLY B 122 35.99 -6.64 -44.01
CA GLY B 122 34.77 -7.44 -44.06
C GLY B 122 34.93 -8.70 -44.88
N GLN B 123 34.00 -8.93 -45.80
CA GLN B 123 34.03 -10.14 -46.61
C GLN B 123 33.87 -9.81 -48.10
N GLY B 124 33.16 -8.71 -48.40
CA GLY B 124 32.96 -8.30 -49.77
C GLY B 124 31.52 -8.34 -50.22
N THR B 125 31.12 -7.35 -51.01
CA THR B 125 29.76 -7.28 -51.55
C THR B 125 29.86 -6.87 -53.02
N LEU B 126 29.42 -7.76 -53.91
CA LEU B 126 29.46 -7.49 -55.34
C LEU B 126 28.28 -6.58 -55.73
N LEU B 127 28.60 -5.47 -56.38
CA LEU B 127 27.59 -4.50 -56.79
C LEU B 127 27.11 -4.83 -58.20
N THR B 128 26.60 -3.84 -58.93
CA THR B 128 26.07 -4.04 -60.27
C THR B 128 27.14 -4.56 -61.23
N SER C 1 42.07 4.23 -64.49
CA SER C 1 42.97 4.48 -63.39
C SER C 1 43.47 5.92 -63.40
N GLN C 2 43.75 6.45 -62.21
CA GLN C 2 44.25 7.82 -62.08
C GLN C 2 45.04 7.96 -60.79
N SER C 3 45.79 6.91 -60.44
CA SER C 3 46.53 6.88 -59.19
C SER C 3 47.80 7.72 -59.33
N VAL C 4 47.90 8.79 -58.52
CA VAL C 4 49.09 9.64 -58.52
C VAL C 4 50.28 8.97 -57.86
N LEU C 5 50.05 7.88 -57.11
CA LEU C 5 51.11 7.16 -56.41
C LEU C 5 51.43 5.90 -57.20
N THR C 6 52.51 5.94 -57.98
CA THR C 6 52.89 4.79 -58.80
C THR C 6 53.64 3.75 -57.97
N GLN C 7 53.77 2.56 -58.53
CA GLN C 7 54.45 1.48 -57.83
C GLN C 7 55.52 0.82 -58.71
N SER C 8 55.48 -0.51 -58.81
CA SER C 8 56.51 -1.28 -59.51
C SER C 8 55.95 -2.11 -60.65
N ALA C 9 54.79 -1.74 -61.18
CA ALA C 9 54.14 -2.46 -62.28
C ALA C 9 53.97 -3.94 -61.95
N SER C 10 55.04 -4.71 -62.11
CA SER C 10 55.02 -6.13 -61.76
C SER C 10 56.45 -6.57 -61.50
N VAL C 11 56.58 -7.76 -60.90
CA VAL C 11 57.88 -8.31 -60.55
C VAL C 11 57.74 -9.82 -60.44
N SER C 12 58.86 -10.53 -60.47
CA SER C 12 58.89 -11.98 -60.35
C SER C 12 59.94 -12.40 -59.33
N GLY C 13 59.75 -13.59 -58.78
CA GLY C 13 60.68 -14.11 -57.78
C GLY C 13 60.73 -15.62 -57.75
N SER C 14 61.44 -16.17 -56.76
CA SER C 14 61.58 -17.61 -56.62
C SER C 14 61.62 -17.96 -55.13
N LEU C 15 61.35 -19.22 -54.83
CA LEU C 15 61.30 -19.68 -53.45
C LEU C 15 62.64 -19.50 -52.77
N GLY C 16 62.59 -19.02 -51.52
CA GLY C 16 63.78 -18.79 -50.74
C GLY C 16 64.48 -17.47 -50.99
N GLN C 17 64.01 -16.68 -51.94
CA GLN C 17 64.63 -15.40 -52.28
C GLN C 17 63.77 -14.25 -51.79
N SER C 18 64.30 -13.04 -51.93
CA SER C 18 63.65 -11.82 -51.46
C SER C 18 63.28 -10.94 -52.64
N VAL C 19 62.17 -10.21 -52.48
CA VAL C 19 61.67 -9.31 -53.52
C VAL C 19 61.73 -7.88 -53.00
N THR C 20 61.26 -6.94 -53.81
CA THR C 20 61.20 -5.53 -53.41
C THR C 20 60.20 -4.82 -54.32
N ILE C 21 59.28 -4.07 -53.71
CA ILE C 21 58.26 -3.34 -54.43
C ILE C 21 58.41 -1.85 -54.11
N SER C 22 58.42 -1.02 -55.14
CA SER C 22 58.58 0.42 -54.97
C SER C 22 57.22 1.10 -54.83
N CYS C 23 57.26 2.36 -54.38
CA CYS C 23 56.06 3.17 -54.19
C CYS C 23 56.44 4.63 -54.02
N THR C 24 56.31 5.42 -55.08
CA THR C 24 56.69 6.82 -55.03
C THR C 24 55.67 7.65 -55.82
N GLY C 25 55.69 8.96 -55.55
CA GLY C 25 54.83 9.89 -56.24
C GLY C 25 55.38 11.30 -56.16
N PRO C 26 54.55 12.29 -56.48
CA PRO C 26 55.00 13.68 -56.37
C PRO C 26 55.11 14.16 -54.94
N ASN C 27 55.47 15.43 -54.76
CA ASN C 27 55.63 16.00 -53.43
C ASN C 27 54.31 16.19 -52.71
N SER C 28 53.18 15.95 -53.38
CA SER C 28 51.87 16.14 -52.78
C SER C 28 51.33 14.90 -52.09
N VAL C 29 51.98 13.75 -52.24
CA VAL C 29 51.50 12.51 -51.64
C VAL C 29 52.66 11.63 -51.23
N CYS C 30 53.86 12.21 -51.12
CA CYS C 30 55.06 11.43 -50.88
C CYS C 30 56.23 12.37 -50.61
N CYS C 31 57.04 12.05 -49.60
CA CYS C 31 56.87 10.87 -48.74
C CYS C 31 57.19 11.19 -47.27
N SER C 32 58.24 11.98 -47.06
CA SER C 32 58.73 12.25 -45.70
C SER C 32 57.70 12.93 -44.81
N HIS C 33 56.62 13.45 -45.39
CA HIS C 33 55.55 14.08 -44.62
C HIS C 33 54.27 13.27 -44.66
N LYS C 34 54.39 11.95 -44.84
CA LYS C 34 53.24 11.07 -44.92
C LYS C 34 53.68 9.66 -44.52
N SER C 35 52.79 8.96 -43.82
CA SER C 35 53.03 7.56 -43.50
C SER C 35 52.64 6.68 -44.67
N ILE C 36 53.30 5.53 -44.78
CA ILE C 36 53.10 4.61 -45.90
C ILE C 36 52.62 3.27 -45.33
N SER C 37 51.49 2.78 -45.82
CA SER C 37 50.94 1.51 -45.41
C SER C 37 50.88 0.57 -46.62
N TRP C 38 51.18 -0.71 -46.39
CA TRP C 38 51.18 -1.72 -47.44
C TRP C 38 50.09 -2.75 -47.16
N TYR C 39 49.42 -3.20 -48.22
CA TYR C 39 48.28 -4.09 -48.11
C TYR C 39 48.44 -5.25 -49.08
N GLN C 40 48.45 -6.47 -48.55
CA GLN C 40 48.25 -7.64 -49.39
C GLN C 40 46.79 -7.72 -49.81
N TRP C 41 46.54 -7.95 -51.09
CA TRP C 41 45.20 -7.87 -51.65
C TRP C 41 45.01 -8.93 -52.72
N PRO C 42 44.46 -10.09 -52.37
CA PRO C 42 44.03 -11.06 -53.38
C PRO C 42 42.99 -10.45 -54.30
N PRO C 43 42.82 -10.99 -55.51
CA PRO C 43 41.95 -10.33 -56.49
C PRO C 43 40.50 -10.19 -56.03
N GLY C 44 40.14 -8.98 -55.61
CA GLY C 44 38.76 -8.68 -55.25
C GLY C 44 38.25 -9.43 -54.04
N ARG C 45 39.12 -9.71 -53.07
CA ARG C 45 38.70 -10.43 -51.87
C ARG C 45 39.14 -9.72 -50.60
N ALA C 46 39.37 -10.49 -49.54
CA ALA C 46 39.69 -9.91 -48.23
C ALA C 46 41.14 -9.42 -48.22
N PRO C 47 41.38 -8.11 -48.02
CA PRO C 47 42.77 -7.63 -47.94
C PRO C 47 43.42 -7.97 -46.61
N THR C 48 44.62 -7.43 -46.39
CA THR C 48 45.35 -7.67 -45.14
C THR C 48 46.36 -6.55 -44.95
N LEU C 49 46.38 -5.96 -43.75
CA LEU C 49 47.36 -4.94 -43.43
C LEU C 49 48.71 -5.60 -43.17
N ILE C 50 49.70 -5.27 -44.01
CA ILE C 50 51.04 -5.80 -43.85
C ILE C 50 51.90 -4.89 -42.99
N ILE C 51 52.00 -3.61 -43.37
CA ILE C 51 52.85 -2.65 -42.69
C ILE C 51 52.11 -1.33 -42.60
N TYR C 52 52.19 -0.68 -41.43
CA TYR C 52 51.68 0.65 -41.24
C TYR C 52 52.81 1.55 -40.72
N GLU C 53 52.70 2.84 -41.01
CA GLU C 53 53.69 3.84 -40.59
C GLU C 53 55.08 3.44 -41.06
N ASP C 54 55.23 3.44 -42.39
CA ASP C 54 56.51 3.21 -43.06
C ASP C 54 57.05 1.80 -42.83
N ASN C 55 57.41 1.48 -41.59
CA ASN C 55 58.14 0.25 -41.29
C ASN C 55 57.52 -0.63 -40.21
N GLU C 56 56.46 -0.18 -39.54
CA GLU C 56 55.86 -0.98 -38.47
C GLU C 56 54.91 -2.03 -39.04
N ARG C 57 55.07 -3.26 -38.60
CA ARG C 57 54.23 -4.36 -39.06
C ARG C 57 52.96 -4.47 -38.24
N ALA C 58 51.91 -5.00 -38.87
CA ALA C 58 50.65 -5.25 -38.18
C ALA C 58 50.81 -6.45 -37.24
N PRO C 59 49.88 -6.62 -36.30
CA PRO C 59 49.95 -7.80 -35.42
C PRO C 59 49.91 -9.09 -36.21
N GLY C 60 50.78 -10.03 -35.84
CA GLY C 60 50.84 -11.32 -36.48
C GLY C 60 51.54 -11.37 -37.81
N ILE C 61 51.96 -10.21 -38.35
CA ILE C 61 52.65 -10.19 -39.63
C ILE C 61 54.01 -10.86 -39.48
N SER C 62 54.33 -11.76 -40.41
CA SER C 62 55.56 -12.54 -40.34
C SER C 62 56.77 -11.61 -40.38
N PRO C 63 57.87 -11.98 -39.70
CA PRO C 63 59.08 -11.15 -39.74
C PRO C 63 59.75 -11.08 -41.10
N ARG C 64 59.19 -11.73 -42.12
CA ARG C 64 59.77 -11.66 -43.46
C ARG C 64 59.57 -10.27 -44.07
N PHE C 65 58.37 -9.71 -43.93
CA PHE C 65 58.07 -8.43 -44.55
C PHE C 65 58.75 -7.29 -43.81
N SER C 66 59.43 -6.44 -44.57
CA SER C 66 60.14 -5.29 -44.02
C SER C 66 59.72 -4.03 -44.77
N GLY C 67 60.09 -2.87 -44.22
CA GLY C 67 59.73 -1.61 -44.82
C GLY C 67 60.87 -0.62 -44.72
N TYR C 68 60.83 0.36 -45.63
CA TYR C 68 61.82 1.41 -45.68
C TYR C 68 61.22 2.58 -46.44
N LYS C 69 61.58 3.80 -46.04
CA LYS C 69 61.05 5.01 -46.67
C LYS C 69 62.17 6.05 -46.74
N SER C 70 62.75 6.21 -47.92
CA SER C 70 63.67 7.30 -48.17
C SER C 70 62.88 8.60 -48.39
N TYR C 71 63.60 9.69 -48.65
CA TYR C 71 62.94 10.95 -48.96
C TYR C 71 62.20 10.91 -50.29
N TRP C 72 62.44 9.90 -51.11
CA TRP C 72 61.88 9.84 -52.46
C TRP C 72 60.90 8.69 -52.67
N SER C 73 61.15 7.52 -52.09
CA SER C 73 60.31 6.36 -52.36
C SER C 73 60.34 5.42 -51.18
N ALA C 74 59.22 4.71 -50.97
CA ALA C 74 59.09 3.72 -49.93
C ALA C 74 59.14 2.32 -50.54
N TYR C 75 59.82 1.40 -49.87
CA TYR C 75 60.07 0.07 -50.39
C TYR C 75 59.44 -0.98 -49.48
N LEU C 76 58.87 -2.02 -50.10
CA LEU C 76 58.32 -3.17 -49.39
C LEU C 76 59.09 -4.41 -49.82
N THR C 77 59.86 -4.98 -48.91
CA THR C 77 60.64 -6.17 -49.18
C THR C 77 59.92 -7.41 -48.67
N ILE C 78 60.07 -8.51 -49.39
CA ILE C 78 59.47 -9.78 -49.00
C ILE C 78 60.59 -10.81 -48.84
N SER C 79 61.21 -10.82 -47.68
CA SER C 79 62.34 -11.72 -47.44
C SER C 79 61.86 -13.18 -47.38
N ASP C 80 62.69 -14.08 -47.93
CA ASP C 80 62.42 -15.51 -47.93
C ASP C 80 61.05 -15.83 -48.52
N LEU C 81 60.98 -15.95 -49.84
CA LEU C 81 59.72 -16.17 -50.52
C LEU C 81 59.14 -17.55 -50.18
N ARG C 82 57.88 -17.56 -49.78
CA ARG C 82 57.10 -18.77 -49.54
C ARG C 82 56.04 -18.90 -50.64
N PRO C 83 55.59 -20.12 -50.94
CA PRO C 83 54.72 -20.31 -52.11
C PRO C 83 53.39 -19.56 -52.03
N GLU C 84 52.93 -19.23 -50.83
CA GLU C 84 51.61 -18.63 -50.69
C GLU C 84 51.69 -17.11 -50.77
N ASP C 85 52.66 -16.59 -51.51
CA ASP C 85 52.87 -15.15 -51.59
C ASP C 85 52.33 -14.52 -52.87
N GLU C 86 51.83 -15.32 -53.81
CA GLU C 86 51.34 -14.75 -55.07
C GLU C 86 50.05 -13.98 -54.83
N THR C 87 50.13 -12.66 -54.93
CA THR C 87 48.98 -11.77 -54.78
C THR C 87 49.38 -10.41 -55.33
N THR C 88 48.53 -9.41 -55.09
CA THR C 88 48.79 -8.05 -55.52
C THR C 88 48.96 -7.15 -54.30
N TYR C 89 50.01 -6.34 -54.31
CA TYR C 89 50.36 -5.49 -53.18
C TYR C 89 50.12 -4.03 -53.54
N TYR C 90 49.58 -3.27 -52.58
CA TYR C 90 49.28 -1.86 -52.77
C TYR C 90 49.82 -1.06 -51.60
N CYS C 91 50.22 0.18 -51.87
CA CYS C 91 50.66 1.11 -50.85
C CYS C 91 49.65 2.25 -50.70
N CYS C 92 49.77 2.98 -49.60
CA CYS C 92 48.87 4.09 -49.32
C CYS C 92 49.60 5.12 -48.47
N SER C 93 49.51 6.39 -48.88
CA SER C 93 50.05 7.49 -48.11
C SER C 93 48.93 8.18 -47.34
N TYR C 94 49.24 8.58 -46.10
CA TYR C 94 48.22 9.15 -45.24
C TYR C 94 48.90 9.91 -44.10
N THR C 95 48.10 10.69 -43.40
CA THR C 95 48.48 11.34 -42.15
C THR C 95 47.48 10.91 -41.07
N HIS C 96 47.49 11.62 -39.94
CA HIS C 96 46.61 11.24 -38.83
C HIS C 96 45.16 11.60 -39.11
N ASN C 97 44.90 12.67 -39.84
CA ASN C 97 43.54 13.11 -40.09
C ASN C 97 43.23 13.21 -41.58
N SER C 98 43.58 12.17 -42.34
CA SER C 98 43.36 12.18 -43.78
C SER C 98 42.75 10.84 -44.20
N GLY C 99 42.96 10.48 -45.47
CA GLY C 99 42.49 9.21 -45.98
C GLY C 99 43.61 8.51 -46.76
N CYS C 100 43.36 7.25 -47.09
CA CYS C 100 44.36 6.47 -47.81
C CYS C 100 44.42 6.89 -49.27
N VAL C 101 45.63 7.17 -49.75
CA VAL C 101 45.86 7.45 -51.16
C VAL C 101 46.57 6.23 -51.76
N PHE C 102 45.79 5.30 -52.31
CA PHE C 102 46.33 4.01 -52.72
C PHE C 102 47.21 4.14 -53.95
N GLY C 103 47.86 3.03 -54.31
CA GLY C 103 48.80 2.99 -55.40
C GLY C 103 48.27 2.23 -56.60
N THR C 104 49.17 1.98 -57.56
CA THR C 104 48.80 1.36 -58.82
C THR C 104 48.72 -0.16 -58.72
N GLY C 105 49.51 -0.77 -57.84
CA GLY C 105 49.47 -2.20 -57.68
C GLY C 105 50.66 -2.89 -58.34
N THR C 106 51.06 -4.02 -57.76
CA THR C 106 52.22 -4.78 -58.24
C THR C 106 51.93 -6.25 -58.05
N LYS C 107 51.76 -6.98 -59.16
CA LYS C 107 51.55 -8.42 -59.10
C LYS C 107 52.88 -9.13 -58.90
N VAL C 108 52.93 -10.02 -57.92
CA VAL C 108 54.16 -10.73 -57.55
C VAL C 108 53.96 -12.21 -57.79
N SER C 109 54.87 -12.81 -58.57
CA SER C 109 54.84 -14.22 -58.88
C SER C 109 55.98 -14.93 -58.17
N VAL C 110 55.69 -16.12 -57.63
CA VAL C 110 56.65 -16.91 -56.88
C VAL C 110 56.97 -18.22 -57.60
N LEU C 111 56.54 -18.37 -58.86
CA LEU C 111 56.71 -19.59 -59.64
C LEU C 111 58.14 -20.11 -59.61
N GLY C 112 58.34 -21.26 -58.96
CA GLY C 112 59.66 -21.85 -58.86
C GLY C 112 59.63 -23.35 -58.69
N GLU D 2 61.29 -5.81 -28.84
CA GLU D 2 62.61 -5.20 -28.90
C GLU D 2 63.17 -5.02 -27.49
N ASN D 3 63.80 -3.87 -27.25
CA ASN D 3 64.33 -3.53 -25.92
C ASN D 3 63.17 -3.09 -25.03
N LEU D 4 62.41 -4.08 -24.56
CA LEU D 4 61.23 -3.83 -23.73
C LEU D 4 61.47 -4.41 -22.34
N TRP D 5 61.47 -3.55 -21.34
CA TRP D 5 61.53 -3.95 -19.94
C TRP D 5 60.21 -3.58 -19.26
N VAL D 6 59.92 -4.25 -18.15
CA VAL D 6 58.71 -3.95 -17.41
C VAL D 6 58.87 -2.62 -16.68
N THR D 7 57.76 -1.90 -16.52
CA THR D 7 57.74 -0.64 -15.80
C THR D 7 56.50 -0.58 -14.93
N VAL D 8 56.68 -0.22 -13.68
CA VAL D 8 55.60 -0.22 -12.69
C VAL D 8 54.85 1.10 -12.77
N TYR D 9 53.52 1.02 -12.82
CA TYR D 9 52.65 2.19 -12.81
C TYR D 9 51.79 2.16 -11.57
N TYR D 10 51.74 3.27 -10.84
CA TYR D 10 50.97 3.40 -9.61
C TYR D 10 49.88 4.43 -9.80
N GLY D 11 48.63 4.01 -9.62
CA GLY D 11 47.50 4.91 -9.80
C GLY D 11 46.83 4.76 -11.16
N VAL D 12 46.58 3.52 -11.56
CA VAL D 12 46.00 3.23 -12.88
C VAL D 12 44.52 2.91 -12.73
N PRO D 13 43.67 3.33 -13.69
CA PRO D 13 42.24 3.06 -13.58
C PRO D 13 41.89 1.59 -13.80
N VAL D 14 41.97 0.78 -12.76
CA VAL D 14 41.62 -0.64 -12.85
C VAL D 14 41.07 -1.08 -11.49
N TRP D 15 39.98 -1.84 -11.53
CA TRP D 15 39.28 -2.27 -10.32
C TRP D 15 38.88 -3.73 -10.46
N LYS D 16 38.32 -4.28 -9.39
CA LYS D 16 37.82 -5.64 -9.36
C LYS D 16 36.52 -5.68 -8.57
N ASP D 17 35.69 -6.68 -8.87
CA ASP D 17 34.49 -6.90 -8.09
C ASP D 17 34.84 -7.33 -6.68
N ALA D 18 34.25 -6.66 -5.68
CA ALA D 18 34.53 -6.96 -4.29
C ALA D 18 33.38 -6.48 -3.44
N GLU D 19 33.31 -7.01 -2.22
CA GLU D 19 32.29 -6.64 -1.24
C GLU D 19 32.98 -6.29 0.07
N THR D 20 32.81 -5.05 0.51
CA THR D 20 33.42 -4.55 1.73
C THR D 20 32.34 -3.99 2.65
N THR D 21 32.78 -3.48 3.80
CA THR D 21 31.87 -2.92 4.80
C THR D 21 31.65 -1.43 4.47
N LEU D 22 30.51 -1.14 3.83
CA LEU D 22 30.17 0.24 3.50
C LEU D 22 29.65 0.97 4.72
N PHE D 23 29.99 2.25 4.83
CA PHE D 23 29.54 3.08 5.94
C PHE D 23 28.48 4.07 5.48
N CYS D 24 27.70 4.55 6.44
CA CYS D 24 26.55 5.40 6.17
C CYS D 24 26.87 6.87 6.39
N ALA D 25 26.15 7.72 5.66
CA ALA D 25 26.27 9.16 5.78
C ALA D 25 24.87 9.77 5.82
N SER D 26 24.71 10.81 6.63
CA SER D 26 23.42 11.49 6.78
C SER D 26 23.65 13.00 6.73
N ASP D 27 22.55 13.74 6.77
CA ASP D 27 22.58 15.19 6.59
C ASP D 27 22.39 15.92 7.91
N ASN D 37 15.95 9.02 15.61
CA ASN D 37 15.23 7.98 14.87
C ASN D 37 15.86 6.62 15.10
N VAL D 38 15.09 5.57 14.83
CA VAL D 38 15.57 4.20 15.03
C VAL D 38 16.84 3.95 14.23
N TRP D 39 16.88 4.46 13.00
CA TRP D 39 18.03 4.24 12.12
C TRP D 39 19.28 4.98 12.58
N ALA D 40 19.19 5.76 13.66
CA ALA D 40 20.36 6.42 14.26
C ALA D 40 21.17 7.20 13.22
N THR D 41 20.45 7.87 12.32
CA THR D 41 21.11 8.63 11.25
C THR D 41 21.94 9.78 11.79
N HIS D 42 21.69 10.22 13.04
CA HIS D 42 22.55 11.23 13.65
C HIS D 42 23.97 10.73 13.84
N ALA D 43 24.17 9.41 13.91
CA ALA D 43 25.48 8.83 14.14
C ALA D 43 26.29 8.64 12.87
N CYS D 44 25.67 8.75 11.70
CA CYS D 44 26.43 8.65 10.45
C CYS D 44 27.22 9.92 10.21
N VAL D 45 28.27 9.77 9.40
CA VAL D 45 29.12 10.93 9.06
C VAL D 45 28.28 11.97 8.33
N PRO D 46 28.45 13.27 8.60
CA PRO D 46 27.67 14.28 7.87
C PRO D 46 27.92 14.18 6.36
N THR D 47 26.82 14.04 5.62
CA THR D 47 26.91 13.95 4.17
C THR D 47 27.56 15.20 3.61
N ASP D 48 28.42 15.02 2.62
CA ASP D 48 29.10 16.15 2.02
C ASP D 48 28.12 16.95 1.16
N PRO D 49 28.06 18.27 1.33
CA PRO D 49 27.13 19.06 0.50
C PRO D 49 27.47 19.02 -0.98
N ASN D 50 28.70 18.66 -1.33
CA ASN D 50 29.12 18.56 -2.74
C ASN D 50 29.21 17.09 -3.11
N PRO D 51 28.17 16.50 -3.71
CA PRO D 51 28.23 15.08 -4.08
C PRO D 51 28.94 14.87 -5.41
N GLN D 52 30.22 14.51 -5.35
CA GLN D 52 31.01 14.36 -6.56
C GLN D 52 30.58 13.13 -7.33
N GLU D 53 30.17 13.32 -8.58
CA GLU D 53 29.87 12.24 -9.51
C GLU D 53 30.78 12.39 -10.72
N ILE D 54 31.66 11.42 -10.93
CA ILE D 54 32.61 11.43 -12.04
C ILE D 54 32.10 10.48 -13.11
N HIS D 55 32.00 10.97 -14.33
CA HIS D 55 31.53 10.15 -15.45
C HIS D 55 32.66 9.29 -15.98
N LEU D 56 32.40 7.98 -16.09
CA LEU D 56 33.37 7.04 -16.63
C LEU D 56 33.09 6.86 -18.11
N GLU D 57 33.62 7.77 -18.92
CA GLU D 57 33.43 7.70 -20.35
C GLU D 57 34.08 6.44 -20.92
N ASN D 58 33.47 5.91 -21.99
CA ASN D 58 33.97 4.75 -22.71
C ASN D 58 33.98 3.48 -21.85
N VAL D 59 33.22 3.47 -20.75
CA VAL D 59 33.26 2.38 -19.79
C VAL D 59 31.94 1.61 -19.87
N THR D 60 32.05 0.28 -19.92
CA THR D 60 30.90 -0.62 -19.82
C THR D 60 31.18 -1.62 -18.71
N GLU D 61 30.24 -1.76 -17.79
CA GLU D 61 30.39 -2.65 -16.64
C GLU D 61 29.18 -3.57 -16.55
N GLU D 62 29.45 -4.80 -16.10
CA GLU D 62 28.39 -5.80 -15.92
C GLU D 62 27.83 -5.69 -14.51
N PHE D 63 26.52 -5.50 -14.41
CA PHE D 63 25.82 -5.38 -13.14
C PHE D 63 24.90 -6.58 -12.93
N ASN D 64 24.41 -6.70 -11.69
CA ASN D 64 23.40 -7.68 -11.34
C ASN D 64 22.81 -7.34 -9.98
N MET D 65 21.61 -6.75 -9.96
CA MET D 65 20.98 -6.34 -8.72
C MET D 65 20.60 -7.51 -7.82
N TRP D 66 20.66 -8.74 -8.32
CA TRP D 66 20.25 -9.91 -7.54
C TRP D 66 21.42 -10.56 -6.82
N LYS D 67 22.62 -10.48 -7.39
CA LYS D 67 23.84 -10.85 -6.66
C LYS D 67 24.38 -9.71 -5.83
N ASN D 68 23.76 -8.52 -5.89
CA ASN D 68 24.28 -7.34 -5.23
C ASN D 68 24.36 -7.56 -3.72
N ASN D 69 25.46 -7.13 -3.14
CA ASN D 69 25.71 -7.31 -1.71
C ASN D 69 25.32 -6.10 -0.87
N MET D 70 25.20 -4.92 -1.48
CA MET D 70 24.76 -3.74 -0.72
C MET D 70 23.36 -3.94 -0.16
N VAL D 71 22.51 -4.71 -0.85
CA VAL D 71 21.18 -4.98 -0.34
C VAL D 71 21.23 -6.04 0.76
N GLU D 72 22.17 -6.98 0.68
CA GLU D 72 22.31 -7.96 1.75
C GLU D 72 22.92 -7.34 2.99
N GLN D 73 23.82 -6.37 2.82
CA GLN D 73 24.42 -5.69 3.95
C GLN D 73 23.46 -4.68 4.58
N MET D 74 22.74 -3.92 3.75
CA MET D 74 21.78 -2.97 4.30
C MET D 74 20.64 -3.69 5.03
N HIS D 75 20.10 -4.76 4.44
CA HIS D 75 19.03 -5.50 5.08
C HIS D 75 19.45 -6.00 6.45
N THR D 76 20.74 -6.28 6.65
CA THR D 76 21.23 -6.60 7.99
C THR D 76 21.56 -5.33 8.77
N ASP D 77 21.88 -4.24 8.09
CA ASP D 77 22.15 -2.99 8.79
C ASP D 77 20.87 -2.32 9.28
N ILE D 78 19.71 -2.72 8.76
CA ILE D 78 18.45 -2.26 9.33
C ILE D 78 17.98 -3.18 10.44
N ILE D 79 18.15 -4.50 10.26
CA ILE D 79 17.81 -5.44 11.32
C ILE D 79 18.69 -5.21 12.54
N SER D 80 20.00 -5.00 12.31
CA SER D 80 20.89 -4.69 13.43
C SER D 80 20.62 -3.31 14.00
N LEU D 81 19.97 -2.43 13.24
CA LEU D 81 19.55 -1.13 13.78
C LEU D 81 18.28 -1.25 14.60
N TRP D 82 17.39 -2.18 14.24
CA TRP D 82 16.16 -2.36 15.00
C TRP D 82 16.45 -2.91 16.38
N ASP D 83 17.23 -3.99 16.45
CA ASP D 83 17.59 -4.56 17.75
C ASP D 83 18.46 -3.62 18.57
N GLN D 84 19.21 -2.73 17.90
CA GLN D 84 20.08 -1.80 18.62
C GLN D 84 19.28 -0.70 19.29
N SER D 85 18.12 -0.35 18.74
CA SER D 85 17.34 0.77 19.26
C SER D 85 16.35 0.38 20.34
N LEU D 86 16.02 -0.91 20.46
CA LEU D 86 15.05 -1.38 21.45
C LEU D 86 15.71 -1.90 22.73
N LYS D 87 17.04 -1.82 22.83
CA LYS D 87 17.71 -2.32 24.03
C LYS D 87 17.32 -1.55 25.30
N PRO D 88 17.39 -0.22 25.35
CA PRO D 88 17.06 0.47 26.60
C PRO D 88 15.58 0.72 26.82
N CYS D 89 14.72 0.18 25.96
CA CYS D 89 13.28 0.42 26.06
C CYS D 89 12.62 -0.60 26.98
N VAL D 90 11.45 -0.22 27.51
CA VAL D 90 10.78 -1.00 28.54
C VAL D 90 10.35 -2.35 27.99
N LYS D 91 10.57 -3.40 28.77
CA LYS D 91 10.14 -4.75 28.43
C LYS D 91 8.75 -4.98 29.02
N LEU D 92 7.80 -5.34 28.17
CA LEU D 92 6.40 -5.52 28.59
C LEU D 92 6.12 -6.99 28.91
N THR D 93 6.92 -7.53 29.83
CA THR D 93 6.74 -8.92 30.27
C THR D 93 5.63 -9.07 31.31
N PRO D 94 5.44 -8.15 32.27
CA PRO D 94 4.28 -8.28 33.17
C PRO D 94 2.95 -8.08 32.48
N LEU D 95 2.91 -7.49 31.29
CA LEU D 95 1.66 -7.36 30.56
C LEU D 95 1.13 -8.71 30.11
N CYS D 96 1.98 -9.73 29.98
CA CYS D 96 1.51 -11.08 29.69
C CYS D 96 0.77 -11.64 30.89
N VAL D 97 -0.42 -11.11 31.14
CA VAL D 97 -1.27 -11.52 32.25
C VAL D 97 -2.66 -11.77 31.71
N THR D 98 -3.46 -12.49 32.48
CA THR D 98 -4.82 -12.82 32.06
C THR D 98 -5.64 -11.55 31.89
N LEU D 99 -6.16 -11.35 30.68
CA LEU D 99 -6.90 -10.14 30.34
C LEU D 99 -8.40 -10.42 30.40
N GLN D 100 -9.13 -9.47 30.96
CA GLN D 100 -10.60 -9.49 31.00
C GLN D 100 -11.08 -8.44 30.00
N CYS D 101 -11.53 -8.89 28.83
CA CYS D 101 -11.85 -8.00 27.73
C CYS D 101 -13.35 -8.00 27.44
N THR D 102 -13.83 -6.86 26.95
CA THR D 102 -15.17 -6.71 26.39
C THR D 102 -15.05 -6.03 25.03
N ASN D 103 -16.17 -5.94 24.33
CA ASN D 103 -16.21 -5.14 23.11
C ASN D 103 -16.34 -3.67 23.47
N VAL D 104 -15.72 -2.83 22.66
CA VAL D 104 -15.92 -1.39 22.78
C VAL D 104 -17.27 -1.04 22.18
N THR D 105 -18.08 -0.32 22.95
CA THR D 105 -19.50 -0.13 22.62
C THR D 105 -19.68 0.42 21.22
N ASN D 106 -20.50 -0.27 20.42
CA ASN D 106 -20.78 0.15 19.05
C ASN D 106 -22.08 -0.46 18.54
N ALA D 107 -22.00 -1.59 17.87
CA ALA D 107 -23.18 -2.25 17.32
C ALA D 107 -23.01 -3.76 17.28
N ARG D 113 -18.99 -4.16 13.49
CA ARG D 113 -18.15 -5.27 13.92
C ARG D 113 -17.37 -4.91 15.19
N GLY D 114 -17.37 -5.82 16.16
CA GLY D 114 -16.61 -5.63 17.38
C GLY D 114 -15.13 -5.90 17.19
N GLU D 115 -14.39 -4.87 16.80
CA GLU D 115 -12.96 -5.05 16.52
C GLU D 115 -12.12 -4.82 17.76
N LEU D 116 -11.66 -3.59 17.97
CA LEU D 116 -10.79 -3.28 19.09
C LEU D 116 -11.52 -3.52 20.41
N LYS D 117 -10.83 -4.20 21.33
CA LYS D 117 -11.43 -4.64 22.58
C LYS D 117 -11.16 -3.63 23.69
N ASN D 118 -11.73 -3.89 24.87
CA ASN D 118 -11.55 -3.08 26.06
C ASN D 118 -11.19 -4.01 27.20
N CYS D 119 -9.90 -4.16 27.46
CA CYS D 119 -9.39 -5.17 28.38
C CYS D 119 -8.90 -4.54 29.67
N SER D 120 -9.18 -5.22 30.79
CA SER D 120 -8.70 -4.84 32.10
C SER D 120 -7.91 -6.00 32.71
N PHE D 121 -6.99 -5.67 33.61
CA PHE D 121 -6.10 -6.68 34.16
C PHE D 121 -5.49 -6.18 35.47
N ASN D 122 -5.13 -7.13 36.33
CA ASN D 122 -4.40 -6.82 37.56
C ASN D 122 -2.94 -6.61 37.19
N MET D 123 -2.47 -5.37 37.30
CA MET D 123 -1.13 -4.99 36.87
C MET D 123 -0.27 -4.62 38.08
N THR D 124 1.02 -4.86 37.96
CA THR D 124 1.97 -4.51 39.00
C THR D 124 2.05 -2.99 39.15
N THR D 125 2.65 -2.56 40.27
CA THR D 125 2.80 -1.14 40.53
C THR D 125 4.27 -0.79 40.79
N GLU D 126 4.52 0.41 41.32
CA GLU D 126 5.87 0.80 41.69
C GLU D 126 6.33 0.06 42.94
N LEU D 127 5.39 -0.33 43.80
CA LEU D 127 5.69 -1.12 44.99
C LEU D 127 5.44 -2.59 44.67
N ARG D 128 6.41 -3.44 45.04
CA ARG D 128 6.36 -4.85 44.64
C ARG D 128 5.25 -5.63 45.31
N ASP D 129 4.55 -5.04 46.28
CA ASP D 129 3.48 -5.73 46.99
C ASP D 129 2.10 -5.16 46.70
N LYS D 130 2.00 -4.17 45.84
CA LYS D 130 0.72 -3.56 45.48
C LYS D 130 0.37 -3.89 44.03
N LYS D 131 -0.89 -4.20 43.78
CA LYS D 131 -1.42 -4.40 42.45
C LYS D 131 -2.34 -3.24 42.09
N GLN D 132 -2.82 -3.25 40.85
CA GLN D 132 -3.75 -2.21 40.40
C GLN D 132 -4.59 -2.78 39.26
N LYS D 133 -5.87 -2.39 39.24
CA LYS D 133 -6.81 -2.86 38.22
C LYS D 133 -6.93 -1.75 37.18
N VAL D 134 -6.06 -1.78 36.18
CA VAL D 134 -6.06 -0.81 35.10
C VAL D 134 -6.63 -1.47 33.85
N TYR D 135 -7.07 -0.64 32.91
CA TYR D 135 -7.69 -1.12 31.68
C TYR D 135 -7.03 -0.45 30.48
N SER D 136 -7.24 -1.05 29.31
CA SER D 136 -6.67 -0.52 28.07
C SER D 136 -7.42 -1.10 26.89
N LEU D 137 -7.21 -0.48 25.74
CA LEU D 137 -7.79 -0.93 24.48
C LEU D 137 -6.74 -1.70 23.68
N PHE D 138 -7.14 -2.84 23.14
CA PHE D 138 -6.27 -3.65 22.29
C PHE D 138 -7.05 -4.09 21.06
N TYR D 139 -6.47 -3.84 19.88
CA TYR D 139 -7.03 -4.41 18.66
C TYR D 139 -7.01 -5.94 18.77
N ARG D 140 -8.03 -6.57 18.19
CA ARG D 140 -8.17 -8.03 18.34
C ARG D 140 -7.00 -8.79 17.75
N LEU D 141 -6.24 -8.18 16.85
CA LEU D 141 -5.06 -8.82 16.27
C LEU D 141 -3.94 -9.03 17.30
N ASP D 142 -4.06 -8.45 18.49
CA ASP D 142 -3.03 -8.54 19.51
C ASP D 142 -3.37 -9.50 20.64
N VAL D 143 -4.57 -10.11 20.62
CA VAL D 143 -5.05 -10.92 21.73
C VAL D 143 -5.67 -12.20 21.22
N VAL D 144 -5.69 -13.21 22.10
CA VAL D 144 -6.33 -14.49 21.83
C VAL D 144 -6.98 -14.98 23.12
N GLN D 145 -8.07 -15.72 22.97
CA GLN D 145 -8.85 -16.16 24.12
C GLN D 145 -8.18 -17.37 24.79
N ILE D 146 -8.76 -17.76 25.93
CA ILE D 146 -8.30 -18.94 26.67
C ILE D 146 -9.28 -20.07 26.44
N ASN D 147 -10.55 -19.83 26.75
CA ASN D 147 -11.60 -20.84 26.57
C ASN D 147 -12.37 -20.61 25.29
N LYS D 159 -15.28 -12.45 28.82
CA LYS D 159 -14.39 -13.50 28.33
C LYS D 159 -12.94 -13.14 28.62
N GLU D 160 -12.09 -14.14 28.76
CA GLU D 160 -10.68 -13.94 29.11
C GLU D 160 -9.81 -14.01 27.87
N TYR D 161 -8.80 -13.14 27.82
CA TYR D 161 -7.86 -13.05 26.72
C TYR D 161 -6.44 -13.02 27.26
N ARG D 162 -5.49 -12.88 26.34
CA ARG D 162 -4.08 -12.70 26.67
C ARG D 162 -3.38 -12.13 25.44
N LEU D 163 -2.24 -11.50 25.67
CA LEU D 163 -1.47 -10.95 24.55
C LEU D 163 -0.99 -12.09 23.65
N ILE D 164 -0.94 -11.80 22.34
CA ILE D 164 -0.71 -12.84 21.35
C ILE D 164 0.69 -13.44 21.48
N ASN D 165 1.67 -12.65 21.92
CA ASN D 165 3.06 -13.06 21.89
C ASN D 165 3.49 -13.88 23.11
N CYS D 166 2.59 -14.09 24.08
CA CYS D 166 3.04 -14.63 25.37
C CYS D 166 3.52 -16.07 25.25
N ASN D 167 2.83 -16.90 24.48
CA ASN D 167 3.26 -18.28 24.30
C ASN D 167 4.32 -18.43 23.23
N THR D 168 4.89 -17.32 22.75
CA THR D 168 5.93 -17.36 21.72
C THR D 168 7.23 -16.72 22.18
N SER D 169 7.20 -15.44 22.55
CA SER D 169 8.43 -14.71 22.82
C SER D 169 8.15 -13.57 23.79
N ALA D 170 9.22 -12.94 24.26
CA ALA D 170 9.10 -11.74 25.05
C ALA D 170 8.69 -10.56 24.16
N ILE D 171 8.40 -9.43 24.80
CA ILE D 171 7.90 -8.26 24.09
C ILE D 171 8.55 -7.01 24.67
N THR D 172 9.09 -6.17 23.80
CA THR D 172 9.71 -4.90 24.19
C THR D 172 8.92 -3.75 23.59
N GLN D 173 8.49 -2.82 24.43
CA GLN D 173 7.75 -1.66 23.97
C GLN D 173 8.70 -0.65 23.33
N ALA D 174 8.32 -0.16 22.15
CA ALA D 174 9.15 0.81 21.45
C ALA D 174 9.24 2.11 22.25
N CYS D 175 10.46 2.65 22.35
CA CYS D 175 10.68 3.93 23.02
C CYS D 175 9.91 5.03 22.30
N PRO D 176 8.99 5.73 22.97
CA PRO D 176 8.21 6.77 22.28
C PRO D 176 8.99 8.04 21.99
N LYS D 177 10.32 7.98 22.05
CA LYS D 177 11.15 9.12 21.69
C LYS D 177 12.04 8.85 20.48
N VAL D 178 12.01 7.64 19.93
CA VAL D 178 12.70 7.33 18.68
C VAL D 178 11.70 7.51 17.54
N SER D 179 12.22 7.83 16.35
CA SER D 179 11.39 8.18 15.21
C SER D 179 11.27 7.00 14.26
N PHE D 180 10.04 6.68 13.86
CA PHE D 180 9.76 5.68 12.85
C PHE D 180 9.86 6.24 11.43
N GLU D 181 10.45 7.41 11.25
CA GLU D 181 10.42 8.07 9.96
C GLU D 181 11.62 7.66 9.12
N PRO D 182 11.41 7.21 7.88
CA PRO D 182 12.55 6.89 7.00
C PRO D 182 13.35 8.15 6.68
N ILE D 183 14.64 8.12 7.00
CA ILE D 183 15.54 9.23 6.74
C ILE D 183 16.43 8.86 5.55
N PRO D 184 16.67 9.79 4.61
CA PRO D 184 17.62 9.51 3.53
C PRO D 184 18.99 9.08 4.04
N ILE D 185 19.32 7.81 3.84
CA ILE D 185 20.60 7.24 4.26
C ILE D 185 21.49 7.09 3.03
N HIS D 186 22.74 7.53 3.15
CA HIS D 186 23.70 7.46 2.06
C HIS D 186 24.74 6.39 2.36
N TYR D 187 24.87 5.41 1.47
CA TYR D 187 25.89 4.38 1.59
C TYR D 187 27.14 4.81 0.83
N CYS D 188 28.28 4.74 1.50
CA CYS D 188 29.56 5.14 0.92
C CYS D 188 30.57 4.01 1.02
N ALA D 189 31.45 3.94 0.03
CA ALA D 189 32.51 2.94 0.06
C ALA D 189 33.76 3.50 0.72
N PRO D 190 34.51 2.68 1.44
CA PRO D 190 35.72 3.16 2.12
C PRO D 190 36.78 3.61 1.12
N ALA D 191 37.83 4.21 1.66
CA ALA D 191 38.95 4.65 0.83
C ALA D 191 39.62 3.45 0.18
N GLY D 192 39.97 3.60 -1.09
CA GLY D 192 40.49 2.49 -1.86
C GLY D 192 39.44 1.69 -2.59
N PHE D 193 38.18 1.84 -2.24
CA PHE D 193 37.06 1.21 -2.92
C PHE D 193 36.28 2.27 -3.68
N ALA D 194 35.23 1.83 -4.37
CA ALA D 194 34.41 2.75 -5.16
C ALA D 194 33.05 2.13 -5.40
N ILE D 195 32.06 2.99 -5.64
CA ILE D 195 30.71 2.60 -6.00
C ILE D 195 30.49 2.94 -7.46
N LEU D 196 29.94 2.01 -8.22
CA LEU D 196 29.71 2.20 -9.64
C LEU D 196 28.23 2.45 -9.89
N LYS D 197 27.91 3.64 -10.39
CA LYS D 197 26.54 4.00 -10.73
C LYS D 197 26.18 3.37 -12.08
N CYS D 198 24.98 3.68 -12.58
CA CYS D 198 24.54 3.19 -13.87
C CYS D 198 23.44 4.14 -14.37
N LYS D 199 23.82 5.08 -15.24
CA LYS D 199 22.91 6.11 -15.73
C LYS D 199 22.12 5.67 -16.95
N ASP D 200 21.93 4.37 -17.15
CA ASP D 200 21.11 3.88 -18.25
C ASP D 200 19.64 3.92 -17.85
N LYS D 201 18.86 4.72 -18.56
CA LYS D 201 17.48 4.98 -18.18
C LYS D 201 16.50 3.89 -18.65
N LYS D 202 16.99 2.85 -19.31
CA LYS D 202 16.21 1.66 -19.61
C LYS D 202 16.96 0.40 -19.17
N PHE D 203 17.74 0.51 -18.11
CA PHE D 203 18.60 -0.57 -17.64
C PHE D 203 17.79 -1.54 -16.80
N ASN D 204 17.54 -2.74 -17.33
CA ASN D 204 16.98 -3.77 -16.48
C ASN D 204 18.08 -4.29 -15.55
N GLY D 205 17.66 -5.07 -14.55
CA GLY D 205 18.53 -5.35 -13.42
C GLY D 205 19.90 -5.89 -13.79
N THR D 206 19.94 -6.86 -14.68
CA THR D 206 21.18 -7.53 -15.04
C THR D 206 21.71 -6.99 -16.36
N GLY D 207 22.87 -7.49 -16.78
CA GLY D 207 23.46 -7.13 -18.04
C GLY D 207 24.56 -6.10 -17.91
N PRO D 208 25.06 -5.62 -19.04
CA PRO D 208 26.12 -4.61 -19.01
C PRO D 208 25.58 -3.19 -19.17
N CYS D 209 25.77 -2.35 -18.17
CA CYS D 209 25.31 -0.98 -18.25
C CYS D 209 26.22 -0.18 -19.19
N PRO D 210 25.70 0.39 -20.27
CA PRO D 210 26.58 1.07 -21.22
C PRO D 210 27.13 2.39 -20.71
N SER D 211 26.31 3.16 -19.99
CA SER D 211 26.73 4.46 -19.45
C SER D 211 26.94 4.30 -17.95
N VAL D 212 28.20 4.31 -17.53
CA VAL D 212 28.57 4.07 -16.14
C VAL D 212 29.29 5.28 -15.60
N SER D 213 28.99 5.64 -14.35
CA SER D 213 29.72 6.68 -13.62
C SER D 213 30.01 6.15 -12.22
N THR D 214 30.93 6.83 -11.54
CA THR D 214 31.32 6.45 -10.19
C THR D 214 30.91 7.53 -9.19
N VAL D 215 30.56 7.09 -7.99
CA VAL D 215 30.15 7.98 -6.91
C VAL D 215 30.86 7.55 -5.64
N GLN D 216 31.14 8.54 -4.77
CA GLN D 216 31.69 8.22 -3.46
C GLN D 216 30.60 7.67 -2.54
N CYS D 217 29.37 8.14 -2.70
CA CYS D 217 28.25 7.70 -1.87
C CYS D 217 27.02 7.52 -2.75
N THR D 218 26.11 6.65 -2.30
CA THR D 218 24.85 6.48 -2.98
C THR D 218 23.95 7.69 -2.71
N HIS D 219 22.78 7.70 -3.34
CA HIS D 219 21.83 8.77 -3.12
C HIS D 219 21.11 8.57 -1.79
N GLY D 220 20.16 9.46 -1.50
CA GLY D 220 19.40 9.38 -0.26
C GLY D 220 18.45 8.19 -0.25
N ILE D 221 18.90 7.08 0.32
CA ILE D 221 18.07 5.88 0.43
C ILE D 221 17.13 6.03 1.61
N LYS D 222 15.83 6.02 1.35
CA LYS D 222 14.82 6.04 2.41
C LYS D 222 14.44 4.61 2.74
N PRO D 223 14.80 4.09 3.91
CA PRO D 223 14.50 2.68 4.26
C PRO D 223 13.03 2.48 4.64
N VAL D 224 12.14 2.70 3.67
CA VAL D 224 10.70 2.58 3.90
C VAL D 224 10.33 1.11 3.91
N VAL D 225 10.00 0.58 5.09
CA VAL D 225 9.54 -0.79 5.20
C VAL D 225 8.14 -0.87 4.61
N SER D 226 8.00 -1.60 3.51
CA SER D 226 6.71 -1.70 2.83
C SER D 226 6.37 -3.14 2.48
N THR D 227 5.30 -3.35 1.72
CA THR D 227 4.87 -4.67 1.31
C THR D 227 3.96 -4.54 0.11
N GLN D 228 4.16 -5.41 -0.88
CA GLN D 228 3.37 -5.45 -2.12
C GLN D 228 3.52 -4.16 -2.92
N LEU D 229 3.27 -3.02 -2.28
CA LEU D 229 3.34 -1.71 -2.94
C LEU D 229 4.51 -0.95 -2.34
N LEU D 230 5.53 -0.69 -3.15
CA LEU D 230 6.69 0.07 -2.69
C LEU D 230 6.33 1.54 -2.54
N LEU D 231 6.60 2.10 -1.37
CA LEU D 231 6.18 3.45 -1.02
C LEU D 231 7.37 4.40 -0.96
N ASN D 232 7.12 5.65 -1.37
CA ASN D 232 8.07 6.75 -1.27
C ASN D 232 9.40 6.45 -1.96
N GLY D 233 9.44 5.48 -2.86
CA GLY D 233 10.66 5.11 -3.54
C GLY D 233 11.06 6.11 -4.60
N SER D 234 12.13 5.78 -5.32
CA SER D 234 12.62 6.60 -6.41
C SER D 234 11.97 6.16 -7.71
N LEU D 235 11.41 7.13 -8.44
CA LEU D 235 10.76 6.83 -9.70
C LEU D 235 11.78 6.45 -10.76
N ALA D 236 11.27 6.05 -11.92
CA ALA D 236 12.10 5.72 -13.07
C ALA D 236 11.89 6.77 -14.15
N GLU D 237 12.97 7.13 -14.84
CA GLU D 237 12.88 8.05 -15.95
C GLU D 237 12.38 7.32 -17.20
N GLU D 238 11.99 8.10 -18.20
CA GLU D 238 11.45 7.57 -19.45
C GLU D 238 10.21 6.73 -19.22
N GLU D 239 10.34 5.42 -19.35
CA GLU D 239 9.22 4.49 -19.24
C GLU D 239 9.38 3.61 -18.01
N VAL D 240 8.27 2.97 -17.62
CA VAL D 240 8.24 2.09 -16.46
C VAL D 240 8.84 0.74 -16.87
N MET D 241 9.90 0.34 -16.19
CA MET D 241 10.50 -0.98 -16.40
C MET D 241 10.09 -1.92 -15.28
N ILE D 242 10.08 -3.21 -15.60
CA ILE D 242 9.91 -4.26 -14.61
C ILE D 242 11.18 -5.11 -14.62
N ARG D 243 11.46 -5.76 -13.49
CA ARG D 243 12.71 -6.48 -13.37
C ARG D 243 12.49 -7.99 -13.23
N SER D 244 12.71 -8.52 -12.03
CA SER D 244 12.80 -9.96 -11.77
C SER D 244 14.00 -10.56 -12.48
N GLU D 245 14.76 -11.40 -11.77
CA GLU D 245 16.00 -11.94 -12.33
C GLU D 245 15.70 -12.83 -13.54
N ASN D 246 14.75 -13.76 -13.40
CA ASN D 246 14.31 -14.60 -14.50
C ASN D 246 12.78 -14.53 -14.53
N ILE D 247 12.25 -13.75 -15.48
CA ILE D 247 10.82 -13.45 -15.50
C ILE D 247 10.00 -14.71 -15.77
N THR D 248 10.58 -15.70 -16.45
CA THR D 248 9.86 -16.93 -16.73
C THR D 248 9.81 -17.87 -15.52
N ASN D 249 10.63 -17.65 -14.50
CA ASN D 249 10.56 -18.43 -13.28
C ASN D 249 9.51 -17.82 -12.37
N ASN D 250 8.39 -18.54 -12.21
CA ASN D 250 7.26 -18.00 -11.45
C ASN D 250 7.58 -17.80 -9.98
N ALA D 251 8.59 -18.47 -9.45
CA ALA D 251 8.98 -18.35 -8.05
C ALA D 251 9.99 -17.24 -7.82
N LYS D 252 10.02 -16.22 -8.67
CA LYS D 252 10.91 -15.09 -8.52
C LYS D 252 10.08 -13.82 -8.48
N ASN D 253 10.21 -13.07 -7.38
CA ASN D 253 9.41 -11.86 -7.18
C ASN D 253 9.73 -10.83 -8.25
N ILE D 254 8.72 -10.44 -9.02
CA ILE D 254 8.89 -9.45 -10.08
C ILE D 254 8.81 -8.06 -9.48
N LEU D 255 9.83 -7.24 -9.73
CA LEU D 255 9.88 -5.87 -9.24
C LEU D 255 9.55 -4.91 -10.38
N VAL D 256 8.39 -4.28 -10.29
CA VAL D 256 7.98 -3.26 -11.25
C VAL D 256 8.21 -1.89 -10.62
N GLN D 257 8.69 -0.94 -11.42
CA GLN D 257 9.10 0.37 -10.93
C GLN D 257 8.42 1.44 -11.77
N PHE D 258 7.44 2.13 -11.18
CA PHE D 258 6.67 3.13 -11.91
C PHE D 258 7.56 4.28 -12.37
N ASN D 259 7.09 4.99 -13.40
CA ASN D 259 7.71 6.23 -13.84
C ASN D 259 6.91 7.47 -13.45
N THR D 260 5.60 7.32 -13.20
CA THR D 260 4.79 8.37 -12.62
C THR D 260 4.26 7.92 -11.26
N PRO D 261 4.10 8.84 -10.32
CA PRO D 261 3.69 8.43 -8.97
C PRO D 261 2.17 8.39 -8.80
N VAL D 262 1.66 7.27 -8.32
CA VAL D 262 0.24 7.14 -7.99
C VAL D 262 0.05 7.57 -6.54
N GLN D 263 -0.79 8.57 -6.34
CA GLN D 263 -1.00 9.13 -5.01
C GLN D 263 -1.88 8.22 -4.17
N ILE D 264 -1.42 7.87 -2.97
CA ILE D 264 -2.18 7.07 -2.03
C ILE D 264 -2.28 7.83 -0.71
N ASN D 265 -3.51 7.98 -0.21
CA ASN D 265 -3.78 8.62 1.06
C ASN D 265 -4.30 7.59 2.05
N CYS D 266 -3.76 7.60 3.27
CA CYS D 266 -4.16 6.67 4.31
C CYS D 266 -4.44 7.42 5.59
N THR D 267 -5.27 6.82 6.44
CA THR D 267 -5.64 7.47 7.70
C THR D 267 -6.20 6.44 8.66
N ARG D 268 -5.98 6.68 9.95
CA ARG D 268 -6.74 6.06 11.02
C ARG D 268 -7.62 7.13 11.65
N PRO D 269 -8.90 7.19 11.29
CA PRO D 269 -9.72 8.36 11.68
C PRO D 269 -10.00 8.47 13.16
N ASN D 270 -9.86 7.38 13.93
CA ASN D 270 -10.19 7.43 15.35
C ASN D 270 -9.22 8.35 16.09
N ASN D 271 -9.78 9.18 16.97
CA ASN D 271 -9.00 10.09 17.82
C ASN D 271 -8.66 9.32 19.10
N ASN D 272 -7.42 8.84 19.17
CA ASN D 272 -7.00 7.96 20.25
C ASN D 272 -6.39 8.77 21.41
N THR D 273 -6.26 8.10 22.55
CA THR D 273 -5.62 8.66 23.73
C THR D 273 -4.58 7.68 24.24
N ARG D 274 -3.50 8.22 24.79
CA ARG D 274 -2.41 7.42 25.34
C ARG D 274 -2.36 7.62 26.85
N LYS D 275 -2.40 6.51 27.59
CA LYS D 275 -2.37 6.54 29.05
C LYS D 275 -1.08 5.88 29.54
N SER D 276 -0.32 6.61 30.36
CA SER D 276 0.90 6.08 30.96
C SER D 276 0.56 5.30 32.22
N ILE D 277 1.00 4.05 32.27
CA ILE D 277 0.72 3.15 33.39
C ILE D 277 2.04 2.77 34.02
N ARG D 278 2.29 3.29 35.22
CA ARG D 278 3.50 2.94 35.97
C ARG D 278 3.44 1.49 36.40
N ILE D 279 4.34 0.66 35.88
CA ILE D 279 4.36 -0.76 36.18
C ILE D 279 5.67 -1.15 36.89
N GLY D 280 6.38 -0.17 37.45
CA GLY D 280 7.60 -0.43 38.17
C GLY D 280 8.42 0.83 38.37
N PRO D 281 9.60 0.69 38.98
CA PRO D 281 10.49 1.84 39.13
C PRO D 281 11.04 2.32 37.79
N GLY D 282 10.33 3.25 37.16
CA GLY D 282 10.71 3.74 35.85
C GLY D 282 10.09 3.00 34.68
N GLN D 283 9.42 1.88 34.93
CA GLN D 283 8.75 1.12 33.87
C GLN D 283 7.35 1.69 33.69
N ALA D 284 7.13 2.36 32.56
CA ALA D 284 5.86 3.03 32.27
C ALA D 284 5.31 2.50 30.95
N PHE D 285 4.33 1.61 31.03
CA PHE D 285 3.67 1.11 29.84
C PHE D 285 2.61 2.11 29.37
N TYR D 286 2.63 2.43 28.08
CA TYR D 286 1.72 3.40 27.50
C TYR D 286 0.57 2.66 26.84
N ALA D 287 -0.62 2.82 27.39
CA ALA D 287 -1.82 2.11 26.96
C ALA D 287 -2.74 3.05 26.19
N THR D 288 -3.72 2.45 25.51
CA THR D 288 -4.75 3.20 24.79
C THR D 288 -5.90 3.48 25.75
N GLY D 289 -6.02 4.72 26.19
CA GLY D 289 -7.05 5.11 27.13
C GLY D 289 -8.45 4.89 26.61
N ASP D 290 -8.96 5.84 25.83
CA ASP D 290 -10.26 5.70 25.20
C ASP D 290 -10.23 6.43 23.87
N ILE D 291 -11.31 6.28 23.11
CA ILE D 291 -11.45 6.91 21.80
C ILE D 291 -12.34 8.14 21.96
N ILE D 292 -11.76 9.32 21.78
CA ILE D 292 -12.51 10.56 21.84
C ILE D 292 -13.25 10.75 20.52
N GLY D 293 -14.56 10.98 20.62
CA GLY D 293 -15.36 11.23 19.44
C GLY D 293 -15.85 9.98 18.73
N ASP D 294 -15.86 10.03 17.40
CA ASP D 294 -16.40 8.94 16.61
C ASP D 294 -15.49 7.73 16.61
N ILE D 295 -16.09 6.58 16.33
CA ILE D 295 -15.36 5.35 16.04
C ILE D 295 -15.59 5.03 14.57
N ARG D 296 -14.51 4.97 13.79
CA ARG D 296 -14.61 4.77 12.35
C ARG D 296 -13.68 3.62 11.95
N GLN D 297 -13.29 3.61 10.68
CA GLN D 297 -12.54 2.50 10.09
C GLN D 297 -11.33 3.04 9.37
N ALA D 298 -10.15 2.51 9.71
CA ALA D 298 -8.92 2.92 9.05
C ALA D 298 -8.88 2.36 7.62
N HIS D 299 -8.46 3.20 6.68
CA HIS D 299 -8.53 2.83 5.27
C HIS D 299 -7.48 3.64 4.50
N CYS D 300 -7.42 3.38 3.19
CA CYS D 300 -6.53 4.10 2.29
C CYS D 300 -7.27 4.43 1.00
N ASN D 301 -6.80 5.46 0.31
CA ASN D 301 -7.39 5.91 -0.94
C ASN D 301 -6.33 6.01 -2.02
N VAL D 302 -6.72 5.65 -3.25
CA VAL D 302 -5.93 5.91 -4.45
C VAL D 302 -6.87 6.42 -5.52
N SER D 303 -6.33 7.17 -6.47
CA SER D 303 -7.10 7.65 -7.60
C SER D 303 -7.31 6.51 -8.59
N LYS D 304 -8.57 6.13 -8.83
CA LYS D 304 -8.84 5.02 -9.73
C LYS D 304 -8.36 5.31 -11.15
N ALA D 305 -8.40 6.58 -11.56
CA ALA D 305 -7.90 6.94 -12.88
C ALA D 305 -6.40 6.80 -12.96
N THR D 306 -5.68 7.30 -11.95
CA THR D 306 -4.23 7.18 -11.93
C THR D 306 -3.81 5.73 -11.78
N TRP D 307 -4.55 4.94 -11.00
CA TRP D 307 -4.26 3.53 -10.85
C TRP D 307 -4.66 2.73 -12.08
N ASN D 308 -5.67 3.19 -12.83
CA ASN D 308 -6.05 2.50 -14.06
C ASN D 308 -5.00 2.71 -15.16
N GLU D 309 -4.50 3.95 -15.30
CA GLU D 309 -3.48 4.20 -16.29
C GLU D 309 -2.14 3.60 -15.87
N THR D 310 -1.88 3.50 -14.57
CA THR D 310 -0.63 2.90 -14.11
C THR D 310 -0.66 1.39 -14.26
N LEU D 311 -1.80 0.76 -13.93
CA LEU D 311 -1.98 -0.65 -14.25
C LEU D 311 -1.94 -0.89 -15.76
N GLY D 312 -2.25 0.12 -16.56
CA GLY D 312 -2.04 0.01 -17.99
C GLY D 312 -0.57 0.10 -18.36
N LYS D 313 0.18 0.96 -17.67
CA LYS D 313 1.61 1.07 -17.94
C LYS D 313 2.35 -0.22 -17.58
N VAL D 314 1.89 -0.93 -16.54
CA VAL D 314 2.54 -2.17 -16.14
C VAL D 314 2.20 -3.28 -17.12
N VAL D 315 0.94 -3.37 -17.54
CA VAL D 315 0.56 -4.38 -18.51
C VAL D 315 1.15 -4.09 -19.88
N LYS D 316 1.62 -2.86 -20.12
CA LYS D 316 2.32 -2.54 -21.36
C LYS D 316 3.63 -3.32 -21.45
N GLN D 317 4.54 -3.09 -20.50
CA GLN D 317 5.83 -3.77 -20.52
C GLN D 317 5.71 -5.27 -20.25
N LEU D 318 4.60 -5.72 -19.66
CA LEU D 318 4.42 -7.15 -19.43
C LEU D 318 4.22 -7.93 -20.72
N ARG D 319 3.80 -7.26 -21.81
CA ARG D 319 3.63 -7.97 -23.07
C ARG D 319 4.95 -8.22 -23.77
N LYS D 320 5.96 -7.38 -23.51
CA LYS D 320 7.28 -7.56 -24.10
C LYS D 320 7.98 -8.82 -23.59
N HIS D 321 7.47 -9.44 -22.52
CA HIS D 321 8.04 -10.67 -22.00
C HIS D 321 7.13 -11.88 -22.16
N PHE D 322 5.83 -11.68 -22.37
CA PHE D 322 4.88 -12.77 -22.40
C PHE D 322 4.09 -12.89 -23.70
N GLY D 323 4.04 -11.85 -24.52
CA GLY D 323 3.35 -11.93 -25.80
C GLY D 323 2.35 -10.80 -26.01
N ASN D 324 2.21 -10.40 -27.27
CA ASN D 324 1.33 -9.29 -27.64
C ASN D 324 -0.14 -9.69 -27.71
N ASN D 325 -0.46 -10.97 -27.55
CA ASN D 325 -1.84 -11.45 -27.63
C ASN D 325 -2.35 -12.09 -26.35
N THR D 326 -1.48 -12.51 -25.45
CA THR D 326 -1.90 -13.22 -24.26
C THR D 326 -2.62 -12.29 -23.28
N ILE D 327 -3.47 -12.89 -22.46
CA ILE D 327 -4.25 -12.16 -21.47
C ILE D 327 -3.43 -12.00 -20.20
N ILE D 328 -3.59 -10.85 -19.54
CA ILE D 328 -2.91 -10.56 -18.27
C ILE D 328 -4.00 -10.31 -17.23
N ARG D 329 -4.00 -11.14 -16.18
CA ARG D 329 -5.02 -11.09 -15.15
C ARG D 329 -4.40 -10.64 -13.82
N PHE D 330 -5.13 -9.83 -13.08
CA PHE D 330 -4.71 -9.35 -11.76
C PHE D 330 -5.67 -9.88 -10.71
N ALA D 331 -5.10 -10.40 -9.62
CA ALA D 331 -5.88 -10.90 -8.49
C ALA D 331 -5.14 -10.55 -7.20
N ASN D 332 -5.81 -10.80 -6.08
CA ASN D 332 -5.23 -10.50 -4.78
C ASN D 332 -4.33 -11.67 -4.35
N SER D 333 -3.86 -11.61 -3.10
CA SER D 333 -2.97 -12.66 -2.60
C SER D 333 -3.69 -14.00 -2.54
N SER D 334 -2.90 -15.07 -2.50
CA SER D 334 -3.41 -16.43 -2.45
C SER D 334 -3.31 -17.05 -1.07
N GLY D 335 -2.71 -16.36 -0.11
CA GLY D 335 -2.60 -16.88 1.23
C GLY D 335 -1.27 -16.59 1.89
N GLY D 336 -1.09 -17.05 3.14
CA GLY D 336 0.14 -16.85 3.88
C GLY D 336 -0.11 -16.09 5.17
N ASP D 337 0.86 -15.27 5.54
CA ASP D 337 0.76 -14.47 6.77
C ASP D 337 -0.03 -13.19 6.51
N LEU D 338 -0.28 -12.47 7.59
CA LEU D 338 -0.94 -11.17 7.49
C LEU D 338 -0.04 -10.13 6.86
N GLU D 339 1.27 -10.22 7.10
CA GLU D 339 2.20 -9.21 6.61
C GLU D 339 2.37 -9.25 5.10
N VAL D 340 1.96 -10.33 4.44
CA VAL D 340 2.16 -10.50 3.01
C VAL D 340 0.85 -10.38 2.23
N THR D 341 -0.25 -10.91 2.77
CA THR D 341 -1.52 -10.89 2.05
C THR D 341 -2.10 -9.48 1.95
N THR D 342 -1.61 -8.53 2.75
CA THR D 342 -2.12 -7.17 2.75
C THR D 342 -0.98 -6.19 2.59
N HIS D 343 -1.33 -4.97 2.17
CA HIS D 343 -0.38 -3.87 2.14
C HIS D 343 -0.06 -3.45 3.56
N SER D 344 1.14 -3.77 4.03
CA SER D 344 1.56 -3.43 5.38
C SER D 344 2.66 -2.38 5.33
N PHE D 345 2.54 -1.37 6.20
CA PHE D 345 3.48 -0.26 6.22
C PHE D 345 3.30 0.55 7.51
N ASN D 346 3.82 1.78 7.53
CA ASN D 346 3.75 2.64 8.69
C ASN D 346 3.16 3.99 8.29
N CYS D 347 2.25 4.49 9.11
CA CYS D 347 1.53 5.73 8.83
C CYS D 347 1.38 6.49 10.14
N GLY D 348 2.18 7.54 10.31
CA GLY D 348 2.17 8.30 11.54
C GLY D 348 2.74 7.61 12.75
N GLY D 349 3.07 6.32 12.64
CA GLY D 349 3.65 5.60 13.76
C GLY D 349 2.91 4.31 14.10
N GLU D 350 1.92 3.95 13.30
CA GLU D 350 1.15 2.74 13.52
C GLU D 350 1.11 1.91 12.24
N PHE D 351 1.08 0.59 12.43
CA PHE D 351 1.30 -0.36 11.35
C PHE D 351 -0.04 -0.79 10.76
N PHE D 352 -0.34 -0.32 9.56
CA PHE D 352 -1.55 -0.72 8.87
C PHE D 352 -1.38 -2.10 8.24
N TYR D 353 -2.50 -2.67 7.80
CA TYR D 353 -2.52 -3.92 7.04
C TYR D 353 -3.68 -3.81 6.05
N CYS D 354 -3.39 -3.26 4.88
CA CYS D 354 -4.41 -2.83 3.95
C CYS D 354 -4.75 -3.92 2.94
N ASN D 355 -6.02 -4.31 2.92
CA ASN D 355 -6.55 -5.25 1.95
C ASN D 355 -6.44 -4.69 0.53
N THR D 356 -5.52 -5.23 -0.27
CA THR D 356 -5.28 -4.73 -1.62
C THR D 356 -6.09 -5.47 -2.68
N SER D 357 -7.19 -6.11 -2.29
CA SER D 357 -8.00 -6.81 -3.28
C SER D 357 -8.69 -5.84 -4.23
N GLY D 358 -8.97 -4.61 -3.78
CA GLY D 358 -9.56 -3.60 -4.61
C GLY D 358 -8.62 -2.96 -5.62
N LEU D 359 -7.31 -3.19 -5.47
CA LEU D 359 -6.32 -2.67 -6.42
C LEU D 359 -5.97 -3.67 -7.51
N PHE D 360 -6.02 -4.97 -7.21
CA PHE D 360 -5.65 -6.02 -8.16
C PHE D 360 -6.90 -6.82 -8.49
N ASN D 361 -7.66 -6.31 -9.47
CA ASN D 361 -8.89 -6.95 -9.93
C ASN D 361 -9.23 -6.44 -11.32
N SER D 362 -8.40 -6.81 -12.31
CA SER D 362 -8.59 -6.31 -13.67
C SER D 362 -7.94 -7.27 -14.64
N THR D 363 -8.71 -7.73 -15.61
CA THR D 363 -8.21 -8.59 -16.69
C THR D 363 -8.02 -7.74 -17.94
N TRP D 364 -6.78 -7.66 -18.41
CA TRP D 364 -6.41 -6.77 -19.50
C TRP D 364 -6.20 -7.57 -20.78
N ILE D 365 -6.67 -6.99 -21.90
CA ILE D 365 -6.66 -7.65 -23.20
C ILE D 365 -6.61 -6.59 -24.29
N SER D 366 -6.35 -7.04 -25.52
CA SER D 366 -6.40 -6.19 -26.71
C SER D 366 -6.33 -7.04 -27.97
N ASN D 379 -13.16 12.24 -7.28
CA ASN D 379 -14.03 11.84 -8.38
C ASN D 379 -14.10 10.32 -8.51
N ASP D 380 -12.93 9.67 -8.42
CA ASP D 380 -12.83 8.24 -8.61
C ASP D 380 -12.70 7.52 -7.26
N SER D 381 -11.46 7.45 -6.75
CA SER D 381 -11.16 6.96 -5.41
C SER D 381 -11.45 5.48 -5.21
N ILE D 382 -10.40 4.68 -5.06
CA ILE D 382 -10.50 3.29 -4.62
C ILE D 382 -10.11 3.25 -3.14
N THR D 383 -10.96 2.62 -2.33
CA THR D 383 -10.76 2.59 -0.89
C THR D 383 -10.42 1.17 -0.44
N LEU D 384 -9.32 1.04 0.32
CA LEU D 384 -8.87 -0.25 0.85
C LEU D 384 -9.19 -0.34 2.33
N PRO D 385 -9.76 -1.45 2.80
CA PRO D 385 -10.00 -1.61 4.24
C PRO D 385 -8.74 -2.09 4.96
N CYS D 386 -8.19 -1.22 5.80
CA CYS D 386 -6.95 -1.51 6.52
C CYS D 386 -7.25 -1.83 7.98
N ARG D 387 -6.45 -2.73 8.55
CA ARG D 387 -6.47 -3.04 9.97
C ARG D 387 -5.23 -2.43 10.63
N ILE D 388 -5.12 -2.62 11.94
CA ILE D 388 -4.02 -2.05 12.71
C ILE D 388 -3.55 -3.07 13.74
N LYS D 389 -2.24 -3.20 13.88
CA LYS D 389 -1.62 -4.09 14.84
C LYS D 389 -0.62 -3.31 15.68
N GLN D 390 -0.52 -3.67 16.96
CA GLN D 390 0.50 -3.13 17.84
C GLN D 390 1.57 -4.15 18.20
N ILE D 391 1.21 -5.44 18.27
CA ILE D 391 2.16 -6.50 18.57
C ILE D 391 2.63 -7.06 17.23
N ILE D 392 3.79 -6.59 16.77
CA ILE D 392 4.38 -7.09 15.53
C ILE D 392 5.76 -7.64 15.85
N ASN D 393 6.22 -8.56 15.01
CA ASN D 393 7.58 -9.05 15.07
C ASN D 393 8.49 -8.36 14.07
N MET D 394 7.94 -7.94 12.93
CA MET D 394 8.67 -7.30 11.84
C MET D 394 9.72 -8.23 11.26
N TRP D 395 10.27 -7.88 10.10
CA TRP D 395 11.18 -8.74 9.36
C TRP D 395 10.48 -10.08 9.13
N GLN D 396 10.78 -11.06 9.99
CA GLN D 396 10.02 -12.30 10.11
C GLN D 396 10.64 -13.18 11.19
N ARG D 397 11.43 -12.56 12.07
CA ARG D 397 12.19 -13.31 13.05
C ARG D 397 11.29 -13.89 14.13
N ILE D 398 11.65 -15.08 14.59
CA ILE D 398 10.93 -15.75 15.68
C ILE D 398 11.82 -15.62 16.91
N GLY D 399 11.47 -14.71 17.81
CA GLY D 399 12.25 -14.50 19.00
C GLY D 399 11.88 -13.27 19.81
N GLN D 400 11.39 -12.23 19.14
CA GLN D 400 11.05 -10.99 19.82
C GLN D 400 9.96 -10.25 19.05
N ALA D 401 8.99 -9.74 19.78
CA ALA D 401 7.93 -8.90 19.23
C ALA D 401 7.98 -7.52 19.87
N MET D 402 7.55 -6.52 19.12
CA MET D 402 7.58 -5.14 19.58
C MET D 402 6.16 -4.62 19.78
N TYR D 403 5.93 -3.93 20.89
CA TYR D 403 4.69 -3.21 21.13
C TYR D 403 4.88 -1.76 20.73
N ALA D 404 4.12 -1.32 19.73
CA ALA D 404 4.15 0.08 19.32
C ALA D 404 3.16 0.87 20.17
N PRO D 405 3.61 1.82 20.99
CA PRO D 405 2.69 2.63 21.78
C PRO D 405 1.76 3.42 20.87
N PRO D 406 0.49 3.54 21.24
CA PRO D 406 -0.48 4.17 20.34
C PRO D 406 -0.15 5.64 20.10
N ILE D 407 -0.43 6.10 18.89
CA ILE D 407 -0.19 7.47 18.48
C ILE D 407 -1.39 8.32 18.87
N GLN D 408 -1.16 9.36 19.65
CA GLN D 408 -2.24 10.22 20.13
C GLN D 408 -2.71 11.14 19.00
N GLY D 409 -4.02 11.35 18.94
CA GLY D 409 -4.61 12.15 17.90
C GLY D 409 -5.04 11.33 16.71
N VAL D 410 -5.52 12.03 15.68
CA VAL D 410 -5.96 11.39 14.44
C VAL D 410 -4.75 11.21 13.53
N ILE D 411 -4.67 10.05 12.91
CA ILE D 411 -3.54 9.68 12.06
C ILE D 411 -3.94 9.81 10.59
N ARG D 412 -3.10 10.48 9.82
CA ARG D 412 -3.22 10.46 8.36
C ARG D 412 -1.86 10.83 7.77
N CYS D 413 -1.46 10.07 6.74
CA CYS D 413 -0.18 10.28 6.08
C CYS D 413 -0.40 10.22 4.57
N VAL D 414 0.40 10.99 3.84
CA VAL D 414 0.32 11.04 2.39
C VAL D 414 1.63 10.51 1.83
N SER D 415 1.54 9.49 0.98
CA SER D 415 2.72 8.85 0.41
C SER D 415 2.48 8.57 -1.07
N ASN D 416 3.58 8.39 -1.80
CA ASN D 416 3.53 7.89 -3.15
C ASN D 416 3.89 6.42 -3.16
N ILE D 417 3.16 5.64 -3.94
CA ILE D 417 3.57 4.27 -4.26
C ILE D 417 4.31 4.33 -5.59
N THR D 418 5.58 3.93 -5.57
CA THR D 418 6.43 4.01 -6.75
C THR D 418 6.78 2.66 -7.35
N GLY D 419 6.60 1.57 -6.60
CA GLY D 419 6.94 0.26 -7.09
C GLY D 419 5.83 -0.74 -6.94
N LEU D 420 6.16 -2.02 -7.10
CA LEU D 420 5.20 -3.11 -7.03
C LEU D 420 5.96 -4.42 -7.07
N ILE D 421 5.52 -5.39 -6.26
CA ILE D 421 6.16 -6.69 -6.17
C ILE D 421 5.11 -7.73 -6.52
N LEU D 422 5.12 -8.20 -7.76
CA LEU D 422 4.12 -9.12 -8.27
C LEU D 422 4.63 -10.55 -8.23
N THR D 423 3.73 -11.49 -8.51
CA THR D 423 4.06 -12.91 -8.52
C THR D 423 3.08 -13.61 -9.46
N ARG D 424 3.58 -14.07 -10.61
CA ARG D 424 2.73 -14.76 -11.56
C ARG D 424 2.49 -16.20 -11.12
N ASP D 425 1.42 -16.80 -11.64
CA ASP D 425 1.08 -18.18 -11.32
C ASP D 425 1.80 -19.15 -12.23
N ASN D 430 -0.52 -21.86 -17.72
CA ASN D 430 0.20 -23.00 -18.27
C ASN D 430 0.11 -23.05 -19.79
N SER D 431 -0.27 -21.91 -20.38
CA SER D 431 -0.38 -21.81 -21.83
C SER D 431 -0.07 -20.39 -22.30
N THR D 432 -1.11 -19.60 -22.59
CA THR D 432 -0.94 -18.24 -23.07
C THR D 432 -1.99 -17.32 -22.43
N THR D 433 -1.94 -17.24 -21.10
CA THR D 433 -2.72 -16.30 -20.31
C THR D 433 -2.13 -16.26 -18.90
N GLU D 434 -1.50 -15.15 -18.53
CA GLU D 434 -0.73 -15.07 -17.30
C GLU D 434 -1.44 -14.20 -16.27
N THR D 435 -1.74 -14.78 -15.11
CA THR D 435 -2.28 -14.05 -13.99
C THR D 435 -1.16 -13.56 -13.09
N PHE D 436 -1.39 -12.43 -12.42
CA PHE D 436 -0.39 -11.82 -11.55
C PHE D 436 -1.03 -11.45 -10.22
N ARG D 437 -0.33 -11.78 -9.13
CA ARG D 437 -0.77 -11.50 -7.77
C ARG D 437 0.34 -10.79 -7.01
N PRO D 438 0.00 -9.99 -6.02
CA PRO D 438 1.04 -9.31 -5.23
C PRO D 438 1.72 -10.25 -4.25
N GLY D 439 2.98 -9.96 -3.97
CA GLY D 439 3.74 -10.74 -3.02
C GLY D 439 4.72 -9.85 -2.27
N GLY D 440 5.13 -10.35 -1.10
CA GLY D 440 6.09 -9.63 -0.29
C GLY D 440 6.85 -10.56 0.63
N GLY D 441 7.33 -11.67 0.08
CA GLY D 441 8.01 -12.69 0.87
C GLY D 441 9.23 -12.17 1.61
N ASP D 442 10.26 -11.75 0.87
CA ASP D 442 11.50 -11.28 1.46
C ASP D 442 11.50 -9.76 1.55
N MET D 443 12.08 -9.24 2.63
CA MET D 443 12.10 -7.79 2.84
C MET D 443 13.20 -7.12 2.02
N ARG D 444 14.32 -7.79 1.80
CA ARG D 444 15.45 -7.17 1.11
C ARG D 444 15.16 -6.84 -0.35
N ASP D 445 14.00 -7.24 -0.87
CA ASP D 445 13.57 -6.78 -2.18
C ASP D 445 13.24 -5.28 -2.18
N ASN D 446 12.98 -4.71 -0.99
CA ASN D 446 12.69 -3.28 -0.91
C ASN D 446 13.94 -2.46 -1.22
N TRP D 447 15.01 -2.68 -0.44
CA TRP D 447 16.25 -1.93 -0.69
C TRP D 447 16.84 -2.27 -2.05
N ARG D 448 16.56 -3.47 -2.55
CA ARG D 448 17.05 -3.86 -3.87
C ARG D 448 16.43 -3.02 -4.97
N SER D 449 15.18 -2.59 -4.79
CA SER D 449 14.53 -1.69 -5.75
C SER D 449 15.17 -0.31 -5.77
N GLU D 450 16.02 0.01 -4.79
CA GLU D 450 16.73 1.29 -4.76
C GLU D 450 18.22 1.15 -4.96
N LEU D 451 18.80 -0.04 -4.76
CA LEU D 451 20.23 -0.26 -4.89
C LEU D 451 20.58 -1.06 -6.14
N TYR D 452 19.70 -1.11 -7.12
CA TYR D 452 20.03 -1.77 -8.38
C TYR D 452 21.00 -0.94 -9.21
N LYS D 453 21.05 0.37 -9.00
CA LYS D 453 21.90 1.28 -9.76
C LYS D 453 23.34 1.31 -9.27
N TYR D 454 23.72 0.48 -8.30
CA TYR D 454 25.03 0.58 -7.68
C TYR D 454 25.70 -0.78 -7.61
N LYS D 455 27.01 -0.74 -7.33
CA LYS D 455 27.88 -1.90 -7.35
C LYS D 455 29.21 -1.51 -6.72
N VAL D 456 29.75 -2.39 -5.88
CA VAL D 456 30.98 -2.12 -5.13
C VAL D 456 32.16 -2.73 -5.87
N VAL D 457 33.23 -1.95 -6.02
CA VAL D 457 34.47 -2.41 -6.62
C VAL D 457 35.63 -1.88 -5.78
N LYS D 458 36.72 -2.63 -5.76
CA LYS D 458 37.94 -2.22 -5.08
C LYS D 458 38.99 -1.81 -6.08
N ILE D 459 39.74 -0.76 -5.76
CA ILE D 459 40.75 -0.21 -6.65
C ILE D 459 42.09 -0.87 -6.34
N GLU D 460 42.76 -1.35 -7.40
CA GLU D 460 44.09 -1.93 -7.32
C GLU D 460 44.99 -1.13 -8.24
N PRO D 461 45.63 -0.07 -7.73
CA PRO D 461 46.29 0.90 -8.62
C PRO D 461 47.68 0.49 -9.07
N LEU D 462 48.00 -0.80 -9.00
CA LEU D 462 49.31 -1.30 -9.39
C LEU D 462 49.22 -1.95 -10.77
N GLY D 463 49.85 -1.33 -11.75
CA GLY D 463 49.89 -1.86 -13.10
C GLY D 463 51.30 -1.99 -13.64
N VAL D 464 51.63 -3.16 -14.18
CA VAL D 464 52.94 -3.42 -14.76
C VAL D 464 52.76 -3.55 -16.26
N ALA D 465 53.49 -2.75 -17.02
CA ALA D 465 53.38 -2.72 -18.47
C ALA D 465 54.74 -2.44 -19.07
N PRO D 466 55.03 -2.97 -20.25
CA PRO D 466 56.36 -2.79 -20.85
C PRO D 466 56.49 -1.50 -21.64
N THR D 467 57.72 -0.99 -21.63
CA THR D 467 58.12 0.12 -22.49
C THR D 467 59.63 0.15 -22.54
N ARG D 468 60.17 0.72 -23.62
CA ARG D 468 61.60 0.77 -23.84
C ARG D 468 62.29 1.64 -22.79
N CYS D 469 62.30 1.18 -21.54
CA CYS D 469 62.81 1.98 -20.43
C CYS D 469 63.58 1.08 -19.46
N LYS D 470 64.76 1.53 -19.05
CA LYS D 470 65.56 0.83 -18.05
C LYS D 470 66.21 1.87 -17.15
N ARG D 471 66.65 1.42 -15.98
CA ARG D 471 67.31 2.31 -15.04
C ARG D 471 68.82 2.23 -15.20
N ARG D 472 69.50 3.28 -14.71
CA ARG D 472 70.94 3.43 -14.92
C ARG D 472 71.71 2.51 -13.98
N VAL D 473 73.03 2.70 -13.93
CA VAL D 473 73.89 1.88 -13.09
C VAL D 473 74.68 2.77 -12.13
N GLN E 1 -52.18 20.27 4.84
CA GLN E 1 -51.04 19.48 5.28
C GLN E 1 -51.49 18.19 5.95
N VAL E 2 -50.85 17.82 7.04
CA VAL E 2 -51.14 16.59 7.77
C VAL E 2 -51.51 16.94 9.19
N GLN E 3 -52.68 16.45 9.64
CA GLN E 3 -53.09 16.54 11.03
C GLN E 3 -53.64 15.19 11.47
N LEU E 4 -53.61 14.95 12.78
CA LEU E 4 -54.00 13.66 13.33
C LEU E 4 -55.02 13.88 14.44
N GLN E 5 -55.66 12.78 14.85
CA GLN E 5 -56.65 12.81 15.92
C GLN E 5 -56.80 11.40 16.48
N GLU E 6 -56.56 11.25 17.78
CA GLU E 6 -56.67 9.95 18.43
C GLU E 6 -58.09 9.72 18.93
N SER E 7 -58.37 8.48 19.30
CA SER E 7 -59.68 8.11 19.84
C SER E 7 -59.54 6.78 20.57
N GLY E 8 -59.80 6.79 21.87
CA GLY E 8 -59.69 5.60 22.67
C GLY E 8 -60.82 5.46 23.67
N PRO E 9 -60.94 4.27 24.28
CA PRO E 9 -61.98 4.06 25.29
C PRO E 9 -62.01 5.11 26.40
N GLY E 10 -60.85 5.68 26.76
CA GLY E 10 -60.76 6.60 27.86
C GLY E 10 -60.76 5.96 29.23
N LEU E 11 -61.29 4.76 29.36
CA LEU E 11 -61.28 4.02 30.63
C LEU E 11 -61.17 2.54 30.32
N VAL E 12 -60.09 1.91 30.81
CA VAL E 12 -59.88 0.49 30.65
C VAL E 12 -59.58 -0.12 32.01
N LYS E 13 -60.22 -1.25 32.30
CA LYS E 13 -60.04 -1.90 33.58
C LYS E 13 -58.65 -2.52 33.68
N PRO E 14 -58.15 -2.72 34.90
CA PRO E 14 -56.82 -3.32 35.06
C PRO E 14 -56.75 -4.72 34.46
N SER E 15 -55.57 -5.05 33.93
CA SER E 15 -55.31 -6.33 33.26
C SER E 15 -56.30 -6.54 32.11
N GLU E 16 -56.16 -5.70 31.10
CA GLU E 16 -57.06 -5.71 29.95
C GLU E 16 -56.35 -5.06 28.78
N THR E 17 -56.94 -5.22 27.59
CA THR E 17 -56.36 -4.69 26.37
C THR E 17 -56.70 -3.22 26.22
N LEU E 18 -55.68 -2.36 26.21
CA LEU E 18 -55.85 -0.93 26.02
C LEU E 18 -55.84 -0.65 24.52
N SER E 19 -57.00 -0.83 23.90
CA SER E 19 -57.15 -0.56 22.48
C SER E 19 -57.14 0.93 22.22
N LEU E 20 -56.74 1.30 21.00
CA LEU E 20 -56.66 2.71 20.60
C LEU E 20 -56.51 2.77 19.09
N THR E 21 -56.79 3.95 18.55
CA THR E 21 -56.69 4.18 17.11
C THR E 21 -56.36 5.65 16.87
N CYS E 22 -55.98 5.94 15.62
CA CYS E 22 -55.57 7.28 15.25
C CYS E 22 -55.72 7.44 13.74
N THR E 23 -56.55 8.38 13.31
CA THR E 23 -56.80 8.63 11.89
C THR E 23 -56.11 9.93 11.50
N VAL E 24 -55.24 9.84 10.49
CA VAL E 24 -54.51 11.02 10.02
C VAL E 24 -55.31 11.67 8.90
N SER E 25 -55.00 12.94 8.63
CA SER E 25 -55.72 13.73 7.64
C SER E 25 -54.74 14.39 6.68
N GLY E 26 -55.14 14.46 5.41
CA GLY E 26 -54.33 15.14 4.41
C GLY E 26 -52.99 14.52 4.15
N GLY E 27 -52.89 13.20 4.24
CA GLY E 27 -51.64 12.52 3.99
C GLY E 27 -51.78 11.03 3.81
N SER E 28 -50.85 10.42 3.08
CA SER E 28 -50.89 8.98 2.86
C SER E 28 -50.26 8.24 4.04
N ILE E 29 -50.86 7.09 4.38
CA ILE E 29 -50.40 6.32 5.53
C ILE E 29 -49.18 5.46 5.19
N SER E 30 -49.00 5.09 3.91
CA SER E 30 -47.97 4.14 3.51
C SER E 30 -46.72 4.81 2.96
N ASN E 31 -46.40 6.02 3.42
CA ASN E 31 -45.13 6.64 3.01
C ASN E 31 -44.52 7.51 4.11
N TYR E 32 -44.86 7.26 5.37
CA TYR E 32 -44.25 7.98 6.48
C TYR E 32 -44.13 7.04 7.67
N TYR E 33 -43.25 7.40 8.60
CA TYR E 33 -43.14 6.70 9.87
C TYR E 33 -44.11 7.31 10.88
N TRP E 34 -44.58 6.47 11.81
CA TRP E 34 -45.55 6.90 12.81
C TRP E 34 -45.08 6.43 14.18
N SER E 35 -45.16 7.32 15.17
CA SER E 35 -44.70 7.05 16.52
C SER E 35 -45.83 7.27 17.52
N TRP E 36 -45.87 6.42 18.54
CA TRP E 36 -46.80 6.57 19.65
C TRP E 36 -46.04 7.04 20.89
N ILE E 37 -46.63 7.99 21.61
CA ILE E 37 -46.02 8.57 22.81
C ILE E 37 -47.08 8.68 23.88
N ARG E 38 -46.72 8.34 25.11
CA ARG E 38 -47.58 8.54 26.27
C ARG E 38 -46.84 9.38 27.31
N GLN E 39 -47.61 10.22 28.01
CA GLN E 39 -47.05 11.14 28.99
C GLN E 39 -47.93 11.12 30.24
N SER E 40 -47.38 10.57 31.34
CA SER E 40 -48.07 10.44 32.61
C SER E 40 -47.81 11.66 33.49
N PRO E 41 -48.74 11.97 34.40
CA PRO E 41 -48.49 13.09 35.34
C PRO E 41 -47.39 12.72 36.32
N GLY E 42 -46.39 13.59 36.45
CA GLY E 42 -45.23 13.34 37.27
C GLY E 42 -44.09 12.65 36.55
N LYS E 43 -44.36 12.00 35.42
CA LYS E 43 -43.34 11.35 34.61
C LYS E 43 -43.14 12.11 33.32
N GLY E 44 -41.93 11.97 32.75
CA GLY E 44 -41.62 12.57 31.48
C GLY E 44 -42.25 11.82 30.32
N LEU E 45 -41.97 12.32 29.11
CA LEU E 45 -42.46 11.67 27.91
C LEU E 45 -41.87 10.27 27.78
N GLU E 46 -42.68 9.35 27.26
CA GLU E 46 -42.27 7.96 27.08
C GLU E 46 -42.57 7.55 25.64
N TRP E 47 -41.55 7.08 24.93
CA TRP E 47 -41.69 6.66 23.54
C TRP E 47 -42.17 5.21 23.52
N ILE E 48 -43.41 4.99 23.07
CA ILE E 48 -43.97 3.65 22.97
C ILE E 48 -43.20 2.86 21.93
N GLY E 49 -43.53 3.08 20.66
CA GLY E 49 -42.83 2.44 19.57
C GLY E 49 -43.05 3.22 18.31
N TYR E 50 -42.72 2.59 17.18
CA TYR E 50 -42.92 3.26 15.90
C TYR E 50 -43.00 2.22 14.79
N ILE E 51 -43.78 2.55 13.76
CA ILE E 51 -43.97 1.71 12.59
C ILE E 51 -43.48 2.47 11.37
N SER E 52 -42.90 1.73 10.43
CA SER E 52 -42.25 2.32 9.26
C SER E 52 -43.23 2.46 8.09
N ASP E 53 -42.75 3.08 7.01
CA ASP E 53 -43.49 3.04 5.75
C ASP E 53 -43.49 1.66 5.12
N SER E 54 -42.61 0.77 5.59
CA SER E 54 -42.64 -0.64 5.22
C SER E 54 -43.34 -1.49 6.27
N GLU E 55 -43.95 -0.86 7.27
CA GLU E 55 -44.69 -1.53 8.34
C GLU E 55 -43.78 -2.50 9.11
N SER E 56 -42.76 -1.93 9.73
CA SER E 56 -41.80 -2.68 10.54
C SER E 56 -42.02 -2.36 12.02
N THR E 57 -41.80 -3.37 12.85
CA THR E 57 -42.04 -3.27 14.29
C THR E 57 -40.74 -3.00 15.02
N ASN E 58 -40.82 -2.17 16.06
CA ASN E 58 -39.70 -1.87 16.95
C ASN E 58 -40.20 -1.09 18.15
N TYR E 59 -40.29 -1.76 19.30
CA TYR E 59 -40.87 -1.17 20.50
C TYR E 59 -39.80 -0.88 21.54
N ASN E 60 -40.11 0.07 22.41
CA ASN E 60 -39.27 0.34 23.57
C ASN E 60 -39.18 -0.91 24.43
N PRO E 61 -37.98 -1.45 24.69
CA PRO E 61 -37.88 -2.65 25.51
C PRO E 61 -38.44 -2.49 26.91
N SER E 62 -38.66 -1.26 27.38
CA SER E 62 -39.36 -1.04 28.63
C SER E 62 -40.81 -1.48 28.56
N LEU E 63 -41.38 -1.56 27.36
CA LEU E 63 -42.78 -1.94 27.17
C LEU E 63 -42.99 -3.05 26.16
N LYS E 64 -41.95 -3.49 25.43
CA LYS E 64 -42.15 -4.34 24.26
C LYS E 64 -42.86 -5.64 24.61
N SER E 65 -42.70 -6.14 25.84
CA SER E 65 -43.40 -7.36 26.24
C SER E 65 -44.92 -7.19 26.34
N ARG E 66 -45.49 -6.04 25.98
CA ARG E 66 -46.94 -5.82 26.05
C ARG E 66 -47.51 -5.06 24.86
N VAL E 67 -46.71 -4.38 24.06
CA VAL E 67 -47.22 -3.51 23.01
C VAL E 67 -47.30 -4.26 21.69
N ILE E 68 -48.23 -3.85 20.84
CA ILE E 68 -48.33 -4.33 19.46
C ILE E 68 -48.96 -3.22 18.62
N ILE E 69 -48.15 -2.57 17.79
CA ILE E 69 -48.58 -1.42 17.01
C ILE E 69 -48.94 -1.91 15.60
N SER E 70 -50.23 -1.93 15.30
CA SER E 70 -50.71 -2.36 14.00
C SER E 70 -51.06 -1.14 13.13
N VAL E 71 -51.55 -1.41 11.93
CA VAL E 71 -51.90 -0.35 10.98
C VAL E 71 -52.72 -0.96 9.85
N ASP E 72 -53.76 -0.25 9.40
CA ASP E 72 -54.57 -0.66 8.27
C ASP E 72 -54.60 0.48 7.27
N THR E 73 -54.09 0.21 6.06
CA THR E 73 -53.92 1.25 5.05
C THR E 73 -55.16 1.45 4.18
N SER E 74 -56.24 0.72 4.42
CA SER E 74 -57.47 0.96 3.67
C SER E 74 -57.99 2.38 3.94
N LYS E 75 -57.86 2.84 5.18
CA LYS E 75 -58.13 4.22 5.56
C LYS E 75 -56.79 4.90 5.84
N ASN E 76 -56.81 5.94 6.67
CA ASN E 76 -55.59 6.54 7.20
C ASN E 76 -55.47 6.25 8.69
N GLN E 77 -55.77 5.01 9.09
CA GLN E 77 -55.95 4.64 10.47
C GLN E 77 -54.90 3.61 10.88
N LEU E 78 -54.27 3.84 12.03
CA LEU E 78 -53.32 2.90 12.61
C LEU E 78 -53.61 2.78 14.09
N SER E 79 -53.47 1.57 14.63
CA SER E 79 -53.93 1.24 15.96
C SER E 79 -52.75 1.06 16.92
N LEU E 80 -53.09 0.79 18.18
CA LEU E 80 -52.12 0.59 19.25
C LEU E 80 -52.81 -0.18 20.36
N LYS E 81 -52.27 -1.34 20.73
CA LYS E 81 -52.91 -2.23 21.70
C LYS E 81 -51.93 -2.63 22.79
N LEU E 82 -51.91 -1.85 23.87
CA LEU E 82 -51.22 -2.25 25.09
C LEU E 82 -52.16 -3.13 25.92
N ASN E 83 -51.60 -4.17 26.53
CA ASN E 83 -52.40 -5.08 27.33
C ASN E 83 -51.72 -5.30 28.68
N SER E 84 -52.46 -5.96 29.59
CA SER E 84 -52.03 -6.15 30.98
C SER E 84 -51.69 -4.82 31.62
N VAL E 85 -52.63 -3.87 31.52
CA VAL E 85 -52.40 -2.52 32.01
C VAL E 85 -52.43 -2.49 33.53
N THR E 86 -51.73 -1.52 34.10
CA THR E 86 -51.73 -1.26 35.54
C THR E 86 -51.97 0.23 35.76
N ALA E 87 -51.93 0.64 37.03
CA ALA E 87 -52.24 2.03 37.37
C ALA E 87 -51.24 3.00 36.74
N ALA E 88 -50.00 2.56 36.51
CA ALA E 88 -48.98 3.44 35.96
C ALA E 88 -49.17 3.73 34.47
N ASP E 89 -50.14 3.08 33.82
CA ASP E 89 -50.37 3.29 32.40
C ASP E 89 -51.33 4.43 32.11
N SER E 90 -51.77 5.17 33.14
CA SER E 90 -52.61 6.34 32.92
C SER E 90 -51.77 7.47 32.35
N ALA E 91 -52.09 7.91 31.13
CA ALA E 91 -51.32 8.94 30.46
C ALA E 91 -52.11 9.46 29.28
N ILE E 92 -51.65 10.58 28.73
CA ILE E 92 -52.18 11.11 27.49
C ILE E 92 -51.41 10.48 26.33
N TYR E 93 -52.14 9.96 25.35
CA TYR E 93 -51.53 9.25 24.23
C TYR E 93 -51.55 10.14 23.00
N TYR E 94 -50.37 10.50 22.51
CA TYR E 94 -50.20 11.39 21.39
C TYR E 94 -49.84 10.60 20.12
N CYS E 95 -50.41 11.01 19.00
CA CYS E 95 -50.19 10.37 17.71
C CYS E 95 -49.35 11.32 16.87
N ALA E 96 -48.08 10.97 16.67
CA ALA E 96 -47.13 11.82 15.97
C ALA E 96 -46.52 11.08 14.79
N ARG E 97 -46.23 11.82 13.73
CA ARG E 97 -45.60 11.27 12.54
C ARG E 97 -44.08 11.38 12.66
N ALA E 98 -43.40 10.25 12.68
CA ALA E 98 -41.95 10.24 12.68
C ALA E 98 -41.42 10.38 11.26
N GLN E 99 -40.27 11.02 11.15
CA GLN E 99 -39.59 11.18 9.86
C GLN E 99 -38.16 10.72 10.01
N GLN E 100 -37.69 9.91 9.05
CA GLN E 100 -36.40 9.25 9.15
C GLN E 100 -35.28 10.17 8.68
N GLY E 101 -34.27 10.34 9.53
CA GLY E 101 -33.06 11.05 9.16
C GLY E 101 -31.87 10.10 9.25
N LYS E 102 -30.91 10.30 8.36
CA LYS E 102 -29.72 9.46 8.27
C LYS E 102 -28.50 10.34 8.55
N ARG E 103 -27.94 10.21 9.75
CA ARG E 103 -26.79 11.02 10.17
C ARG E 103 -25.52 10.28 9.78
N ILE E 104 -24.87 10.75 8.72
CA ILE E 104 -23.62 10.17 8.23
C ILE E 104 -22.45 10.94 8.83
N TYR E 105 -21.54 10.22 9.50
CA TYR E 105 -20.34 10.81 10.06
C TYR E 105 -19.06 10.33 9.42
N GLY E 106 -19.07 9.19 8.73
CA GLY E 106 -17.89 8.69 8.05
C GLY E 106 -18.17 8.20 6.65
N MET E 107 -17.81 6.95 6.37
CA MET E 107 -18.03 6.36 5.04
C MET E 107 -19.37 5.63 5.02
N VAL E 108 -20.17 5.91 3.99
CA VAL E 108 -21.47 5.27 3.87
C VAL E 108 -21.31 3.79 3.57
N SER E 109 -20.25 3.41 2.87
CA SER E 109 -20.05 2.01 2.50
C SER E 109 -19.64 1.17 3.71
N PHE E 110 -18.82 1.73 4.60
CA PHE E 110 -18.41 1.03 5.82
C PHE E 110 -19.49 1.01 6.88
N GLY E 111 -20.66 1.58 6.61
CA GLY E 111 -21.73 1.62 7.60
C GLY E 111 -21.50 2.60 8.70
N GLU E 112 -20.82 3.72 8.42
CA GLU E 112 -20.51 4.71 9.44
C GLU E 112 -21.59 5.78 9.54
N PHE E 113 -22.84 5.33 9.67
CA PHE E 113 -23.97 6.22 9.87
C PHE E 113 -24.87 5.63 10.94
N PHE E 114 -25.72 6.47 11.51
CA PHE E 114 -26.75 6.04 12.44
C PHE E 114 -28.04 6.79 12.13
N TYR E 115 -29.16 6.11 12.32
CA TYR E 115 -30.47 6.65 11.98
C TYR E 115 -31.12 7.31 13.19
N TYR E 116 -31.55 8.56 13.02
CA TYR E 116 -32.29 9.29 14.03
C TYR E 116 -33.71 9.56 13.54
N TYR E 117 -34.63 9.69 14.48
CA TYR E 117 -36.05 9.88 14.16
C TYR E 117 -36.58 11.10 14.90
N TYR E 118 -37.31 11.94 14.18
CA TYR E 118 -37.90 13.15 14.74
C TYR E 118 -39.36 13.23 14.34
N MET E 119 -40.23 13.56 15.31
CA MET E 119 -41.65 13.74 15.06
C MET E 119 -41.92 15.22 14.80
N ASP E 120 -42.52 15.52 13.65
CA ASP E 120 -42.78 16.90 13.26
C ASP E 120 -44.21 17.35 13.51
N VAL E 121 -45.19 16.51 13.21
CA VAL E 121 -46.60 16.82 13.43
C VAL E 121 -47.14 15.85 14.46
N TRP E 122 -47.95 16.37 15.39
CA TRP E 122 -48.44 15.60 16.52
C TRP E 122 -49.97 15.59 16.53
N GLY E 123 -50.51 14.62 17.27
CA GLY E 123 -51.93 14.59 17.54
C GLY E 123 -52.30 15.41 18.75
N LYS E 124 -53.61 15.50 19.01
CA LYS E 124 -54.08 16.32 20.11
C LYS E 124 -54.01 15.60 21.44
N GLY E 125 -54.20 14.29 21.44
CA GLY E 125 -54.10 13.51 22.66
C GLY E 125 -55.44 12.92 23.07
N THR E 126 -55.37 11.74 23.68
CA THR E 126 -56.56 11.05 24.19
C THR E 126 -56.25 10.56 25.60
N THR E 127 -57.01 11.04 26.57
CA THR E 127 -56.80 10.67 27.96
C THR E 127 -57.34 9.27 28.22
N VAL E 128 -56.50 8.41 28.79
CA VAL E 128 -56.87 7.05 29.14
C VAL E 128 -56.56 6.82 30.61
N THR E 129 -57.59 6.60 31.42
CA THR E 129 -57.44 6.35 32.85
C THR E 129 -57.80 4.90 33.14
N VAL E 130 -57.01 4.26 33.99
CA VAL E 130 -57.23 2.87 34.39
C VAL E 130 -57.69 2.85 35.84
N SER E 131 -58.83 2.23 36.09
CA SER E 131 -59.41 2.15 37.42
C SER E 131 -60.52 1.11 37.41
N SER E 132 -60.58 0.30 38.47
CA SER E 132 -61.65 -0.69 38.58
C SER E 132 -63.02 -0.04 38.75
N ALA E 133 -63.06 1.24 39.11
CA ALA E 133 -64.33 1.95 39.22
C ALA E 133 -64.98 2.10 37.85
N SER E 134 -66.29 1.92 37.81
CA SER E 134 -67.02 1.99 36.55
C SER E 134 -67.13 3.45 36.08
N THR E 135 -67.70 3.63 34.90
CA THR E 135 -67.93 4.96 34.36
C THR E 135 -69.05 5.66 35.13
N LYS E 136 -69.18 6.97 34.89
CA LYS E 136 -70.20 7.76 35.58
C LYS E 136 -70.47 9.02 34.77
N GLY E 137 -71.75 9.29 34.52
CA GLY E 137 -72.15 10.47 33.80
C GLY E 137 -72.25 11.68 34.69
N PRO E 138 -72.18 12.86 34.10
CA PRO E 138 -72.30 14.10 34.90
C PRO E 138 -73.74 14.50 35.17
N SER E 139 -73.92 15.75 35.59
CA SER E 139 -75.25 16.31 35.84
C SER E 139 -75.12 17.83 35.90
N VAL E 140 -75.59 18.51 34.85
CA VAL E 140 -75.37 19.94 34.73
C VAL E 140 -76.41 20.70 35.55
N PHE E 141 -75.94 21.65 36.34
CA PHE E 141 -76.80 22.55 37.12
C PHE E 141 -76.45 23.98 36.74
N PRO E 142 -77.38 24.74 36.18
CA PRO E 142 -77.04 26.06 35.65
C PRO E 142 -76.65 27.05 36.74
N LEU E 143 -75.93 28.08 36.32
CA LEU E 143 -75.51 29.18 37.18
C LEU E 143 -75.99 30.48 36.54
N ALA E 144 -76.94 31.17 37.22
CA ALA E 144 -77.55 32.38 36.69
C ALA E 144 -76.85 33.62 37.22
N PRO E 145 -76.79 34.70 36.43
CA PRO E 145 -76.12 35.93 36.90
C PRO E 145 -77.00 36.73 37.86
N SER E 146 -76.68 38.02 38.02
CA SER E 146 -77.43 38.90 38.89
C SER E 146 -77.16 40.36 38.57
N SER E 147 -77.10 40.68 37.27
CA SER E 147 -76.82 42.04 36.79
C SER E 147 -75.51 42.58 37.38
N GLY E 153 -74.00 46.59 33.02
CA GLY E 153 -72.82 46.68 32.18
C GLY E 153 -72.31 45.33 31.71
N THR E 154 -71.83 44.53 32.66
CA THR E 154 -71.30 43.21 32.37
C THR E 154 -71.64 42.26 33.50
N ALA E 155 -71.96 41.01 33.15
CA ALA E 155 -72.27 39.96 34.11
C ALA E 155 -71.67 38.66 33.62
N ALA E 156 -71.79 37.61 34.44
CA ALA E 156 -71.21 36.32 34.13
C ALA E 156 -72.20 35.21 34.43
N LEU E 157 -72.17 34.16 33.62
CA LEU E 157 -73.04 33.01 33.78
C LEU E 157 -72.31 31.76 33.30
N GLY E 158 -72.70 30.61 33.82
CA GLY E 158 -72.05 29.38 33.45
C GLY E 158 -72.87 28.16 33.83
N CYS E 159 -72.23 27.00 33.72
CA CYS E 159 -72.87 25.72 33.99
C CYS E 159 -71.98 24.91 34.94
N LEU E 160 -72.60 24.35 35.97
CA LEU E 160 -71.90 23.54 36.96
C LEU E 160 -72.04 22.07 36.56
N VAL E 161 -70.93 21.46 36.17
CA VAL E 161 -70.89 20.06 35.76
C VAL E 161 -70.43 19.28 36.99
N LYS E 162 -71.39 18.77 37.76
CA LYS E 162 -71.09 18.09 39.01
C LYS E 162 -70.58 16.67 38.74
N ASP E 163 -70.46 15.89 39.82
CA ASP E 163 -69.88 14.54 39.87
C ASP E 163 -69.90 13.76 38.56
N TYR E 164 -68.71 13.52 37.99
CA TYR E 164 -68.58 12.66 36.82
C TYR E 164 -67.25 11.94 36.89
N PHE E 165 -67.08 10.93 36.03
CA PHE E 165 -65.88 10.12 36.03
C PHE E 165 -65.86 9.30 34.75
N PRO E 166 -64.72 9.22 34.05
CA PRO E 166 -63.50 9.94 34.39
C PRO E 166 -63.25 11.17 33.51
N GLU E 167 -62.08 11.77 33.66
CA GLU E 167 -61.69 12.91 32.85
C GLU E 167 -61.61 12.48 31.38
N PRO E 168 -61.95 13.37 30.43
CA PRO E 168 -62.47 14.73 30.61
C PRO E 168 -63.91 14.91 30.12
N VAL E 169 -64.34 16.18 30.09
CA VAL E 169 -65.61 16.58 29.50
C VAL E 169 -65.35 17.78 28.60
N THR E 170 -66.20 17.95 27.60
CA THR E 170 -66.11 19.06 26.66
C THR E 170 -67.34 19.94 26.81
N VAL E 171 -67.12 21.26 26.85
CA VAL E 171 -68.18 22.23 27.07
C VAL E 171 -68.27 23.14 25.86
N SER E 172 -69.45 23.20 25.25
CA SER E 172 -69.75 24.13 24.17
C SER E 172 -70.90 25.04 24.58
N TRP E 173 -70.95 26.23 23.99
CA TRP E 173 -71.98 27.21 24.29
C TRP E 173 -72.73 27.55 23.00
N ASN E 174 -74.04 27.34 23.01
CA ASN E 174 -74.89 27.54 21.84
C ASN E 174 -74.42 26.68 20.67
N SER E 175 -74.00 25.44 20.99
CA SER E 175 -73.59 24.44 20.00
C SER E 175 -72.30 24.85 19.30
N GLY E 176 -71.73 26.00 19.66
CA GLY E 176 -70.49 26.43 19.05
C GLY E 176 -70.50 27.87 18.60
N ALA E 177 -71.68 28.48 18.57
CA ALA E 177 -71.78 29.88 18.16
C ALA E 177 -71.11 30.81 19.19
N LEU E 178 -71.51 30.70 20.46
CA LEU E 178 -70.92 31.51 21.51
C LEU E 178 -69.55 30.96 21.86
N THR E 179 -68.50 31.68 21.47
CA THR E 179 -67.13 31.26 21.73
C THR E 179 -66.23 32.37 22.26
N SER E 180 -66.73 33.59 22.39
CA SER E 180 -65.98 34.69 22.96
C SER E 180 -66.38 34.89 24.42
N GLY E 181 -65.38 35.13 25.27
CA GLY E 181 -65.61 35.26 26.69
C GLY E 181 -65.80 33.95 27.43
N VAL E 182 -65.87 32.82 26.72
CA VAL E 182 -66.03 31.53 27.37
C VAL E 182 -64.77 31.21 28.18
N HIS E 183 -64.96 30.57 29.33
CA HIS E 183 -63.83 30.23 30.20
C HIS E 183 -64.17 28.94 30.94
N THR E 184 -63.85 27.81 30.32
CA THR E 184 -64.03 26.52 30.96
C THR E 184 -62.87 26.27 31.93
N PHE E 185 -63.21 25.89 33.16
CA PHE E 185 -62.24 25.79 34.24
C PHE E 185 -61.73 24.37 34.39
N PRO E 186 -60.53 24.19 34.95
CA PRO E 186 -60.05 22.84 35.23
C PRO E 186 -60.89 22.17 36.32
N ALA E 187 -61.04 20.86 36.18
CA ALA E 187 -61.90 20.10 37.07
C ALA E 187 -61.23 19.91 38.43
N VAL E 188 -61.96 19.26 39.34
CA VAL E 188 -61.49 18.99 40.69
C VAL E 188 -61.88 17.56 41.06
N LEU E 189 -60.89 16.73 41.33
CA LEU E 189 -61.13 15.36 41.76
C LEU E 189 -61.52 15.37 43.23
N GLN E 190 -62.82 15.28 43.51
CA GLN E 190 -63.29 15.23 44.87
C GLN E 190 -62.84 13.93 45.55
N SER E 191 -62.83 13.95 46.89
CA SER E 191 -62.42 12.78 47.64
C SER E 191 -63.33 11.57 47.39
N SER E 192 -64.54 11.79 46.90
CA SER E 192 -65.42 10.70 46.51
C SER E 192 -64.97 10.00 45.23
N GLY E 193 -64.00 10.56 44.53
CA GLY E 193 -63.47 9.96 43.32
C GLY E 193 -64.07 10.46 42.02
N LEU E 194 -64.81 11.56 42.05
CA LEU E 194 -65.47 12.09 40.87
C LEU E 194 -65.00 13.51 40.61
N TYR E 195 -64.83 13.85 39.33
CA TYR E 195 -64.41 15.18 38.95
C TYR E 195 -65.60 16.13 38.87
N SER E 196 -65.35 17.40 39.12
CA SER E 196 -66.37 18.45 39.04
C SER E 196 -65.79 19.62 38.26
N LEU E 197 -66.40 19.93 37.13
CA LEU E 197 -65.98 21.02 36.27
C LEU E 197 -67.02 22.13 36.26
N SER E 198 -66.55 23.37 36.15
CA SER E 198 -67.41 24.54 36.21
C SER E 198 -67.07 25.48 35.06
N SER E 199 -67.96 25.55 34.07
CA SER E 199 -67.80 26.48 32.97
C SER E 199 -68.46 27.82 33.30
N VAL E 200 -68.02 28.87 32.62
CA VAL E 200 -68.55 30.21 32.85
C VAL E 200 -68.26 31.05 31.61
N VAL E 201 -69.18 31.96 31.30
CA VAL E 201 -69.09 32.83 30.14
C VAL E 201 -69.40 34.26 30.56
N THR E 202 -68.54 35.20 30.19
CA THR E 202 -68.81 36.61 30.39
C THR E 202 -69.69 37.12 29.24
N VAL E 203 -70.73 37.88 29.60
CA VAL E 203 -71.74 38.29 28.64
C VAL E 203 -72.17 39.73 28.93
N PRO E 204 -72.37 40.57 27.91
CA PRO E 204 -72.84 41.93 28.15
C PRO E 204 -74.21 41.94 28.81
N SER E 205 -74.40 42.88 29.73
CA SER E 205 -75.65 42.94 30.49
C SER E 205 -76.85 43.28 29.61
N SER E 206 -76.62 43.75 28.39
CA SER E 206 -77.72 44.07 27.49
C SER E 206 -78.41 42.80 26.99
N SER E 207 -77.63 41.75 26.71
CA SER E 207 -78.17 40.51 26.19
C SER E 207 -78.72 39.59 27.27
N LEU E 208 -78.76 40.04 28.53
CA LEU E 208 -79.36 39.22 29.58
C LEU E 208 -80.86 39.06 29.37
N GLY E 209 -81.49 40.02 28.70
CA GLY E 209 -82.92 39.94 28.44
C GLY E 209 -83.31 40.49 27.08
N THR E 210 -83.36 39.63 26.07
CA THR E 210 -83.05 38.22 26.22
C THR E 210 -82.27 37.68 25.02
N GLN E 211 -81.10 37.10 25.29
CA GLN E 211 -80.33 36.36 24.31
C GLN E 211 -80.15 34.95 24.84
N THR E 212 -80.74 33.97 24.16
CA THR E 212 -80.77 32.60 24.65
C THR E 212 -79.36 32.03 24.76
N TYR E 213 -79.04 31.48 25.93
CA TYR E 213 -77.76 30.87 26.21
C TYR E 213 -77.98 29.44 26.68
N ILE E 214 -77.35 28.48 26.01
CA ILE E 214 -77.44 27.08 26.37
C ILE E 214 -76.04 26.47 26.30
N CYS E 215 -75.62 25.83 27.38
CA CYS E 215 -74.31 25.18 27.43
C CYS E 215 -74.43 23.73 26.98
N ASN E 216 -73.50 23.29 26.15
CA ASN E 216 -73.46 21.93 25.64
C ASN E 216 -72.38 21.16 26.40
N VAL E 217 -72.78 20.10 27.09
CA VAL E 217 -71.87 19.29 27.90
C VAL E 217 -71.82 17.89 27.32
N ASN E 218 -70.61 17.41 27.05
CA ASN E 218 -70.39 16.07 26.51
C ASN E 218 -69.40 15.33 27.39
N HIS E 219 -69.73 14.10 27.73
CA HIS E 219 -68.85 13.20 28.49
C HIS E 219 -68.86 11.86 27.77
N LYS E 220 -67.81 11.58 27.01
CA LYS E 220 -67.79 10.41 26.14
C LYS E 220 -67.85 9.08 26.88
N PRO E 221 -67.13 8.85 27.98
CA PRO E 221 -67.20 7.54 28.65
C PRO E 221 -68.58 7.17 29.16
N SER E 222 -69.57 8.06 29.10
CA SER E 222 -70.93 7.75 29.54
C SER E 222 -71.96 7.85 28.43
N ASN E 223 -71.55 8.23 27.21
CA ASN E 223 -72.48 8.38 26.08
C ASN E 223 -73.60 9.35 26.40
N THR E 224 -73.24 10.49 26.98
CA THR E 224 -74.20 11.49 27.42
C THR E 224 -73.98 12.80 26.67
N LYS E 225 -75.07 13.53 26.45
CA LYS E 225 -75.04 14.83 25.79
C LYS E 225 -76.22 15.63 26.33
N VAL E 226 -75.99 16.38 27.41
CA VAL E 226 -77.04 17.10 28.09
C VAL E 226 -76.82 18.60 27.91
N ASP E 227 -77.91 19.35 28.02
CA ASP E 227 -77.89 20.80 27.90
C ASP E 227 -78.83 21.39 28.95
N LYS E 228 -78.74 22.70 29.13
CA LYS E 228 -79.63 23.41 30.04
C LYS E 228 -79.54 24.90 29.77
N LYS E 229 -80.63 25.60 30.07
CA LYS E 229 -80.72 27.04 29.89
C LYS E 229 -80.09 27.76 31.08
N VAL E 230 -79.94 29.07 30.94
CA VAL E 230 -79.45 29.94 32.02
C VAL E 230 -80.24 31.23 31.97
N GLU E 231 -80.93 31.56 33.06
CA GLU E 231 -81.76 32.76 33.13
C GLU E 231 -82.00 33.10 34.58
N PRO E 232 -82.07 34.40 34.95
CA PRO E 232 -82.24 34.85 36.33
C PRO E 232 -83.45 34.25 37.03
N SER F 4 -39.32 10.41 34.64
CA SER F 4 -38.24 11.37 34.47
C SER F 4 -38.37 12.53 35.44
N TYR F 5 -37.24 12.96 36.00
CA TYR F 5 -37.22 14.08 36.94
C TYR F 5 -36.98 15.39 36.19
N VAL F 6 -37.24 16.49 36.88
CA VAL F 6 -37.25 17.82 36.28
C VAL F 6 -36.05 18.62 36.78
N ARG F 7 -35.41 19.37 35.85
CA ARG F 7 -34.34 20.30 36.18
C ARG F 7 -34.89 21.72 36.17
N PRO F 8 -34.73 22.47 37.25
CA PRO F 8 -35.26 23.84 37.28
C PRO F 8 -34.42 24.80 36.45
N LEU F 9 -35.03 25.92 36.10
CA LEU F 9 -34.36 26.98 35.36
C LEU F 9 -35.12 28.28 35.63
N SER F 10 -34.37 29.38 35.65
CA SER F 10 -34.95 30.70 35.95
C SER F 10 -34.24 31.75 35.10
N VAL F 11 -34.95 32.28 34.11
CA VAL F 11 -34.45 33.37 33.29
C VAL F 11 -35.42 34.54 33.41
N ALA F 12 -34.94 35.72 33.02
CA ALA F 12 -35.75 36.93 33.08
C ALA F 12 -36.44 37.17 31.74
N LEU F 13 -37.57 37.87 31.79
CA LEU F 13 -38.33 38.18 30.59
C LEU F 13 -37.52 39.07 29.66
N GLY F 14 -37.37 38.63 28.41
CA GLY F 14 -36.62 39.38 27.42
C GLY F 14 -35.14 39.08 27.36
N GLU F 15 -34.63 38.23 28.26
CA GLU F 15 -33.21 37.89 28.28
C GLU F 15 -32.99 36.68 27.37
N THR F 16 -31.85 36.00 27.53
CA THR F 16 -31.51 34.82 26.74
C THR F 16 -31.35 33.62 27.66
N ALA F 17 -31.72 32.45 27.15
CA ALA F 17 -31.64 31.20 27.89
C ALA F 17 -30.64 30.27 27.22
N SER F 18 -30.06 29.37 28.03
CA SER F 18 -29.06 28.40 27.56
C SER F 18 -29.39 27.05 28.19
N ILE F 19 -30.35 26.35 27.60
CA ILE F 19 -30.79 25.05 28.09
C ILE F 19 -29.77 24.01 27.66
N SER F 20 -28.85 23.66 28.56
CA SER F 20 -27.83 22.66 28.27
C SER F 20 -28.43 21.26 28.33
N CYS F 21 -27.98 20.40 27.43
CA CYS F 21 -28.45 19.01 27.42
C CYS F 21 -27.92 18.27 28.64
N GLY F 22 -28.75 17.38 29.18
CA GLY F 22 -28.38 16.63 30.36
C GLY F 22 -27.62 15.35 30.07
N ARG F 23 -27.67 14.90 28.82
CA ARG F 23 -27.01 13.68 28.39
C ARG F 23 -26.09 14.03 27.23
N GLN F 24 -24.86 14.43 27.54
CA GLN F 24 -23.93 14.85 26.52
C GLN F 24 -23.54 13.69 25.62
N ALA F 25 -23.22 14.03 24.37
CA ALA F 25 -22.96 13.02 23.35
C ALA F 25 -21.55 12.46 23.48
N LEU F 26 -21.34 11.29 22.87
CA LEU F 26 -20.05 10.63 22.84
C LEU F 26 -19.38 10.69 21.47
N GLY F 27 -20.17 10.59 20.39
CA GLY F 27 -19.64 10.74 19.06
C GLY F 27 -20.29 11.88 18.30
N SER F 28 -20.52 11.70 17.00
CA SER F 28 -21.26 12.69 16.24
C SER F 28 -22.73 12.62 16.61
N ARG F 29 -23.32 13.76 16.94
CA ARG F 29 -24.64 13.81 17.54
C ARG F 29 -25.69 14.32 16.55
N ALA F 30 -26.94 13.92 16.81
CA ALA F 30 -28.11 14.39 16.06
C ALA F 30 -29.20 14.63 17.10
N VAL F 31 -29.24 15.83 17.66
CA VAL F 31 -30.07 16.14 18.82
C VAL F 31 -31.40 16.72 18.36
N GLN F 32 -32.48 16.30 19.02
CA GLN F 32 -33.81 16.84 18.82
C GLN F 32 -34.22 17.64 20.07
N TRP F 33 -34.90 18.76 19.84
CA TRP F 33 -35.39 19.61 20.92
C TRP F 33 -36.91 19.71 20.83
N TYR F 34 -37.58 19.48 21.95
CA TYR F 34 -39.04 19.50 22.01
C TYR F 34 -39.49 20.46 23.10
N GLN F 35 -40.47 21.30 22.77
CA GLN F 35 -41.12 22.18 23.75
C GLN F 35 -42.42 21.51 24.17
N HIS F 36 -42.49 21.05 25.41
CA HIS F 36 -43.63 20.31 25.92
C HIS F 36 -44.27 21.08 27.06
N ARG F 37 -45.39 21.74 26.77
CA ARG F 37 -46.17 22.33 27.85
C ARG F 37 -46.94 21.23 28.58
N PRO F 38 -47.05 21.32 29.90
CA PRO F 38 -47.67 20.21 30.67
C PRO F 38 -49.12 20.00 30.26
N GLY F 39 -49.46 18.73 30.02
CA GLY F 39 -50.81 18.40 29.57
C GLY F 39 -51.16 19.00 28.24
N GLN F 40 -50.22 18.94 27.28
CA GLN F 40 -50.43 19.54 25.97
C GLN F 40 -49.53 18.85 24.96
N ALA F 41 -49.82 19.06 23.68
CA ALA F 41 -49.03 18.46 22.63
C ALA F 41 -47.64 19.07 22.58
N PRO F 42 -46.58 18.28 22.54
CA PRO F 42 -45.23 18.84 22.42
C PRO F 42 -45.02 19.49 21.06
N ILE F 43 -43.99 20.34 20.99
CA ILE F 43 -43.67 21.11 19.80
C ILE F 43 -42.23 20.80 19.41
N LEU F 44 -42.04 20.36 18.17
CA LEU F 44 -40.69 20.13 17.64
C LEU F 44 -40.03 21.48 17.36
N LEU F 45 -38.99 21.81 18.14
CA LEU F 45 -38.26 23.05 17.95
C LEU F 45 -37.10 22.88 16.99
N ILE F 46 -36.29 21.84 17.19
CA ILE F 46 -35.13 21.55 16.35
C ILE F 46 -34.99 20.04 16.21
N TYR F 47 -35.00 19.54 14.97
CA TYR F 47 -34.93 18.11 14.71
C TYR F 47 -33.51 17.64 14.43
N ASN F 48 -32.86 18.23 13.43
CA ASN F 48 -31.45 17.98 13.21
C ASN F 48 -30.65 19.08 13.91
N ASN F 49 -29.58 18.68 14.59
CA ASN F 49 -28.75 19.49 15.48
C ASN F 49 -28.99 21.00 15.40
N GLN F 50 -29.09 21.54 14.18
CA GLN F 50 -29.25 22.97 13.97
C GLN F 50 -30.50 23.34 13.17
N ASP F 51 -31.19 22.37 12.58
CA ASP F 51 -32.29 22.65 11.67
C ASP F 51 -33.62 22.76 12.41
N ARG F 52 -34.45 23.72 11.99
CA ARG F 52 -35.75 23.97 12.56
C ARG F 52 -36.85 23.67 11.54
N PRO F 53 -38.06 23.39 11.99
CA PRO F 53 -39.18 23.18 11.06
C PRO F 53 -39.78 24.52 10.64
N SER F 54 -40.79 24.43 9.76
CA SER F 54 -41.51 25.61 9.30
C SER F 54 -42.53 26.02 10.36
N GLY F 55 -42.38 27.22 10.89
CA GLY F 55 -43.23 27.73 11.94
C GLY F 55 -42.58 27.91 13.29
N ILE F 56 -41.27 28.05 13.35
CA ILE F 56 -40.53 28.25 14.60
C ILE F 56 -39.72 29.53 14.44
N PRO F 57 -39.76 30.44 15.42
CA PRO F 57 -39.03 31.71 15.28
C PRO F 57 -37.53 31.49 15.25
N GLU F 58 -36.83 32.51 14.74
CA GLU F 58 -35.37 32.48 14.69
C GLU F 58 -34.76 32.42 16.09
N ARG F 59 -35.47 32.93 17.09
CA ARG F 59 -34.95 33.02 18.45
C ARG F 59 -34.78 31.65 19.11
N PHE F 60 -35.04 30.55 18.40
CA PHE F 60 -34.77 29.21 18.88
C PHE F 60 -33.67 28.60 18.02
N SER F 61 -32.48 28.50 18.57
CA SER F 61 -31.30 28.04 17.84
C SER F 61 -30.71 26.80 18.50
N GLY F 62 -30.25 25.87 17.68
CA GLY F 62 -29.57 24.67 18.16
C GLY F 62 -28.14 24.64 17.69
N THR F 63 -27.27 24.09 18.52
CA THR F 63 -25.84 24.11 18.25
C THR F 63 -25.47 22.94 17.34
N PRO F 64 -24.84 23.19 16.20
CA PRO F 64 -24.37 22.10 15.35
C PRO F 64 -23.00 21.59 15.80
N ASP F 65 -22.73 20.33 15.45
CA ASP F 65 -21.45 19.72 15.77
C ASP F 65 -20.59 19.71 14.50
N ILE F 66 -19.76 20.74 14.37
CA ILE F 66 -18.77 20.81 13.30
C ILE F 66 -17.41 20.34 13.79
N ASN F 67 -17.00 20.76 14.98
CA ASN F 67 -15.86 20.22 15.68
C ASN F 67 -16.34 19.52 16.93
N PHE F 68 -15.91 18.27 17.13
CA PHE F 68 -16.33 17.52 18.31
C PHE F 68 -15.82 18.19 19.58
N GLY F 69 -16.70 18.29 20.57
CA GLY F 69 -16.37 18.95 21.82
C GLY F 69 -17.45 19.92 22.26
N THR F 70 -18.04 20.63 21.31
CA THR F 70 -19.11 21.57 21.59
C THR F 70 -20.37 20.79 21.98
N ARG F 71 -20.80 20.95 23.24
CA ARG F 71 -21.98 20.24 23.71
C ARG F 71 -23.24 20.83 23.08
N ALA F 72 -24.29 20.01 23.04
CA ALA F 72 -25.56 20.43 22.47
C ALA F 72 -26.34 21.25 23.48
N THR F 73 -26.66 22.50 23.13
CA THR F 73 -27.41 23.39 24.00
C THR F 73 -28.51 24.07 23.19
N LEU F 74 -29.61 24.37 23.87
CA LEU F 74 -30.75 25.08 23.27
C LEU F 74 -30.71 26.52 23.73
N THR F 75 -30.71 27.45 22.77
CA THR F 75 -30.59 28.88 23.06
C THR F 75 -31.90 29.57 22.72
N ILE F 76 -32.53 30.18 23.73
CA ILE F 76 -33.77 30.92 23.58
C ILE F 76 -33.45 32.39 23.83
N SER F 77 -33.40 33.17 22.75
CA SER F 77 -33.13 34.60 22.85
C SER F 77 -34.44 35.38 22.88
N GLY F 78 -34.51 36.38 23.75
CA GLY F 78 -35.72 37.15 23.91
C GLY F 78 -36.89 36.31 24.39
N VAL F 79 -36.79 35.82 25.63
CA VAL F 79 -37.79 34.91 26.15
C VAL F 79 -39.11 35.65 26.38
N GLU F 80 -40.22 34.94 26.17
CA GLU F 80 -41.55 35.43 26.48
C GLU F 80 -42.09 34.74 27.72
N ALA F 81 -43.24 35.22 28.18
CA ALA F 81 -43.93 34.51 29.26
C ALA F 81 -44.51 33.19 28.79
N GLY F 82 -44.88 33.10 27.50
CA GLY F 82 -45.40 31.87 26.95
C GLY F 82 -44.36 30.80 26.70
N ASP F 83 -43.07 31.15 26.78
CA ASP F 83 -42.00 30.16 26.63
C ASP F 83 -41.87 29.25 27.84
N GLU F 84 -42.67 29.45 28.88
CA GLU F 84 -42.65 28.56 30.03
C GLU F 84 -43.23 27.20 29.64
N ALA F 85 -42.40 26.17 29.69
CA ALA F 85 -42.81 24.80 29.38
C ALA F 85 -41.67 23.87 29.80
N ASP F 86 -41.74 22.62 29.37
CA ASP F 86 -40.67 21.67 29.53
C ASP F 86 -39.89 21.55 28.23
N TYR F 87 -38.59 21.27 28.34
CA TYR F 87 -37.71 21.13 27.19
C TYR F 87 -36.95 19.83 27.30
N TYR F 88 -36.87 19.09 26.19
CA TYR F 88 -36.29 17.76 26.16
C TYR F 88 -35.14 17.71 25.16
N CYS F 89 -34.09 16.99 25.52
CA CYS F 89 -32.91 16.79 24.67
C CYS F 89 -32.89 15.34 24.22
N HIS F 90 -33.39 15.09 23.02
CA HIS F 90 -33.39 13.75 22.44
C HIS F 90 -32.03 13.53 21.78
N MET F 91 -31.13 12.87 22.50
CA MET F 91 -29.73 12.77 22.07
C MET F 91 -29.52 11.49 21.27
N TRP F 92 -29.14 11.65 20.00
CA TRP F 92 -28.76 10.56 19.13
C TRP F 92 -27.29 10.74 18.76
N ASP F 93 -26.46 9.73 19.04
CA ASP F 93 -25.05 9.78 18.67
C ASP F 93 -24.63 8.40 18.16
N SER F 94 -23.40 8.36 17.63
CA SER F 94 -22.90 7.14 17.01
C SER F 94 -22.45 6.09 18.01
N ARG F 95 -22.09 6.49 19.24
CA ARG F 95 -21.60 5.56 20.24
C ARG F 95 -22.74 4.89 21.00
N SER F 96 -23.60 5.69 21.64
CA SER F 96 -24.77 5.13 22.30
C SER F 96 -25.73 4.59 21.25
N GLY F 97 -26.50 3.58 21.65
CA GLY F 97 -27.36 2.86 20.72
C GLY F 97 -28.57 3.63 20.24
N PHE F 98 -29.76 3.06 20.47
CA PHE F 98 -31.00 3.66 20.00
C PHE F 98 -31.59 4.52 21.10
N SER F 99 -31.75 5.82 20.81
CA SER F 99 -32.25 6.79 21.79
C SER F 99 -33.75 6.58 21.97
N TRP F 100 -34.10 5.62 22.82
CA TRP F 100 -35.50 5.32 23.06
C TRP F 100 -36.15 6.41 23.90
N SER F 101 -35.54 6.77 25.02
CA SER F 101 -36.12 7.77 25.90
C SER F 101 -35.78 9.17 25.40
N PHE F 102 -36.65 10.12 25.73
CA PHE F 102 -36.39 11.53 25.46
C PHE F 102 -35.42 12.04 26.52
N GLY F 103 -35.18 13.35 26.53
CA GLY F 103 -34.30 13.94 27.51
C GLY F 103 -34.89 13.90 28.91
N GLY F 104 -34.22 14.62 29.81
CA GLY F 104 -34.71 14.74 31.17
C GLY F 104 -35.94 15.61 31.24
N ALA F 105 -35.81 16.80 31.81
CA ALA F 105 -36.88 17.78 31.87
C ALA F 105 -36.36 19.13 32.36
N THR F 106 -36.32 20.12 31.49
CA THR F 106 -35.91 21.47 31.86
C THR F 106 -37.15 22.36 31.85
N ARG F 107 -37.70 22.61 33.04
CA ARG F 107 -38.90 23.42 33.18
C ARG F 107 -38.47 24.89 33.27
N LEU F 108 -38.53 25.59 32.14
CA LEU F 108 -38.15 26.99 32.10
C LEU F 108 -39.22 27.85 32.78
N THR F 109 -38.83 28.55 33.85
CA THR F 109 -39.71 29.45 34.56
C THR F 109 -39.21 30.88 34.36
N VAL F 110 -40.03 31.71 33.71
CA VAL F 110 -39.65 33.08 33.41
C VAL F 110 -40.00 33.97 34.60
N LEU F 111 -39.01 34.70 35.09
CA LEU F 111 -39.18 35.59 36.23
C LEU F 111 -39.45 37.01 35.76
N GLY F 112 -40.13 37.78 36.61
CA GLY F 112 -40.38 39.18 36.31
C GLY F 112 -41.57 39.43 35.41
N GLN F 113 -42.56 38.54 35.41
CA GLN F 113 -43.75 38.74 34.61
C GLN F 113 -44.69 39.74 35.29
N PRO F 114 -45.60 40.35 34.54
CA PRO F 114 -46.53 41.31 35.16
C PRO F 114 -47.37 40.66 36.24
N LYS F 115 -47.44 41.31 37.39
CA LYS F 115 -48.26 40.84 38.49
C LYS F 115 -49.72 41.21 38.23
N ALA F 116 -50.60 40.21 38.23
CA ALA F 116 -52.01 40.40 37.95
C ALA F 116 -52.84 39.99 39.14
N ALA F 117 -53.89 40.78 39.44
CA ALA F 117 -54.82 40.52 40.52
C ALA F 117 -55.94 39.58 40.06
N PRO F 118 -56.44 38.71 40.94
CA PRO F 118 -57.45 37.74 40.52
C PRO F 118 -58.79 38.36 40.17
N SER F 119 -59.76 37.52 39.84
CA SER F 119 -61.12 37.95 39.51
C SER F 119 -62.08 36.91 40.10
N VAL F 120 -62.48 37.13 41.34
CA VAL F 120 -63.36 36.20 42.04
C VAL F 120 -64.80 36.40 41.57
N THR F 121 -65.49 35.30 41.31
CA THR F 121 -66.90 35.33 40.93
C THR F 121 -67.59 34.17 41.66
N LEU F 122 -68.39 34.50 42.67
CA LEU F 122 -69.06 33.51 43.49
C LEU F 122 -70.51 33.37 43.05
N PHE F 123 -70.94 32.13 42.77
CA PHE F 123 -72.29 31.85 42.37
C PHE F 123 -73.04 31.10 43.47
N PRO F 124 -74.31 31.44 43.70
CA PRO F 124 -75.12 30.69 44.66
C PRO F 124 -75.47 29.32 44.11
N PRO F 125 -75.98 28.41 44.93
CA PRO F 125 -76.38 27.09 44.42
C PRO F 125 -77.50 27.21 43.40
N SER F 126 -77.56 26.23 42.51
CA SER F 126 -78.59 26.19 41.48
C SER F 126 -79.92 25.73 42.08
N SER F 127 -81.01 26.15 41.43
CA SER F 127 -82.33 25.75 41.90
C SER F 127 -82.62 24.29 41.60
N GLU F 128 -82.02 23.75 40.53
CA GLU F 128 -82.24 22.34 40.20
C GLU F 128 -81.58 21.42 41.22
N GLU F 129 -80.37 21.76 41.66
CA GLU F 129 -79.70 20.93 42.65
C GLU F 129 -80.25 21.16 44.06
N LEU F 130 -80.65 22.39 44.38
CA LEU F 130 -81.37 22.62 45.62
C LEU F 130 -82.67 21.81 45.65
N GLN F 131 -83.31 21.66 44.50
CA GLN F 131 -84.44 20.76 44.38
C GLN F 131 -84.00 19.31 44.38
N ALA F 132 -82.75 19.03 44.00
CA ALA F 132 -82.18 17.70 44.06
C ALA F 132 -81.53 17.39 45.41
N ASN F 133 -81.79 18.20 46.43
CA ASN F 133 -81.38 17.94 47.81
C ASN F 133 -79.86 18.00 47.96
N LYS F 134 -79.23 19.02 47.34
CA LYS F 134 -77.79 19.23 47.45
C LYS F 134 -77.48 20.67 47.09
N ALA F 135 -76.43 21.22 47.71
CA ALA F 135 -76.00 22.59 47.47
C ALA F 135 -74.52 22.62 47.14
N THR F 136 -74.12 23.63 46.37
CA THR F 136 -72.73 23.75 45.93
C THR F 136 -72.42 25.20 45.63
N LEU F 137 -71.45 25.77 46.33
CA LEU F 137 -70.94 27.10 46.04
C LEU F 137 -69.70 26.99 45.16
N VAL F 138 -69.62 27.84 44.15
CA VAL F 138 -68.56 27.78 43.14
C VAL F 138 -67.85 29.13 43.13
N CYS F 139 -66.69 29.19 43.78
CA CYS F 139 -65.89 30.42 43.85
C CYS F 139 -64.84 30.35 42.74
N LEU F 140 -65.13 31.01 41.62
CA LEU F 140 -64.28 30.94 40.44
C LEU F 140 -63.24 32.06 40.46
N ILE F 141 -61.97 31.68 40.32
CA ILE F 141 -60.85 32.61 40.33
C ILE F 141 -60.10 32.48 39.02
N SER F 142 -59.65 33.62 38.49
CA SER F 142 -58.96 33.59 37.20
C SER F 142 -58.17 34.88 37.01
N ASP F 143 -57.21 34.82 36.08
CA ASP F 143 -56.44 35.99 35.63
C ASP F 143 -55.62 36.61 36.75
N PHE F 144 -54.93 35.76 37.50
CA PHE F 144 -54.02 36.20 38.55
C PHE F 144 -52.61 35.70 38.27
N TYR F 145 -51.62 36.45 38.77
CA TYR F 145 -50.22 36.07 38.65
C TYR F 145 -49.46 36.67 39.82
N PRO F 146 -48.53 35.94 40.44
CA PRO F 146 -48.20 34.53 40.14
C PRO F 146 -49.25 33.54 40.61
N GLY F 147 -49.38 32.43 39.88
CA GLY F 147 -50.42 31.45 40.14
C GLY F 147 -50.29 30.72 41.47
N ALA F 148 -50.72 31.38 42.55
CA ALA F 148 -50.71 30.76 43.88
C ALA F 148 -51.68 31.56 44.75
N VAL F 149 -52.81 30.96 45.09
CA VAL F 149 -53.85 31.64 45.85
C VAL F 149 -54.24 30.78 47.04
N THR F 150 -54.74 31.44 48.09
CA THR F 150 -55.25 30.77 49.28
C THR F 150 -56.74 31.07 49.40
N VAL F 151 -57.55 30.03 49.52
CA VAL F 151 -59.00 30.14 49.57
C VAL F 151 -59.46 29.90 51.00
N ALA F 152 -60.34 30.77 51.50
CA ALA F 152 -60.93 30.63 52.82
C ALA F 152 -62.42 30.91 52.73
N TRP F 153 -63.23 30.00 53.27
CA TRP F 153 -64.67 30.12 53.26
C TRP F 153 -65.17 30.52 54.65
N LYS F 154 -66.16 31.40 54.69
CA LYS F 154 -66.76 31.88 55.93
C LYS F 154 -68.26 31.70 55.87
N ALA F 155 -68.82 31.05 56.89
CA ALA F 155 -70.27 30.96 57.06
C ALA F 155 -70.70 32.13 57.93
N ASP F 156 -71.43 33.08 57.34
CA ASP F 156 -71.76 34.34 57.99
C ASP F 156 -70.49 35.07 58.43
N SER F 157 -69.85 34.58 59.48
CA SER F 157 -68.59 35.16 59.94
C SER F 157 -67.60 34.12 60.46
N SER F 158 -67.99 32.84 60.52
CA SER F 158 -67.17 31.77 61.07
C SER F 158 -66.51 30.96 59.95
N PRO F 159 -65.26 30.55 60.14
CA PRO F 159 -64.60 29.72 59.11
C PRO F 159 -65.29 28.37 58.96
N VAL F 160 -65.16 27.79 57.77
CA VAL F 160 -65.87 26.57 57.42
C VAL F 160 -64.92 25.38 57.41
N LYS F 161 -64.01 25.36 56.43
CA LYS F 161 -62.97 24.34 56.30
C LYS F 161 -63.52 22.96 55.93
N ALA F 162 -64.70 22.62 56.44
CA ALA F 162 -65.25 21.28 56.23
C ALA F 162 -66.01 21.23 54.91
N GLY F 163 -65.57 20.36 54.01
CA GLY F 163 -66.29 20.10 52.79
C GLY F 163 -65.91 20.92 51.58
N VAL F 164 -64.74 21.58 51.60
CA VAL F 164 -64.31 22.45 50.53
C VAL F 164 -63.22 21.76 49.72
N GLU F 165 -63.38 21.76 48.40
CA GLU F 165 -62.36 21.30 47.46
C GLU F 165 -61.86 22.49 46.66
N THR F 166 -60.56 22.47 46.34
CA THR F 166 -59.92 23.61 45.71
C THR F 166 -59.03 23.16 44.56
N THR F 167 -59.08 23.91 43.47
CA THR F 167 -58.25 23.62 42.30
C THR F 167 -56.81 24.04 42.55
N THR F 168 -55.88 23.26 42.02
CA THR F 168 -54.48 23.70 41.97
C THR F 168 -54.32 24.69 40.83
N PRO F 169 -53.67 25.84 41.08
CA PRO F 169 -53.66 26.92 40.07
C PRO F 169 -53.11 26.52 38.72
N SER F 170 -53.99 26.15 37.79
CA SER F 170 -53.59 25.85 36.44
C SER F 170 -53.33 27.13 35.65
N LYS F 171 -52.67 26.98 34.51
CA LYS F 171 -52.29 28.11 33.67
C LYS F 171 -53.31 28.31 32.55
N GLN F 172 -53.50 29.57 32.17
CA GLN F 172 -54.47 29.95 31.16
C GLN F 172 -53.79 30.08 29.80
N SER F 173 -54.53 30.67 28.84
CA SER F 173 -53.97 30.94 27.52
C SER F 173 -53.21 32.26 27.50
N ASN F 174 -53.72 33.27 28.22
CA ASN F 174 -53.05 34.57 28.33
C ASN F 174 -51.90 34.55 29.34
N ASN F 175 -51.33 33.38 29.60
CA ASN F 175 -50.20 33.17 30.50
C ASN F 175 -50.50 33.55 31.95
N LYS F 176 -51.77 33.75 32.29
CA LYS F 176 -52.18 33.93 33.68
C LYS F 176 -52.69 32.60 34.22
N TYR F 177 -53.22 32.61 35.44
CA TYR F 177 -53.62 31.39 36.11
C TYR F 177 -55.07 31.49 36.57
N ALA F 178 -55.69 30.32 36.76
CA ALA F 178 -57.07 30.24 37.19
C ALA F 178 -57.24 29.02 38.09
N ALA F 179 -58.29 29.06 38.91
CA ALA F 179 -58.57 27.96 39.83
C ALA F 179 -60.00 28.10 40.33
N SER F 180 -60.70 26.98 40.39
CA SER F 180 -62.04 26.93 40.96
C SER F 180 -61.97 26.75 42.47
N SER F 181 -63.13 26.77 43.12
CA SER F 181 -63.19 26.55 44.56
C SER F 181 -64.62 26.15 44.91
N TYR F 182 -64.81 24.88 45.26
CA TYR F 182 -66.13 24.33 45.52
C TYR F 182 -66.37 24.15 47.01
N LEU F 183 -67.56 24.52 47.47
CA LEU F 183 -68.00 24.26 48.83
C LEU F 183 -69.36 23.58 48.75
N SER F 184 -69.40 22.28 49.08
CA SER F 184 -70.64 21.51 49.02
C SER F 184 -71.33 21.57 50.37
N LEU F 185 -72.51 22.18 50.39
CA LEU F 185 -73.32 22.34 51.59
C LEU F 185 -74.58 21.49 51.51
N THR F 186 -75.20 21.26 52.66
CA THR F 186 -76.52 20.68 52.65
C THR F 186 -77.55 21.77 52.29
N PRO F 187 -78.64 21.40 51.63
CA PRO F 187 -79.64 22.42 51.26
C PRO F 187 -80.25 23.14 52.46
N MET F 188 -80.22 22.52 53.64
CA MET F 188 -80.73 23.18 54.83
C MET F 188 -79.68 24.08 55.46
N GLN F 189 -78.40 23.66 55.43
CA GLN F 189 -77.34 24.50 55.95
C GLN F 189 -77.19 25.79 55.15
N TRP F 190 -77.48 25.73 53.84
CA TRP F 190 -77.36 26.91 53.01
C TRP F 190 -78.50 27.90 53.26
N LYS F 191 -79.65 27.40 53.71
CA LYS F 191 -80.79 28.27 53.97
C LYS F 191 -80.84 28.78 55.42
N MET F 192 -80.26 28.03 56.35
CA MET F 192 -80.26 28.44 57.75
C MET F 192 -79.23 29.50 58.07
N HIS F 193 -78.36 29.85 57.14
CA HIS F 193 -77.37 30.90 57.32
C HIS F 193 -77.76 32.15 56.56
N LYS F 194 -77.13 33.27 56.93
CA LYS F 194 -77.46 34.58 56.37
C LYS F 194 -76.58 34.97 55.18
N SER F 195 -75.31 34.60 55.19
CA SER F 195 -74.41 34.98 54.10
C SER F 195 -73.23 34.02 54.07
N TYR F 196 -72.66 33.85 52.88
CA TYR F 196 -71.47 33.03 52.68
C TYR F 196 -70.47 33.82 51.85
N SER F 197 -69.22 33.86 52.30
CA SER F 197 -68.17 34.64 51.67
C SER F 197 -67.01 33.74 51.26
N CYS F 198 -66.30 34.16 50.22
CA CYS F 198 -65.13 33.45 49.70
C CYS F 198 -63.94 34.39 49.76
N GLN F 199 -63.11 34.23 50.79
CA GLN F 199 -61.90 35.04 50.94
C GLN F 199 -60.78 34.40 50.12
N VAL F 200 -60.36 35.07 49.06
CA VAL F 200 -59.26 34.62 48.22
C VAL F 200 -58.09 35.57 48.44
N THR F 201 -57.11 35.11 49.21
CA THR F 201 -55.92 35.91 49.54
C THR F 201 -54.83 35.58 48.54
N HIS F 202 -54.68 36.40 47.52
CA HIS F 202 -53.67 36.22 46.49
C HIS F 202 -52.51 37.17 46.72
N GLU F 203 -51.30 36.61 46.77
CA GLU F 203 -50.07 37.38 46.91
C GLU F 203 -50.10 38.29 48.13
N GLY F 204 -50.39 39.57 47.91
CA GLY F 204 -50.35 40.55 48.98
C GLY F 204 -51.56 40.51 49.90
N SER F 205 -52.72 40.91 49.39
CA SER F 205 -53.91 41.07 50.20
C SER F 205 -55.08 40.30 49.57
N THR F 206 -56.17 40.22 50.31
CA THR F 206 -57.28 39.33 49.99
C THR F 206 -58.40 40.06 49.27
N VAL F 207 -59.21 39.28 48.56
CA VAL F 207 -60.41 39.77 47.87
C VAL F 207 -61.58 38.90 48.33
N GLU F 208 -62.72 39.54 48.60
CA GLU F 208 -63.89 38.86 49.16
C GLU F 208 -65.08 39.00 48.23
N LYS F 209 -65.84 37.92 48.09
CA LYS F 209 -67.09 37.89 47.34
C LYS F 209 -68.14 37.19 48.19
N THR F 210 -69.28 37.83 48.39
CA THR F 210 -70.31 37.32 49.29
C THR F 210 -71.58 36.99 48.51
N VAL F 211 -72.33 36.03 49.04
CA VAL F 211 -73.58 35.56 48.43
C VAL F 211 -74.55 35.18 49.55
N ALA F 212 -75.78 35.67 49.44
CA ALA F 212 -76.83 35.43 50.42
C ALA F 212 -78.00 34.68 49.80
N PRO F 213 -78.77 33.93 50.62
CA PRO F 213 -79.93 33.17 50.09
C PRO F 213 -81.21 34.00 49.99
N THR F 214 -81.27 34.85 48.97
CA THR F 214 -82.45 35.66 48.72
C THR F 214 -82.77 35.70 47.23
N GLN G 1 21.93 -33.49 5.80
CA GLN G 1 20.97 -34.53 6.14
C GLN G 1 19.54 -34.02 5.98
N VAL G 2 19.16 -33.73 4.74
CA VAL G 2 17.81 -33.25 4.45
C VAL G 2 16.85 -34.43 4.42
N GLN G 3 15.77 -34.34 5.20
CA GLN G 3 14.82 -35.43 5.31
C GLN G 3 13.42 -34.84 5.46
N LEU G 4 12.50 -35.29 4.61
CA LEU G 4 11.12 -34.84 4.62
C LEU G 4 10.22 -35.99 5.05
N VAL G 5 9.42 -35.75 6.09
CA VAL G 5 8.53 -36.76 6.66
C VAL G 5 7.10 -36.29 6.48
N GLN G 6 6.28 -37.13 5.85
CA GLN G 6 4.88 -36.82 5.58
C GLN G 6 3.98 -37.63 6.53
N SER G 7 2.68 -37.51 6.32
CA SER G 7 1.68 -38.20 7.12
C SER G 7 1.21 -39.46 6.42
N GLY G 8 0.39 -40.24 7.15
CA GLY G 8 -0.09 -41.49 6.62
C GLY G 8 -1.12 -41.32 5.53
N GLY G 9 -1.41 -42.44 4.85
CA GLY G 9 -2.37 -42.43 3.77
C GLY G 9 -3.80 -42.29 4.27
N GLN G 10 -4.65 -41.76 3.39
CA GLN G 10 -6.04 -41.48 3.71
C GLN G 10 -6.95 -42.00 2.59
N MET G 11 -8.12 -42.51 2.97
CA MET G 11 -9.14 -42.93 2.02
C MET G 11 -10.33 -41.98 2.17
N LYS G 12 -10.58 -41.18 1.15
CA LYS G 12 -11.62 -40.17 1.17
C LYS G 12 -12.73 -40.50 0.19
N LYS G 13 -13.81 -39.72 0.27
CA LYS G 13 -14.96 -39.82 -0.60
C LYS G 13 -15.19 -38.51 -1.33
N PRO G 14 -15.83 -38.54 -2.50
CA PRO G 14 -16.06 -37.29 -3.24
C PRO G 14 -16.89 -36.31 -2.42
N GLY G 15 -16.44 -35.06 -2.39
CA GLY G 15 -17.07 -33.99 -1.65
C GLY G 15 -16.36 -33.61 -0.37
N GLU G 16 -15.58 -34.53 0.19
CA GLU G 16 -14.85 -34.28 1.43
C GLU G 16 -13.57 -33.51 1.11
N SER G 17 -12.69 -33.38 2.12
CA SER G 17 -11.43 -32.69 1.96
C SER G 17 -10.33 -33.51 2.63
N MET G 18 -9.08 -33.09 2.38
CA MET G 18 -7.92 -33.77 2.92
C MET G 18 -6.99 -32.76 3.57
N ARG G 19 -6.12 -33.26 4.45
CA ARG G 19 -5.10 -32.44 5.09
C ARG G 19 -3.90 -33.33 5.36
N ILE G 20 -2.79 -33.04 4.69
CA ILE G 20 -1.56 -33.81 4.82
C ILE G 20 -0.43 -32.88 5.25
N SER G 21 0.53 -33.43 5.97
CA SER G 21 1.64 -32.67 6.52
C SER G 21 2.94 -33.05 5.84
N CYS G 22 4.01 -32.32 6.19
CA CYS G 22 5.33 -32.55 5.60
C CYS G 22 6.36 -31.86 6.52
N ARG G 23 6.83 -32.60 7.51
CA ARG G 23 7.79 -32.08 8.48
C ARG G 23 9.20 -32.23 7.93
N ALA G 24 9.87 -31.10 7.70
CA ALA G 24 11.24 -31.07 7.23
C ALA G 24 12.20 -30.91 8.40
N SER G 25 13.44 -31.37 8.19
CA SER G 25 14.46 -31.29 9.22
C SER G 25 15.82 -31.42 8.58
N GLY G 26 16.79 -30.67 9.10
CA GLY G 26 18.15 -30.70 8.59
C GLY G 26 18.58 -29.47 7.81
N TYR G 27 17.75 -28.44 7.74
CA TYR G 27 18.07 -27.23 7.01
C TYR G 27 17.15 -26.11 7.47
N GLU G 28 17.56 -24.87 7.20
CA GLU G 28 16.75 -23.72 7.57
C GLU G 28 15.44 -23.72 6.81
N PHE G 29 14.33 -23.86 7.55
CA PHE G 29 13.03 -24.03 6.93
C PHE G 29 12.61 -22.79 6.16
N ILE G 30 12.83 -21.59 6.74
CA ILE G 30 12.37 -20.36 6.11
C ILE G 30 13.22 -19.91 4.94
N ASP G 31 14.34 -20.61 4.67
CA ASP G 31 15.22 -20.21 3.58
C ASP G 31 14.93 -20.94 2.28
N CYS G 32 14.39 -22.15 2.33
CA CYS G 32 14.15 -22.98 1.17
C CYS G 32 12.66 -23.10 0.90
N THR G 33 12.30 -23.10 -0.38
CA THR G 33 10.90 -23.20 -0.80
C THR G 33 10.50 -24.66 -0.92
N LEU G 34 9.28 -24.97 -0.50
CA LEU G 34 8.72 -26.31 -0.58
C LEU G 34 7.65 -26.37 -1.66
N ASN G 35 7.44 -27.56 -2.21
CA ASN G 35 6.47 -27.78 -3.27
C ASN G 35 5.56 -28.95 -2.89
N TRP G 36 4.55 -29.18 -3.72
CA TRP G 36 3.65 -30.30 -3.57
C TRP G 36 3.38 -30.91 -4.95
N ILE G 37 3.73 -32.18 -5.12
CA ILE G 37 3.60 -32.88 -6.39
C ILE G 37 2.73 -34.10 -6.18
N ARG G 38 1.71 -34.25 -7.01
CA ARG G 38 0.87 -35.45 -7.03
C ARG G 38 1.27 -36.33 -8.21
N LEU G 39 1.17 -37.65 -8.00
CA LEU G 39 1.58 -38.63 -9.00
C LEU G 39 0.50 -39.69 -9.11
N ALA G 40 -0.28 -39.63 -10.21
CA ALA G 40 -1.32 -40.60 -10.51
C ALA G 40 -0.87 -41.55 -11.59
N PRO G 41 -1.24 -42.83 -11.50
CA PRO G 41 -0.82 -43.80 -12.52
C PRO G 41 -1.38 -43.45 -13.89
N GLY G 42 -0.53 -43.51 -14.90
CA GLY G 42 -0.94 -43.21 -16.25
C GLY G 42 -1.14 -41.74 -16.56
N LYS G 43 -0.59 -40.85 -15.73
CA LYS G 43 -0.72 -39.42 -15.94
C LYS G 43 0.63 -38.75 -15.74
N ARG G 44 0.69 -37.46 -16.08
CA ARG G 44 1.90 -36.68 -15.85
C ARG G 44 1.98 -36.27 -14.38
N PRO G 45 3.19 -36.21 -13.83
CA PRO G 45 3.35 -35.64 -12.47
C PRO G 45 2.92 -34.19 -12.46
N GLU G 46 1.90 -33.90 -11.65
CA GLU G 46 1.30 -32.57 -11.61
C GLU G 46 1.86 -31.77 -10.44
N TRP G 47 2.33 -30.56 -10.73
CA TRP G 47 2.83 -29.64 -9.72
C TRP G 47 1.66 -28.82 -9.18
N MET G 48 1.42 -28.93 -7.87
CA MET G 48 0.29 -28.25 -7.24
C MET G 48 0.60 -26.80 -6.89
N GLY G 49 1.77 -26.54 -6.32
CA GLY G 49 2.14 -25.20 -5.94
C GLY G 49 3.27 -25.20 -4.94
N TRP G 50 4.00 -24.07 -4.91
CA TRP G 50 5.08 -23.90 -3.97
C TRP G 50 4.67 -22.94 -2.86
N LEU G 51 5.35 -23.08 -1.71
CA LEU G 51 5.11 -22.24 -0.55
C LEU G 51 6.44 -21.85 0.06
N LYS G 52 6.63 -20.54 0.29
CA LYS G 52 7.83 -20.04 0.94
C LYS G 52 7.52 -19.76 2.40
N PRO G 53 8.16 -20.46 3.34
CA PRO G 53 7.86 -20.22 4.76
C PRO G 53 8.13 -18.79 5.23
N ARG G 54 8.95 -18.04 4.50
CA ARG G 54 9.15 -16.63 4.80
C ARG G 54 7.88 -15.85 4.54
N GLY G 55 7.02 -15.74 5.55
CA GLY G 55 5.74 -15.08 5.39
C GLY G 55 4.63 -15.94 4.84
N GLY G 56 4.91 -17.19 4.46
CA GLY G 56 3.88 -18.05 3.94
C GLY G 56 3.42 -17.75 2.54
N ALA G 57 4.17 -16.93 1.79
CA ALA G 57 3.79 -16.62 0.42
C ALA G 57 3.66 -17.89 -0.41
N VAL G 58 2.54 -18.01 -1.12
CA VAL G 58 2.19 -19.23 -1.82
C VAL G 58 1.78 -18.90 -3.25
N ASN G 59 1.92 -19.89 -4.13
CA ASN G 59 1.52 -19.76 -5.53
C ASN G 59 0.91 -21.09 -5.95
N TYR G 60 -0.39 -21.08 -6.25
CA TYR G 60 -1.10 -22.28 -6.62
C TYR G 60 -1.10 -22.47 -8.13
N ALA G 61 -1.16 -23.73 -8.56
CA ALA G 61 -1.33 -24.03 -9.97
C ALA G 61 -2.76 -23.72 -10.40
N ARG G 62 -2.91 -23.34 -11.67
CA ARG G 62 -4.22 -22.93 -12.17
C ARG G 62 -5.29 -24.02 -12.05
N PRO G 63 -5.06 -25.27 -12.46
CA PRO G 63 -6.14 -26.27 -12.36
C PRO G 63 -6.57 -26.58 -10.94
N LEU G 64 -5.90 -26.02 -9.93
CA LEU G 64 -6.24 -26.29 -8.54
C LEU G 64 -6.65 -25.05 -7.75
N GLN G 65 -6.59 -23.86 -8.35
CA GLN G 65 -6.95 -22.65 -7.63
C GLN G 65 -8.41 -22.71 -7.18
N GLY G 66 -8.66 -22.28 -5.94
CA GLY G 66 -9.96 -22.38 -5.33
C GLY G 66 -10.19 -23.66 -4.56
N ARG G 67 -9.43 -24.71 -4.84
CA ARG G 67 -9.55 -25.98 -4.15
C ARG G 67 -8.31 -26.35 -3.34
N VAL G 68 -7.17 -25.72 -3.60
CA VAL G 68 -5.91 -26.05 -2.94
C VAL G 68 -5.57 -24.93 -1.97
N THR G 69 -4.97 -25.30 -0.83
CA THR G 69 -4.54 -24.34 0.17
C THR G 69 -3.33 -24.91 0.90
N MET G 70 -2.27 -24.12 0.98
CA MET G 70 -1.01 -24.53 1.60
C MET G 70 -0.65 -23.56 2.70
N THR G 71 -0.34 -24.09 3.88
CA THR G 71 0.06 -23.30 5.04
C THR G 71 1.35 -23.88 5.63
N ARG G 72 1.79 -23.31 6.75
CA ARG G 72 2.98 -23.78 7.44
C ARG G 72 2.80 -23.58 8.93
N GLN G 73 3.69 -24.23 9.71
CA GLN G 73 3.65 -24.13 11.17
C GLN G 73 5.04 -24.47 11.71
N LEU G 74 5.92 -23.47 11.71
CA LEU G 74 7.27 -23.63 12.22
C LEU G 74 7.27 -23.45 13.73
N SER G 75 8.02 -24.32 14.42
CA SER G 75 8.10 -24.26 15.87
C SER G 75 8.87 -23.02 16.32
N GLN G 76 8.48 -22.50 17.47
CA GLN G 76 9.05 -21.27 18.01
C GLN G 76 9.92 -21.52 19.24
N ASP G 77 10.62 -22.65 19.28
CA ASP G 77 11.44 -23.04 20.43
C ASP G 77 12.89 -23.21 20.01
N PRO G 78 13.78 -22.27 20.35
CA PRO G 78 15.18 -22.39 19.93
C PRO G 78 15.97 -23.48 20.67
N ASP G 79 15.73 -24.72 20.28
CA ASP G 79 16.55 -25.86 20.71
C ASP G 79 16.58 -26.85 19.57
N ASP G 80 15.39 -27.13 19.03
CA ASP G 80 15.21 -27.73 17.70
C ASP G 80 14.43 -26.69 16.90
N PRO G 81 15.10 -25.64 16.40
CA PRO G 81 14.38 -24.59 15.68
C PRO G 81 14.55 -24.71 14.18
N ASP G 82 14.99 -25.88 13.72
CA ASP G 82 15.31 -26.09 12.31
C ASP G 82 14.31 -27.02 11.66
N TRP G 83 13.02 -26.71 11.77
CA TRP G 83 11.99 -27.62 11.28
C TRP G 83 10.67 -26.87 11.15
N GLY G 84 9.98 -27.12 10.04
CA GLY G 84 8.62 -26.64 9.85
C GLY G 84 7.74 -27.77 9.33
N THR G 85 6.44 -27.48 9.29
CA THR G 85 5.45 -28.46 8.85
C THR G 85 4.57 -27.80 7.79
N ALA G 86 4.79 -28.17 6.53
CA ALA G 86 3.98 -27.66 5.43
C ALA G 86 2.71 -28.48 5.31
N PHE G 87 1.56 -27.83 5.41
CA PHE G 87 0.27 -28.48 5.33
C PHE G 87 -0.35 -28.25 3.95
N LEU G 88 -1.06 -29.26 3.45
CA LEU G 88 -1.72 -29.20 2.16
C LEU G 88 -3.17 -29.60 2.33
N GLU G 89 -4.09 -28.77 1.82
CA GLU G 89 -5.52 -29.03 1.93
C GLU G 89 -6.15 -28.94 0.54
N LEU G 90 -6.89 -29.97 0.17
CA LEU G 90 -7.59 -30.03 -1.12
C LEU G 90 -9.05 -30.34 -0.85
N ARG G 91 -9.92 -29.39 -1.18
CA ARG G 91 -11.35 -29.51 -0.92
C ARG G 91 -12.09 -29.92 -2.19
N SER G 92 -13.35 -30.31 -2.00
CA SER G 92 -14.23 -30.77 -3.09
C SER G 92 -13.53 -31.86 -3.92
N LEU G 93 -13.19 -32.95 -3.24
CA LEU G 93 -12.42 -34.01 -3.86
C LEU G 93 -13.24 -34.74 -4.92
N THR G 94 -12.57 -35.15 -5.98
CA THR G 94 -13.13 -35.98 -7.04
C THR G 94 -12.31 -37.26 -7.15
N VAL G 95 -12.85 -38.22 -7.90
CA VAL G 95 -12.14 -39.48 -8.12
C VAL G 95 -10.86 -39.27 -8.91
N ASP G 96 -10.74 -38.13 -9.61
CA ASP G 96 -9.52 -37.83 -10.34
C ASP G 96 -8.39 -37.39 -9.43
N ASP G 97 -8.69 -37.03 -8.18
CA ASP G 97 -7.66 -36.61 -7.23
C ASP G 97 -6.97 -37.78 -6.55
N THR G 98 -7.30 -39.01 -6.93
CA THR G 98 -6.68 -40.20 -6.34
C THR G 98 -5.27 -40.35 -6.91
N ALA G 99 -4.27 -40.18 -6.05
CA ALA G 99 -2.87 -40.27 -6.44
C ALA G 99 -2.03 -40.37 -5.16
N VAL G 100 -0.72 -40.25 -5.31
CA VAL G 100 0.21 -40.22 -4.18
C VAL G 100 0.83 -38.84 -4.14
N TYR G 101 0.59 -38.11 -3.06
CA TYR G 101 1.01 -36.72 -2.94
C TYR G 101 2.37 -36.64 -2.25
N PHE G 102 3.31 -35.94 -2.89
CA PHE G 102 4.65 -35.76 -2.36
C PHE G 102 4.90 -34.28 -2.06
N CYS G 103 5.85 -34.04 -1.16
CA CYS G 103 6.40 -32.70 -0.93
C CYS G 103 7.88 -32.72 -1.27
N THR G 104 8.31 -31.77 -2.09
CA THR G 104 9.66 -31.77 -2.64
C THR G 104 10.37 -30.47 -2.27
N ARG G 105 11.70 -30.51 -2.40
CA ARG G 105 12.55 -29.35 -2.20
C ARG G 105 13.70 -29.40 -3.17
N GLY G 106 14.15 -28.24 -3.62
CA GLY G 106 15.25 -28.18 -4.56
C GLY G 106 16.55 -28.66 -3.96
N LYS G 107 17.53 -28.91 -4.84
CA LYS G 107 18.85 -29.31 -4.39
C LYS G 107 19.50 -28.21 -3.55
N ASN G 108 19.22 -26.95 -3.88
CA ASN G 108 19.66 -25.81 -3.07
C ASN G 108 18.55 -24.78 -3.07
N CYS G 109 18.63 -23.85 -2.11
CA CYS G 109 17.58 -22.85 -1.95
C CYS G 109 17.66 -21.73 -2.98
N ASP G 110 18.61 -21.80 -3.92
CA ASP G 110 18.67 -20.81 -4.99
C ASP G 110 17.74 -21.21 -6.15
N TYR G 111 17.79 -22.46 -6.57
CA TYR G 111 16.95 -22.99 -7.63
C TYR G 111 15.99 -24.01 -7.04
N ASN G 112 14.69 -23.80 -7.27
CA ASN G 112 13.65 -24.57 -6.59
C ASN G 112 13.25 -25.84 -7.34
N TRP G 113 13.42 -25.87 -8.66
CA TRP G 113 12.83 -26.92 -9.48
C TRP G 113 13.76 -28.12 -9.70
N ASP G 114 14.86 -28.23 -8.94
CA ASP G 114 15.70 -29.42 -8.99
C ASP G 114 15.43 -30.27 -7.75
N PHE G 115 14.28 -30.95 -7.78
CA PHE G 115 13.79 -31.72 -6.64
C PHE G 115 14.73 -32.89 -6.32
N GLU G 116 15.70 -32.64 -5.45
CA GLU G 116 16.62 -33.70 -5.05
C GLU G 116 16.07 -34.49 -3.88
N HIS G 117 15.30 -33.86 -3.00
CA HIS G 117 14.74 -34.50 -1.83
C HIS G 117 13.24 -34.67 -1.99
N TRP G 118 12.75 -35.87 -1.72
CA TRP G 118 11.33 -36.19 -1.86
C TRP G 118 10.83 -36.85 -0.58
N GLY G 119 9.55 -36.64 -0.29
CA GLY G 119 8.92 -37.35 0.80
C GLY G 119 8.57 -38.78 0.43
N ARG G 120 8.30 -39.59 1.44
CA ARG G 120 7.97 -40.99 1.20
C ARG G 120 6.63 -41.16 0.50
N GLY G 121 5.81 -40.11 0.43
CA GLY G 121 4.55 -40.19 -0.29
C GLY G 121 3.35 -40.39 0.61
N THR G 122 2.25 -39.70 0.30
CA THR G 122 0.99 -39.81 1.04
C THR G 122 -0.09 -40.28 0.07
N PRO G 123 -0.32 -41.58 -0.03
CA PRO G 123 -1.34 -42.08 -0.96
C PRO G 123 -2.74 -41.70 -0.50
N VAL G 124 -3.55 -41.23 -1.45
CA VAL G 124 -4.93 -40.85 -1.21
C VAL G 124 -5.81 -41.57 -2.23
N ILE G 125 -6.89 -42.19 -1.75
CA ILE G 125 -7.82 -42.94 -2.59
C ILE G 125 -9.19 -42.31 -2.42
N VAL G 126 -9.71 -41.71 -3.49
CA VAL G 126 -11.04 -41.11 -3.46
C VAL G 126 -12.06 -42.06 -4.06
N VAL H 3 3.80 -28.57 -22.50
CA VAL H 3 4.88 -28.02 -23.31
C VAL H 3 6.04 -29.01 -23.36
N LEU H 4 5.90 -30.13 -22.66
CA LEU H 4 6.92 -31.16 -22.60
C LEU H 4 6.41 -32.41 -23.31
N THR H 5 7.15 -32.85 -24.33
CA THR H 5 6.84 -34.07 -25.07
C THR H 5 7.97 -35.07 -24.83
N GLN H 6 7.67 -36.12 -24.07
CA GLN H 6 8.64 -37.13 -23.70
C GLN H 6 8.36 -38.42 -24.47
N SER H 7 9.38 -38.95 -25.14
CA SER H 7 9.28 -40.15 -25.93
C SER H 7 10.56 -40.97 -25.75
N PRO H 8 10.45 -42.31 -25.81
CA PRO H 8 9.23 -43.10 -25.98
C PRO H 8 8.40 -43.23 -24.71
N GLY H 9 7.30 -43.96 -24.78
CA GLY H 9 6.47 -44.21 -23.61
C GLY H 9 6.83 -45.48 -22.90
N THR H 10 7.41 -46.43 -23.64
CA THR H 10 7.85 -47.70 -23.09
C THR H 10 9.13 -48.13 -23.82
N LEU H 11 10.03 -48.77 -23.08
CA LEU H 11 11.32 -49.19 -23.62
C LEU H 11 11.65 -50.56 -23.08
N SER H 12 11.52 -51.59 -23.92
CA SER H 12 11.79 -52.97 -23.52
C SER H 12 13.24 -53.30 -23.83
N LEU H 13 14.05 -53.50 -22.79
CA LEU H 13 15.47 -53.77 -22.94
C LEU H 13 15.89 -54.85 -21.95
N SER H 14 17.13 -55.31 -22.11
CA SER H 14 17.71 -56.34 -21.26
C SER H 14 18.89 -55.76 -20.47
N PRO H 15 19.20 -56.34 -19.29
CA PRO H 15 20.34 -55.85 -18.51
C PRO H 15 21.66 -55.96 -19.28
N GLY H 16 22.09 -54.85 -19.87
CA GLY H 16 23.31 -54.84 -20.64
C GLY H 16 23.25 -53.89 -21.82
N GLU H 17 22.04 -53.48 -22.19
CA GLU H 17 21.82 -52.59 -23.32
C GLU H 17 21.97 -51.13 -22.87
N THR H 18 21.55 -50.20 -23.73
CA THR H 18 21.62 -48.77 -23.45
C THR H 18 20.24 -48.17 -23.66
N ALA H 19 19.70 -47.53 -22.61
CA ALA H 19 18.38 -46.92 -22.65
C ALA H 19 18.55 -45.43 -22.92
N ILE H 20 18.06 -44.98 -24.07
CA ILE H 20 18.15 -43.58 -24.47
C ILE H 20 16.74 -43.04 -24.58
N ILE H 21 16.43 -42.01 -23.77
CA ILE H 21 15.10 -41.42 -23.71
C ILE H 21 15.22 -39.93 -23.94
N SER H 22 14.50 -39.41 -24.91
CA SER H 22 14.53 -37.99 -25.24
C SER H 22 13.32 -37.27 -24.66
N CYS H 23 13.34 -35.95 -24.80
CA CYS H 23 12.28 -35.10 -24.28
C CYS H 23 12.35 -33.70 -24.89
N ARG H 24 11.43 -33.39 -25.81
CA ARG H 24 11.42 -32.11 -26.49
C ARG H 24 10.68 -31.07 -25.64
N THR H 25 11.24 -29.87 -25.59
CA THR H 25 10.65 -28.77 -24.84
C THR H 25 10.47 -27.57 -25.76
N SER H 26 9.38 -26.84 -25.55
CA SER H 26 9.11 -25.64 -26.35
C SER H 26 9.96 -24.46 -25.85
N GLN H 27 9.99 -24.24 -24.55
CA GLN H 27 10.81 -23.20 -23.96
C GLN H 27 12.20 -23.74 -23.62
N TYR H 28 13.12 -22.83 -23.36
CA TYR H 28 14.49 -23.16 -22.99
C TYR H 28 14.72 -22.83 -21.53
N GLY H 29 15.26 -23.80 -20.78
CA GLY H 29 15.52 -23.62 -19.37
C GLY H 29 16.45 -24.68 -18.81
N SER H 30 16.32 -24.97 -17.53
CA SER H 30 17.17 -25.96 -16.85
C SER H 30 16.35 -27.24 -16.69
N LEU H 31 16.37 -28.07 -17.73
CA LEU H 31 15.64 -29.33 -17.70
C LEU H 31 16.41 -30.36 -16.88
N ALA H 32 15.66 -31.30 -16.30
CA ALA H 32 16.23 -32.31 -15.42
C ALA H 32 15.58 -33.66 -15.74
N TRP H 33 16.06 -34.70 -15.06
CA TRP H 33 15.56 -36.07 -15.25
C TRP H 33 15.34 -36.72 -13.89
N TYR H 34 14.41 -37.68 -13.87
CA TYR H 34 14.06 -38.40 -12.67
C TYR H 34 13.85 -39.88 -13.00
N GLN H 35 14.16 -40.73 -12.02
CA GLN H 35 13.97 -42.17 -12.14
C GLN H 35 13.09 -42.65 -11.00
N GLN H 36 12.05 -43.43 -11.31
CA GLN H 36 11.11 -43.93 -10.33
C GLN H 36 11.04 -45.45 -10.45
N ARG H 37 11.69 -46.15 -9.51
CA ARG H 37 11.58 -47.60 -9.46
C ARG H 37 10.22 -47.99 -8.87
N PRO H 38 9.72 -49.19 -9.20
CA PRO H 38 8.39 -49.59 -8.73
C PRO H 38 8.27 -49.55 -7.22
N GLY H 39 7.29 -48.79 -6.74
CA GLY H 39 7.02 -48.65 -5.32
C GLY H 39 7.75 -47.51 -4.63
N GLN H 40 9.00 -47.28 -5.01
CA GLN H 40 9.82 -46.25 -4.39
C GLN H 40 9.45 -44.87 -4.93
N ALA H 41 10.08 -43.85 -4.36
CA ALA H 41 9.89 -42.47 -4.76
C ALA H 41 10.81 -42.12 -5.93
N PRO H 42 10.44 -41.11 -6.73
CA PRO H 42 11.33 -40.69 -7.83
C PRO H 42 12.68 -40.22 -7.31
N ARG H 43 13.69 -40.35 -8.16
CA ARG H 43 15.07 -40.04 -7.80
C ARG H 43 15.67 -39.11 -8.84
N LEU H 44 16.27 -38.02 -8.40
CA LEU H 44 16.91 -37.09 -9.31
C LEU H 44 18.16 -37.72 -9.91
N VAL H 45 18.26 -37.69 -11.25
CA VAL H 45 19.37 -38.28 -11.98
C VAL H 45 20.26 -37.20 -12.60
N ILE H 46 19.71 -36.41 -13.51
CA ILE H 46 20.42 -35.32 -14.17
C ILE H 46 19.65 -34.04 -13.93
N TYR H 47 20.38 -32.94 -13.72
CA TYR H 47 19.77 -31.63 -13.56
C TYR H 47 20.56 -30.61 -14.36
N SER H 48 19.88 -29.50 -14.70
CA SER H 48 20.46 -28.41 -15.48
C SER H 48 20.94 -28.87 -16.85
N GLY H 49 20.37 -29.95 -17.36
CA GLY H 49 20.69 -30.44 -18.69
C GLY H 49 21.63 -31.62 -18.72
N SER H 50 22.86 -31.42 -18.25
CA SER H 50 23.89 -32.46 -18.34
C SER H 50 24.61 -32.76 -17.04
N THR H 51 24.39 -31.98 -15.97
CA THR H 51 25.08 -32.20 -14.72
C THR H 51 24.52 -33.42 -14.00
N ARG H 52 25.40 -34.32 -13.59
CA ARG H 52 24.99 -35.55 -12.92
C ARG H 52 24.76 -35.29 -11.44
N ALA H 53 23.75 -35.96 -10.87
CA ALA H 53 23.41 -35.79 -9.47
C ALA H 53 24.39 -36.55 -8.59
N ALA H 54 24.21 -36.40 -7.28
CA ALA H 54 25.08 -37.06 -6.31
C ALA H 54 24.68 -38.51 -6.13
N GLY H 55 25.68 -39.38 -6.02
CA GLY H 55 25.46 -40.80 -5.89
C GLY H 55 25.07 -41.52 -7.16
N ILE H 56 24.96 -40.81 -8.28
CA ILE H 56 24.58 -41.41 -9.55
C ILE H 56 25.82 -41.96 -10.24
N PRO H 57 25.79 -43.19 -10.74
CA PRO H 57 26.95 -43.73 -11.45
C PRO H 57 27.23 -42.95 -12.73
N ASP H 58 28.47 -43.07 -13.21
CA ASP H 58 28.88 -42.36 -14.42
C ASP H 58 28.27 -42.94 -15.68
N ARG H 59 27.58 -44.08 -15.59
CA ARG H 59 26.88 -44.61 -16.76
C ARG H 59 25.77 -43.67 -17.21
N PHE H 60 25.06 -43.06 -16.26
CA PHE H 60 24.04 -42.08 -16.59
C PHE H 60 24.69 -40.82 -17.15
N SER H 61 24.19 -40.36 -18.29
CA SER H 61 24.74 -39.17 -18.93
C SER H 61 23.65 -38.49 -19.73
N GLY H 62 23.72 -37.17 -19.78
CA GLY H 62 22.74 -36.39 -20.51
C GLY H 62 23.41 -35.41 -21.47
N SER H 63 22.79 -35.23 -22.63
CA SER H 63 23.30 -34.34 -23.65
C SER H 63 22.17 -33.43 -24.14
N ARG H 64 22.56 -32.29 -24.70
CA ARG H 64 21.61 -31.29 -25.15
C ARG H 64 22.05 -30.70 -26.48
N TRP H 65 21.10 -30.55 -27.40
CA TRP H 65 21.35 -29.87 -28.67
C TRP H 65 20.07 -29.14 -29.05
N GLY H 66 20.03 -27.84 -28.79
CA GLY H 66 18.86 -27.04 -29.06
C GLY H 66 17.72 -27.37 -28.11
N PRO H 67 16.50 -27.45 -28.64
CA PRO H 67 15.34 -27.77 -27.81
C PRO H 67 15.19 -29.25 -27.45
N ASP H 68 16.17 -30.09 -27.77
CA ASP H 68 16.08 -31.52 -27.56
C ASP H 68 17.05 -31.94 -26.46
N TYR H 69 16.53 -32.61 -25.44
CA TYR H 69 17.32 -33.11 -24.32
C TYR H 69 17.26 -34.62 -24.31
N ASN H 70 18.42 -35.27 -24.24
CA ASN H 70 18.52 -36.72 -24.27
C ASN H 70 19.15 -37.23 -22.98
N LEU H 71 18.74 -38.43 -22.59
CA LEU H 71 19.30 -39.12 -21.44
C LEU H 71 19.63 -40.55 -21.84
N THR H 72 20.86 -40.98 -21.57
CA THR H 72 21.32 -42.30 -21.97
C THR H 72 22.01 -42.99 -20.81
N ILE H 73 21.71 -44.28 -20.63
CA ILE H 73 22.36 -45.12 -19.64
C ILE H 73 23.35 -46.03 -20.35
N SER H 74 24.60 -45.99 -19.93
CA SER H 74 25.66 -46.70 -20.66
C SER H 74 25.54 -48.21 -20.51
N ASN H 75 25.00 -48.69 -19.39
CA ASN H 75 24.90 -50.13 -19.17
C ASN H 75 23.77 -50.39 -18.20
N LEU H 76 22.70 -51.01 -18.69
CA LEU H 76 21.52 -51.28 -17.86
C LEU H 76 21.78 -52.46 -16.93
N GLU H 77 21.31 -52.33 -15.70
CA GLU H 77 21.35 -53.39 -14.70
C GLU H 77 19.92 -53.70 -14.26
N SER H 78 19.79 -54.66 -13.35
CA SER H 78 18.47 -55.06 -12.86
C SER H 78 17.81 -53.99 -12.00
N GLY H 79 18.56 -52.98 -11.56
CA GLY H 79 18.00 -51.93 -10.72
C GLY H 79 17.65 -50.67 -11.49
N ASP H 80 18.25 -50.49 -12.67
CA ASP H 80 17.99 -49.32 -13.50
C ASP H 80 16.66 -49.40 -14.24
N PHE H 81 15.88 -50.47 -14.04
CA PHE H 81 14.62 -50.64 -14.74
C PHE H 81 13.52 -49.89 -13.98
N GLY H 82 12.97 -48.87 -14.61
CA GLY H 82 11.90 -48.10 -14.01
C GLY H 82 11.34 -47.12 -15.02
N VAL H 83 10.56 -46.16 -14.51
CA VAL H 83 9.96 -45.12 -15.33
C VAL H 83 10.75 -43.84 -15.15
N TYR H 84 11.09 -43.19 -16.27
CA TYR H 84 11.91 -41.99 -16.27
C TYR H 84 11.08 -40.79 -16.71
N TYR H 85 11.29 -39.66 -16.05
CA TYR H 85 10.56 -38.43 -16.35
C TYR H 85 11.54 -37.30 -16.59
N CYS H 86 11.22 -36.43 -17.54
CA CYS H 86 11.93 -35.17 -17.73
C CYS H 86 11.14 -34.04 -17.09
N GLN H 87 11.85 -32.96 -16.75
CA GLN H 87 11.24 -31.87 -16.00
C GLN H 87 11.91 -30.55 -16.33
N GLN H 88 11.08 -29.55 -16.66
CA GLN H 88 11.49 -28.16 -16.74
C GLN H 88 10.48 -27.30 -15.98
N TYR H 89 10.98 -26.45 -15.09
CA TYR H 89 10.15 -25.61 -14.23
C TYR H 89 9.24 -26.54 -13.42
N GLU H 90 7.93 -26.49 -13.58
CA GLU H 90 7.00 -27.31 -12.81
C GLU H 90 6.37 -28.42 -13.64
N PHE H 91 6.70 -28.51 -14.92
CA PHE H 91 6.09 -29.50 -15.80
C PHE H 91 6.95 -30.75 -15.86
N PHE H 92 6.30 -31.88 -16.11
CA PHE H 92 6.96 -33.17 -16.21
C PHE H 92 6.49 -33.89 -17.46
N GLY H 93 7.25 -34.94 -17.84
CA GLY H 93 6.85 -35.78 -18.95
C GLY H 93 5.93 -36.91 -18.52
N GLN H 94 5.35 -37.57 -19.52
CA GLN H 94 4.40 -38.65 -19.24
C GLN H 94 5.08 -39.89 -18.69
N GLY H 95 6.37 -40.04 -18.89
CA GLY H 95 7.11 -41.16 -18.33
C GLY H 95 7.55 -42.15 -19.42
N THR H 96 8.56 -42.93 -19.07
CA THR H 96 9.08 -43.96 -19.96
C THR H 96 9.54 -45.13 -19.09
N LYS H 97 8.67 -46.13 -18.95
CA LYS H 97 8.97 -47.29 -18.11
C LYS H 97 9.85 -48.27 -18.89
N VAL H 98 11.08 -48.45 -18.43
CA VAL H 98 11.97 -49.45 -18.99
C VAL H 98 11.85 -50.72 -18.16
N GLN H 99 11.84 -51.87 -18.82
CA GLN H 99 11.58 -53.13 -18.14
C GLN H 99 12.36 -54.28 -18.79
#